data_6BWC
#
_entry.id   6BWC
#
_cell.length_a   92.524
_cell.length_b   141.876
_cell.length_c   93.244
_cell.angle_alpha   90.00
_cell.angle_beta   111.66
_cell.angle_gamma   90.00
#
_symmetry.space_group_name_H-M   'P 1 21 1'
#
loop_
_entity.id
_entity.type
_entity.pdbx_description
1 polymer 'Polysaccharide biosynthesis protein CapD'
2 non-polymer 'NADP NICOTINAMIDE-ADENINE-DINUCLEOTIDE PHOSPHATE'
3 non-polymer URIDINE-DIPHOSPHATE-N-ACETYLGLUCOSAMINE
4 non-polymer 'SULFATE ION'
5 water water
#
_entity_poly.entity_id   1
_entity_poly.type   'polypeptide(L)'
_entity_poly.pdbx_seq_one_letter_code
;GHMFFKDKNVLIIGGTGTIGKSILSNVLQEKPKVVRVFSRSEYNQFLLQEEFRDKNRNIRYLIGDIRNYDRVFSAMENID
YVFHVAAMKHVSFCEYNPFEAVLTNIFGTQNVIKAAIAQKVKKVVFTSSNAAISPTNNYGATKLTAERLITSAEYSKGSS
ETTFTSVRFGNVMGSRGSVIPLFENQIKENQKITVTDLSMSRFMMTLNQATMLTIEAMKIAKGGETFILKMPVISLNDLS
EVMIEEVTKLYGLSKENIKIEEIGLKPGEKMYEELMTHDESLQAFELPDMFIIPSPLKKGTQYENAKRAKAGFYRSDNQN
AISKEELRNLILNQQLLTGGEKI
;
_entity_poly.pdbx_strand_id   A,B,C,D,E,F
#
# COMPACT_ATOMS: atom_id res chain seq x y z
N MET A 3 -41.08 -5.26 13.97
CA MET A 3 -40.62 -6.67 14.29
C MET A 3 -39.10 -6.92 14.03
N PHE A 4 -38.71 -7.14 12.77
CA PHE A 4 -37.35 -7.65 12.42
C PHE A 4 -36.14 -6.92 13.06
N PHE A 5 -36.04 -5.61 12.86
CA PHE A 5 -34.89 -4.84 13.34
C PHE A 5 -34.89 -4.49 14.84
N LYS A 6 -35.92 -4.86 15.61
CA LYS A 6 -36.00 -4.48 17.04
C LYS A 6 -34.77 -4.93 17.84
N ASP A 7 -34.12 -3.98 18.50
CA ASP A 7 -32.86 -4.15 19.25
C ASP A 7 -31.72 -4.92 18.52
N LYS A 8 -31.63 -4.78 17.19
CA LYS A 8 -30.49 -5.29 16.40
C LYS A 8 -29.59 -4.11 15.94
N ASN A 9 -28.41 -4.42 15.39
CA ASN A 9 -27.41 -3.38 15.03
C ASN A 9 -27.20 -3.26 13.52
N VAL A 10 -27.49 -2.07 13.00
CA VAL A 10 -27.64 -1.87 11.57
C VAL A 10 -26.63 -0.82 11.09
N LEU A 11 -26.09 -1.01 9.89
CA LEU A 11 -25.11 -0.07 9.32
C LEU A 11 -25.60 0.32 7.93
N ILE A 12 -25.73 1.63 7.68
CA ILE A 12 -26.11 2.09 6.36
C ILE A 12 -24.91 2.78 5.71
N ILE A 13 -24.21 2.03 4.86
CA ILE A 13 -23.14 2.59 4.06
C ILE A 13 -23.80 3.37 2.95
N GLY A 14 -23.64 4.70 3.02
CA GLY A 14 -24.29 5.64 2.08
C GLY A 14 -25.58 6.26 2.63
N GLY A 15 -25.64 6.38 3.95
CA GLY A 15 -26.86 6.74 4.61
C GLY A 15 -27.25 8.18 4.54
N THR A 16 -26.35 9.06 4.07
CA THR A 16 -26.71 10.49 3.92
C THR A 16 -27.57 10.75 2.69
N GLY A 17 -27.55 9.81 1.74
CA GLY A 17 -28.11 9.99 0.40
C GLY A 17 -29.59 9.78 0.29
N THR A 18 -30.08 9.83 -0.94
CA THR A 18 -31.54 9.85 -1.20
C THR A 18 -32.17 8.62 -0.49
N ILE A 19 -31.71 7.44 -0.92
CA ILE A 19 -32.24 6.15 -0.48
C ILE A 19 -31.71 5.74 0.89
N GLY A 20 -30.48 6.14 1.18
CA GLY A 20 -29.92 5.95 2.50
C GLY A 20 -30.74 6.54 3.62
N LYS A 21 -31.22 7.77 3.43
CA LYS A 21 -32.05 8.44 4.43
C LYS A 21 -33.41 7.79 4.53
N SER A 22 -33.94 7.38 3.40
CA SER A 22 -35.23 6.71 3.32
C SER A 22 -35.21 5.37 4.03
N ILE A 23 -34.15 4.60 3.83
CA ILE A 23 -33.94 3.34 4.57
C ILE A 23 -33.78 3.64 6.05
N LEU A 24 -32.96 4.65 6.35
CA LEU A 24 -32.61 5.00 7.72
C LEU A 24 -33.86 5.09 8.55
N SER A 25 -34.76 5.99 8.17
CA SER A 25 -35.93 6.24 9.00
C SER A 25 -37.02 5.15 8.95
N ASN A 26 -37.14 4.40 7.86
CA ASN A 26 -37.99 3.19 7.90
C ASN A 26 -37.45 2.23 8.93
N VAL A 27 -36.14 1.94 8.88
CA VAL A 27 -35.50 1.04 9.85
C VAL A 27 -35.71 1.51 11.29
N LEU A 28 -35.51 2.80 11.54
CA LEU A 28 -35.68 3.35 12.87
C LEU A 28 -37.07 3.14 13.45
N GLN A 29 -38.09 3.09 12.60
CA GLN A 29 -39.46 2.86 13.09
C GLN A 29 -39.58 1.53 13.83
N GLU A 30 -38.77 0.53 13.47
CA GLU A 30 -38.77 -0.76 14.18
C GLU A 30 -37.96 -0.80 15.48
N LYS A 31 -37.54 0.35 16.01
CA LYS A 31 -36.90 0.46 17.34
C LYS A 31 -35.57 -0.35 17.47
N PRO A 32 -34.66 -0.21 16.47
CA PRO A 32 -33.39 -0.95 16.51
C PRO A 32 -32.39 -0.35 17.49
N LYS A 33 -31.51 -1.20 18.00
CA LYS A 33 -30.61 -0.83 19.09
C LYS A 33 -29.71 0.31 18.68
N VAL A 34 -29.16 0.25 17.47
CA VAL A 34 -28.44 1.37 16.86
C VAL A 34 -28.45 1.28 15.34
N VAL A 35 -28.34 2.45 14.70
CA VAL A 35 -28.06 2.55 13.26
C VAL A 35 -26.81 3.42 13.07
N ARG A 36 -25.80 2.87 12.44
CA ARG A 36 -24.61 3.64 12.12
C ARG A 36 -24.73 4.16 10.68
N VAL A 37 -24.72 5.48 10.53
CA VAL A 37 -24.67 6.13 9.20
C VAL A 37 -23.19 6.32 8.82
N PHE A 38 -22.82 5.88 7.63
CA PHE A 38 -21.42 5.92 7.15
C PHE A 38 -21.41 6.66 5.80
N SER A 39 -20.69 7.76 5.75
CA SER A 39 -20.60 8.54 4.51
C SER A 39 -19.36 9.42 4.64
N ARG A 40 -18.93 10.05 3.56
CA ARG A 40 -17.66 10.81 3.64
C ARG A 40 -17.80 12.27 4.02
N SER A 41 -18.88 12.90 3.61
CA SER A 41 -18.93 14.32 3.51
C SER A 41 -19.61 14.90 4.72
N GLU A 42 -18.86 15.73 5.44
CA GLU A 42 -19.27 16.20 6.78
C GLU A 42 -20.43 17.18 6.76
N TYR A 43 -20.51 18.04 5.74
CA TYR A 43 -21.66 18.95 5.57
C TYR A 43 -23.00 18.19 5.53
N ASN A 44 -23.01 17.06 4.80
CA ASN A 44 -24.20 16.24 4.67
C ASN A 44 -24.54 15.47 5.97
N GLN A 45 -23.54 14.88 6.63
CA GLN A 45 -23.80 14.30 7.95
C GLN A 45 -24.30 15.35 8.93
N PHE A 46 -23.83 16.59 8.74
CA PHE A 46 -24.18 17.71 9.62
C PHE A 46 -25.67 18.01 9.51
N LEU A 47 -26.13 18.26 8.28
CA LEU A 47 -27.53 18.60 8.02
C LEU A 47 -28.50 17.52 8.50
N LEU A 48 -28.12 16.26 8.25
CA LEU A 48 -28.86 15.06 8.69
C LEU A 48 -28.85 14.91 10.19
N GLN A 49 -27.70 15.15 10.81
CA GLN A 49 -27.58 15.26 12.27
C GLN A 49 -28.59 16.21 12.88
N GLU A 50 -28.81 17.33 12.20
CA GLU A 50 -29.73 18.37 12.64
C GLU A 50 -31.19 18.00 12.44
N GLU A 51 -31.44 17.21 11.40
CA GLU A 51 -32.76 16.71 11.04
C GLU A 51 -33.19 15.49 11.91
N PHE A 52 -32.30 14.95 12.75
CA PHE A 52 -32.60 13.80 13.64
C PHE A 52 -32.17 14.18 15.05
N ARG A 53 -32.52 15.41 15.40
CA ARG A 53 -32.05 16.02 16.63
C ARG A 53 -32.76 15.50 17.89
N ASP A 54 -33.78 14.65 17.74
CA ASP A 54 -34.42 14.00 18.90
C ASP A 54 -34.58 12.46 18.83
N LYS A 55 -34.16 11.88 17.70
CA LYS A 55 -34.68 10.59 17.23
C LYS A 55 -33.55 9.63 16.84
N ASN A 58 -29.19 7.07 19.75
CA ASN A 58 -29.64 5.94 18.90
C ASN A 58 -29.06 5.86 17.45
N ILE A 59 -28.37 6.91 17.00
CA ILE A 59 -27.84 7.01 15.64
C ILE A 59 -26.39 7.48 15.72
N ARG A 60 -25.43 6.60 15.51
CA ARG A 60 -24.03 7.04 15.36
C ARG A 60 -23.74 7.53 13.92
N TYR A 61 -22.94 8.59 13.78
CA TYR A 61 -22.56 9.15 12.46
C TYR A 61 -21.07 8.96 12.27
N LEU A 62 -20.68 8.13 11.30
CA LEU A 62 -19.26 7.85 10.99
C LEU A 62 -18.91 8.42 9.61
N ILE A 63 -17.80 9.16 9.57
CA ILE A 63 -17.21 9.65 8.33
C ILE A 63 -16.20 8.60 7.84
N GLY A 64 -16.32 8.18 6.60
CA GLY A 64 -15.46 7.12 6.04
C GLY A 64 -15.66 6.88 4.55
N ASP A 65 -14.63 6.34 3.91
CA ASP A 65 -14.70 6.09 2.49
C ASP A 65 -14.65 4.59 2.30
N ILE A 66 -15.60 4.04 1.55
CA ILE A 66 -15.59 2.60 1.29
C ILE A 66 -14.34 2.13 0.58
N ARG A 67 -13.57 3.05 -0.03
CA ARG A 67 -12.27 2.74 -0.64
C ARG A 67 -11.19 2.35 0.41
N ASN A 68 -11.42 2.77 1.66
CA ASN A 68 -10.56 2.41 2.79
C ASN A 68 -11.13 1.22 3.56
N TYR A 69 -10.54 0.05 3.37
CA TYR A 69 -10.94 -1.14 4.10
C TYR A 69 -11.03 -0.90 5.60
N ASP A 70 -9.94 -0.40 6.18
CA ASP A 70 -9.84 -0.30 7.66
C ASP A 70 -11.02 0.48 8.28
N ARG A 71 -11.47 1.50 7.57
CA ARG A 71 -12.55 2.31 8.03
C ARG A 71 -13.86 1.56 7.96
N VAL A 72 -14.07 0.82 6.86
CA VAL A 72 -15.24 -0.06 6.70
C VAL A 72 -15.25 -1.24 7.69
N PHE A 73 -14.08 -1.79 7.97
CA PHE A 73 -13.95 -2.84 8.99
C PHE A 73 -14.50 -2.37 10.34
N SER A 74 -13.93 -1.28 10.89
CA SER A 74 -14.44 -0.77 12.17
C SER A 74 -15.88 -0.32 12.12
N ALA A 75 -16.36 0.11 10.95
CA ALA A 75 -17.77 0.48 10.79
C ALA A 75 -18.71 -0.70 11.01
N MET A 76 -18.25 -1.91 10.69
CA MET A 76 -19.04 -3.14 10.84
C MET A 76 -18.87 -3.90 12.16
N GLU A 77 -18.03 -3.34 13.04
CA GLU A 77 -17.84 -3.87 14.41
C GLU A 77 -19.18 -4.18 15.09
N ASN A 78 -19.40 -5.47 15.37
CA ASN A 78 -20.57 -5.98 16.09
C ASN A 78 -21.92 -5.73 15.42
N ILE A 79 -21.94 -5.64 14.11
CA ILE A 79 -23.18 -5.33 13.38
C ILE A 79 -23.88 -6.56 12.81
N ASP A 80 -25.21 -6.48 12.78
CA ASP A 80 -26.04 -7.57 12.31
C ASP A 80 -26.27 -7.36 10.82
N TYR A 81 -26.82 -6.21 10.47
CA TYR A 81 -27.31 -5.96 9.11
C TYR A 81 -26.65 -4.72 8.51
N VAL A 82 -26.23 -4.86 7.25
CA VAL A 82 -25.51 -3.82 6.52
C VAL A 82 -26.28 -3.50 5.26
N PHE A 83 -26.46 -2.21 4.98
CA PHE A 83 -27.02 -1.79 3.70
C PHE A 83 -25.89 -1.13 2.89
N HIS A 84 -25.48 -1.77 1.78
CA HIS A 84 -24.42 -1.23 0.94
C HIS A 84 -25.06 -0.41 -0.16
N VAL A 85 -25.19 0.89 0.13
CA VAL A 85 -25.90 1.86 -0.68
C VAL A 85 -24.95 2.89 -1.40
N ALA A 86 -23.69 2.97 -0.98
CA ALA A 86 -22.76 3.94 -1.54
C ALA A 86 -22.24 3.51 -2.90
N ALA A 87 -22.31 4.44 -3.86
CA ALA A 87 -21.64 4.29 -5.17
C ALA A 87 -21.45 5.65 -5.88
N MET A 88 -20.84 5.65 -7.07
CA MET A 88 -21.01 6.74 -8.01
C MET A 88 -22.14 6.29 -8.93
N LYS A 89 -23.19 7.09 -9.02
CA LYS A 89 -24.41 6.72 -9.78
C LYS A 89 -24.68 7.48 -11.08
N HIS A 90 -23.95 8.56 -11.37
CA HIS A 90 -24.17 9.26 -12.63
C HIS A 90 -23.43 8.48 -13.75
N VAL A 91 -24.08 8.36 -14.90
CA VAL A 91 -23.55 7.70 -16.08
C VAL A 91 -22.47 8.56 -16.71
N SER A 92 -22.75 9.85 -16.81
CA SER A 92 -21.80 10.78 -17.39
C SER A 92 -20.51 10.76 -16.58
N PHE A 93 -20.64 10.88 -15.25
CA PHE A 93 -19.47 11.00 -14.39
C PHE A 93 -18.56 9.77 -14.39
N CYS A 94 -19.15 8.57 -14.39
CA CYS A 94 -18.38 7.33 -14.47
C CYS A 94 -17.72 7.10 -15.85
N GLU A 95 -18.17 7.73 -16.94
CA GLU A 95 -17.41 7.75 -18.22
C GLU A 95 -16.26 8.76 -18.23
N TYR A 96 -16.49 9.93 -17.65
CA TYR A 96 -15.45 10.99 -17.62
C TYR A 96 -14.41 10.76 -16.53
N ASN A 97 -14.78 10.13 -15.42
CA ASN A 97 -13.80 9.74 -14.37
C ASN A 97 -13.91 8.21 -14.16
N PRO A 98 -13.54 7.44 -15.18
CA PRO A 98 -13.81 6.01 -15.09
C PRO A 98 -13.07 5.25 -13.98
N PHE A 99 -11.84 5.61 -13.66
CA PHE A 99 -11.15 4.86 -12.62
C PHE A 99 -11.73 5.13 -11.25
N GLU A 100 -12.19 6.36 -11.04
CA GLU A 100 -12.87 6.75 -9.79
C GLU A 100 -14.12 5.95 -9.50
N ALA A 101 -14.81 5.58 -10.59
CA ALA A 101 -15.96 4.69 -10.55
C ALA A 101 -15.57 3.28 -10.19
N VAL A 102 -14.39 2.82 -10.61
CA VAL A 102 -13.87 1.50 -10.26
C VAL A 102 -13.58 1.49 -8.79
N LEU A 103 -12.94 2.54 -8.32
CA LEU A 103 -12.58 2.60 -6.92
C LEU A 103 -13.81 2.54 -5.98
N THR A 104 -14.84 3.33 -6.21
CA THR A 104 -15.98 3.33 -5.31
C THR A 104 -16.86 2.11 -5.56
N ASN A 105 -17.12 1.78 -6.83
CA ASN A 105 -18.14 0.75 -7.15
C ASN A 105 -17.64 -0.67 -7.10
N ILE A 106 -16.42 -0.91 -7.60
CA ILE A 106 -15.82 -2.26 -7.60
C ILE A 106 -14.99 -2.44 -6.38
N PHE A 107 -13.82 -1.79 -6.32
CA PHE A 107 -12.88 -1.96 -5.20
C PHE A 107 -13.57 -1.78 -3.86
N GLY A 108 -14.43 -0.77 -3.77
CA GLY A 108 -15.15 -0.48 -2.54
C GLY A 108 -16.12 -1.55 -2.16
N THR A 109 -16.82 -2.10 -3.14
CA THR A 109 -17.71 -3.22 -2.94
C THR A 109 -17.01 -4.49 -2.39
N GLN A 110 -15.77 -4.77 -2.83
CA GLN A 110 -14.89 -5.79 -2.18
C GLN A 110 -14.72 -5.50 -0.71
N ASN A 111 -14.28 -4.28 -0.43
CA ASN A 111 -13.98 -3.94 0.92
C ASN A 111 -15.16 -4.27 1.84
N VAL A 112 -16.39 -3.98 1.40
CA VAL A 112 -17.61 -4.37 2.14
C VAL A 112 -17.63 -5.88 2.36
N ILE A 113 -17.55 -6.65 1.28
CA ILE A 113 -17.68 -8.10 1.34
C ILE A 113 -16.64 -8.72 2.27
N LYS A 114 -15.38 -8.52 1.92
CA LYS A 114 -14.24 -8.84 2.76
C LYS A 114 -14.45 -8.43 4.25
N ALA A 115 -14.89 -7.21 4.52
CA ALA A 115 -15.06 -6.76 5.91
C ALA A 115 -16.22 -7.41 6.61
N ALA A 116 -17.29 -7.71 5.86
CA ALA A 116 -18.49 -8.34 6.41
C ALA A 116 -18.21 -9.78 6.82
N ILE A 117 -17.46 -10.51 5.97
CA ILE A 117 -17.01 -11.85 6.30
C ILE A 117 -16.18 -11.71 7.58
N ALA A 118 -15.21 -10.80 7.56
CA ALA A 118 -14.29 -10.58 8.71
C ALA A 118 -14.96 -10.35 10.06
N GLN A 119 -15.99 -9.49 10.08
CA GLN A 119 -16.72 -9.13 11.32
C GLN A 119 -18.00 -9.96 11.53
N LYS A 120 -18.11 -11.09 10.80
CA LYS A 120 -19.25 -12.05 10.90
C LYS A 120 -20.62 -11.40 10.91
N VAL A 121 -20.84 -10.53 9.93
CA VAL A 121 -22.07 -9.79 9.77
C VAL A 121 -23.13 -10.76 9.24
N LYS A 122 -24.36 -10.63 9.72
CA LYS A 122 -25.42 -11.59 9.42
C LYS A 122 -25.85 -11.55 7.97
N LYS A 123 -26.16 -10.36 7.47
CA LYS A 123 -26.68 -10.18 6.10
C LYS A 123 -26.14 -8.88 5.47
N VAL A 124 -25.97 -8.89 4.14
CA VAL A 124 -25.59 -7.71 3.33
C VAL A 124 -26.47 -7.60 2.09
N VAL A 125 -27.06 -6.43 1.87
CA VAL A 125 -27.93 -6.19 0.74
C VAL A 125 -27.31 -5.11 -0.11
N PHE A 126 -26.89 -5.51 -1.31
CA PHE A 126 -26.28 -4.60 -2.25
C PHE A 126 -27.31 -3.97 -3.22
N THR A 127 -27.26 -2.65 -3.28
CA THR A 127 -28.07 -1.84 -4.16
C THR A 127 -27.48 -1.73 -5.59
N SER A 128 -28.06 -2.44 -6.56
CA SER A 128 -27.62 -2.46 -7.98
C SER A 128 -28.59 -1.66 -8.89
N SER A 129 -28.43 -1.78 -10.21
CA SER A 129 -29.25 -1.04 -11.17
C SER A 129 -29.68 -1.88 -12.38
N ASN A 130 -30.80 -1.48 -12.99
CA ASN A 130 -31.17 -1.90 -14.34
C ASN A 130 -30.00 -1.83 -15.29
N ALA A 131 -29.14 -0.82 -15.05
CA ALA A 131 -27.93 -0.55 -15.83
C ALA A 131 -26.99 -1.73 -15.95
N ALA A 132 -26.91 -2.55 -14.90
CA ALA A 132 -26.03 -3.72 -14.88
C ALA A 132 -26.34 -4.74 -15.94
N ILE A 133 -27.50 -4.63 -16.59
CA ILE A 133 -27.88 -5.55 -17.64
C ILE A 133 -27.53 -4.95 -18.99
N SER A 134 -26.89 -5.79 -19.82
CA SER A 134 -26.43 -5.45 -21.16
C SER A 134 -26.01 -3.98 -21.32
N PRO A 135 -25.07 -3.52 -20.46
CA PRO A 135 -24.65 -2.13 -20.31
C PRO A 135 -23.90 -1.53 -21.48
N THR A 136 -24.13 -0.25 -21.69
CA THR A 136 -23.46 0.53 -22.71
C THR A 136 -22.50 1.54 -22.09
N ASN A 137 -22.28 1.45 -20.77
CA ASN A 137 -21.43 2.42 -20.07
C ASN A 137 -20.67 1.84 -18.88
N ASN A 138 -19.60 2.52 -18.52
CA ASN A 138 -18.71 2.06 -17.47
C ASN A 138 -19.45 1.76 -16.17
N TYR A 139 -20.26 2.73 -15.72
CA TYR A 139 -21.11 2.59 -14.51
C TYR A 139 -21.83 1.24 -14.44
N GLY A 140 -22.69 0.98 -15.42
CA GLY A 140 -23.35 -0.31 -15.56
C GLY A 140 -22.41 -1.52 -15.56
N ALA A 141 -21.22 -1.41 -16.18
CA ALA A 141 -20.19 -2.46 -16.10
C ALA A 141 -19.67 -2.61 -14.70
N THR A 142 -19.50 -1.50 -13.99
CA THR A 142 -19.05 -1.57 -12.59
C THR A 142 -20.12 -2.26 -11.76
N LYS A 143 -21.38 -1.91 -11.99
CA LYS A 143 -22.48 -2.56 -11.27
C LYS A 143 -22.66 -4.04 -11.62
N LEU A 144 -22.29 -4.44 -12.84
CA LEU A 144 -22.28 -5.84 -13.25
C LEU A 144 -21.20 -6.60 -12.51
N THR A 145 -20.05 -5.96 -12.37
CA THR A 145 -18.90 -6.58 -11.71
C THR A 145 -19.15 -6.70 -10.19
N ALA A 146 -19.64 -5.61 -9.60
CA ALA A 146 -20.25 -5.63 -8.25
C ALA A 146 -21.17 -6.83 -8.04
N GLU A 147 -22.12 -7.00 -8.94
CA GLU A 147 -23.12 -8.05 -8.79
C GLU A 147 -22.46 -9.44 -8.77
N ARG A 148 -21.51 -9.67 -9.67
CA ARG A 148 -20.78 -10.94 -9.72
C ARG A 148 -19.86 -11.11 -8.54
N LEU A 149 -19.29 -10.01 -8.05
CA LEU A 149 -18.55 -10.00 -6.78
C LEU A 149 -19.40 -10.59 -5.65
N ILE A 150 -20.65 -10.13 -5.59
CA ILE A 150 -21.59 -10.45 -4.52
C ILE A 150 -22.02 -11.88 -4.68
N THR A 151 -22.32 -12.29 -5.91
CA THR A 151 -22.66 -13.68 -6.15
C THR A 151 -21.49 -14.63 -5.76
N SER A 152 -20.27 -14.27 -6.13
CA SER A 152 -19.09 -15.11 -5.86
C SER A 152 -18.80 -15.29 -4.36
N ALA A 153 -18.84 -14.17 -3.63
CA ALA A 153 -18.72 -14.15 -2.18
C ALA A 153 -19.66 -15.13 -1.53
N GLU A 154 -20.89 -15.19 -2.06
CA GLU A 154 -21.96 -16.04 -1.52
C GLU A 154 -21.73 -17.51 -1.78
N TYR A 155 -21.21 -17.83 -2.96
CA TYR A 155 -20.74 -19.18 -3.34
C TYR A 155 -19.51 -19.70 -2.50
N SER A 156 -18.45 -18.90 -2.49
CA SER A 156 -17.22 -19.24 -1.79
C SER A 156 -17.21 -18.93 -0.28
N LYS A 157 -18.30 -18.37 0.27
CA LYS A 157 -18.54 -18.32 1.74
C LYS A 157 -17.66 -19.26 2.55
N GLY A 158 -17.78 -20.56 2.25
CA GLY A 158 -17.19 -21.61 3.03
C GLY A 158 -17.87 -21.72 4.37
N SER A 159 -17.05 -21.70 5.43
CA SER A 159 -17.52 -21.70 6.82
C SER A 159 -18.35 -20.44 7.25
N SER A 160 -18.35 -19.36 6.45
CA SER A 160 -19.01 -18.12 6.84
C SER A 160 -20.55 -18.29 6.91
N GLU A 161 -21.17 -17.46 7.76
CA GLU A 161 -22.64 -17.34 7.90
C GLU A 161 -23.19 -16.05 7.29
N THR A 162 -22.32 -15.12 6.89
CA THR A 162 -22.73 -13.90 6.23
C THR A 162 -23.39 -14.20 4.90
N THR A 163 -24.52 -13.54 4.69
CA THR A 163 -25.38 -13.77 3.56
C THR A 163 -25.29 -12.50 2.69
N PHE A 164 -25.22 -12.68 1.38
CA PHE A 164 -25.03 -11.54 0.46
C PHE A 164 -26.09 -11.55 -0.62
N THR A 165 -26.93 -10.52 -0.61
CA THR A 165 -27.99 -10.35 -1.59
C THR A 165 -27.81 -9.11 -2.41
N SER A 166 -28.25 -9.15 -3.65
CA SER A 166 -28.34 -7.98 -4.51
C SER A 166 -29.80 -7.55 -4.65
N VAL A 167 -29.99 -6.24 -4.76
CA VAL A 167 -31.27 -5.61 -5.09
C VAL A 167 -30.97 -4.70 -6.29
N ARG A 168 -31.92 -4.62 -7.23
CA ARG A 168 -31.69 -3.99 -8.53
C ARG A 168 -32.83 -3.03 -8.90
N PHE A 169 -32.60 -1.72 -8.75
CA PHE A 169 -33.62 -0.65 -8.98
C PHE A 169 -33.63 -0.15 -10.41
N GLY A 170 -34.59 0.75 -10.69
CA GLY A 170 -34.53 1.66 -11.84
C GLY A 170 -34.66 3.07 -11.31
N ASN A 171 -34.84 4.07 -12.18
CA ASN A 171 -34.72 5.49 -11.81
C ASN A 171 -35.58 5.77 -10.58
N VAL A 172 -34.96 6.09 -9.45
CA VAL A 172 -35.71 6.41 -8.24
C VAL A 172 -36.07 7.88 -8.35
N MET A 173 -37.36 8.14 -8.56
CA MET A 173 -37.86 9.47 -8.95
C MET A 173 -37.52 10.56 -7.96
N GLY A 174 -36.84 11.59 -8.46
CA GLY A 174 -36.49 12.74 -7.64
C GLY A 174 -35.30 12.55 -6.73
N SER A 175 -34.53 11.48 -6.94
CA SER A 175 -33.29 11.30 -6.21
C SER A 175 -32.23 12.35 -6.58
N ARG A 176 -31.30 12.58 -5.65
CA ARG A 176 -30.20 13.56 -5.77
C ARG A 176 -29.46 13.62 -7.12
N GLY A 177 -29.59 14.75 -7.81
CA GLY A 177 -28.90 14.98 -9.07
C GLY A 177 -29.57 14.34 -10.29
N SER A 178 -30.88 14.04 -10.17
CA SER A 178 -31.68 13.44 -11.27
C SER A 178 -32.53 14.50 -12.00
N VAL A 179 -33.08 14.08 -13.16
CA VAL A 179 -33.80 14.96 -14.10
C VAL A 179 -35.01 15.70 -13.54
N ILE A 180 -35.82 15.07 -12.70
CA ILE A 180 -37.01 15.74 -12.19
C ILE A 180 -36.66 17.05 -11.42
N PRO A 181 -35.71 17.00 -10.44
CA PRO A 181 -35.21 18.25 -9.83
C PRO A 181 -34.46 19.15 -10.78
N LEU A 182 -33.70 18.57 -11.71
CA LEU A 182 -32.97 19.35 -12.72
C LEU A 182 -33.91 20.27 -13.51
N PHE A 183 -34.79 19.64 -14.31
CA PHE A 183 -35.78 20.34 -15.13
C PHE A 183 -36.59 21.36 -14.37
N GLU A 184 -36.95 21.04 -13.13
CA GLU A 184 -37.64 22.00 -12.28
C GLU A 184 -36.79 23.23 -12.08
N ASN A 185 -35.54 23.04 -11.63
CA ASN A 185 -34.68 24.19 -11.36
C ASN A 185 -34.11 24.82 -12.64
N GLN A 186 -34.14 24.10 -13.76
CA GLN A 186 -33.78 24.71 -15.06
C GLN A 186 -34.85 25.74 -15.52
N ILE A 187 -36.12 25.34 -15.52
CA ILE A 187 -37.23 26.27 -15.82
C ILE A 187 -37.17 27.48 -14.86
N LYS A 188 -37.40 27.26 -13.56
CA LYS A 188 -37.37 28.33 -12.54
C LYS A 188 -36.30 29.39 -12.77
N GLU A 189 -35.06 28.96 -12.98
CA GLU A 189 -33.95 29.88 -13.26
C GLU A 189 -33.97 30.33 -14.71
N ASN A 190 -33.74 29.40 -15.64
CA ASN A 190 -33.31 29.75 -16.99
C ASN A 190 -34.42 29.83 -18.05
N GLN A 191 -35.64 29.43 -17.69
CA GLN A 191 -36.74 29.24 -18.66
C GLN A 191 -36.29 28.37 -19.84
N LYS A 192 -35.43 27.41 -19.51
CA LYS A 192 -34.77 26.55 -20.48
C LYS A 192 -34.82 25.15 -19.91
N ILE A 193 -34.79 24.16 -20.81
CA ILE A 193 -34.69 22.77 -20.43
C ILE A 193 -33.65 22.06 -21.31
N THR A 194 -32.80 21.27 -20.67
CA THR A 194 -31.79 20.48 -21.37
C THR A 194 -32.38 19.11 -21.65
N VAL A 195 -32.56 18.80 -22.93
CA VAL A 195 -33.16 17.54 -23.35
C VAL A 195 -32.09 16.76 -24.12
N THR A 196 -31.92 15.47 -23.80
CA THR A 196 -30.89 14.64 -24.42
C THR A 196 -31.37 14.02 -25.76
N ASP A 197 -32.12 12.92 -25.69
CA ASP A 197 -32.86 12.38 -26.84
C ASP A 197 -34.24 12.05 -26.30
N LEU A 198 -35.27 12.66 -26.88
CA LEU A 198 -36.63 12.55 -26.34
C LEU A 198 -37.26 11.17 -26.50
N SER A 199 -36.76 10.36 -27.44
CA SER A 199 -37.26 8.98 -27.63
C SER A 199 -36.69 7.92 -26.64
N MET A 200 -35.87 8.37 -25.68
CA MET A 200 -35.52 7.61 -24.47
C MET A 200 -36.70 7.17 -23.64
N SER A 201 -36.59 5.98 -23.04
CA SER A 201 -37.57 5.44 -22.07
C SER A 201 -36.89 4.80 -20.84
N ARG A 202 -37.51 4.91 -19.66
CA ARG A 202 -36.96 4.36 -18.43
C ARG A 202 -38.00 3.64 -17.56
N PHE A 203 -37.63 2.50 -17.02
CA PHE A 203 -38.29 1.98 -15.83
C PHE A 203 -37.94 3.02 -14.75
N MET A 204 -38.94 3.47 -13.98
CA MET A 204 -38.72 4.36 -12.83
C MET A 204 -39.62 3.97 -11.67
N MET A 205 -39.29 4.47 -10.48
CA MET A 205 -39.88 3.98 -9.23
C MET A 205 -39.86 5.05 -8.12
N THR A 206 -40.67 4.84 -7.08
CA THR A 206 -40.80 5.82 -5.99
C THR A 206 -39.68 5.59 -4.99
N LEU A 207 -39.37 6.63 -4.24
CA LEU A 207 -38.34 6.57 -3.23
C LEU A 207 -38.72 5.48 -2.24
N ASN A 208 -39.99 5.46 -1.83
CA ASN A 208 -40.50 4.45 -0.90
C ASN A 208 -40.51 3.05 -1.49
N GLN A 209 -41.02 2.90 -2.71
CA GLN A 209 -40.91 1.62 -3.43
C GLN A 209 -39.52 0.97 -3.32
N ALA A 210 -38.47 1.71 -3.68
CA ALA A 210 -37.09 1.20 -3.66
C ALA A 210 -36.61 0.94 -2.23
N THR A 211 -37.09 1.75 -1.29
CA THR A 211 -36.82 1.56 0.12
C THR A 211 -37.39 0.22 0.64
N MET A 212 -38.66 -0.05 0.34
CA MET A 212 -39.30 -1.29 0.80
C MET A 212 -38.69 -2.51 0.10
N LEU A 213 -38.38 -2.39 -1.20
CA LEU A 213 -37.70 -3.48 -1.92
C LEU A 213 -36.40 -3.86 -1.21
N THR A 214 -35.64 -2.87 -0.81
CA THR A 214 -34.38 -3.11 -0.12
C THR A 214 -34.56 -3.64 1.28
N ILE A 215 -35.60 -3.20 1.98
CA ILE A 215 -35.89 -3.71 3.34
C ILE A 215 -36.47 -5.12 3.27
N GLU A 216 -37.18 -5.41 2.16
CA GLU A 216 -37.68 -6.77 1.85
C GLU A 216 -36.54 -7.77 1.79
N ALA A 217 -35.60 -7.50 0.90
CA ALA A 217 -34.46 -8.40 0.66
C ALA A 217 -33.70 -8.64 1.95
N MET A 218 -33.46 -7.60 2.73
CA MET A 218 -32.89 -7.79 4.06
C MET A 218 -33.59 -8.90 4.82
N LYS A 219 -34.90 -8.71 5.00
CA LYS A 219 -35.67 -9.59 5.88
C LYS A 219 -35.76 -11.03 5.34
N ILE A 220 -35.96 -11.16 4.01
CA ILE A 220 -36.43 -12.40 3.33
C ILE A 220 -35.31 -13.28 2.76
N ALA A 221 -34.21 -12.63 2.35
CA ALA A 221 -33.19 -13.25 1.49
C ALA A 221 -32.27 -14.20 2.22
N LYS A 222 -31.86 -15.24 1.48
CA LYS A 222 -30.95 -16.27 1.92
C LYS A 222 -29.61 -16.26 1.16
N GLY A 223 -29.36 -15.23 0.37
CA GLY A 223 -28.07 -15.02 -0.29
C GLY A 223 -28.04 -15.55 -1.70
N GLY A 224 -27.46 -14.77 -2.61
CA GLY A 224 -27.38 -15.14 -4.03
C GLY A 224 -28.45 -14.47 -4.88
N GLU A 225 -29.60 -14.14 -4.26
CA GLU A 225 -30.75 -13.55 -4.96
C GLU A 225 -30.46 -12.14 -5.50
N THR A 226 -31.12 -11.81 -6.61
CA THR A 226 -31.19 -10.47 -7.12
C THR A 226 -32.69 -10.14 -7.20
N PHE A 227 -33.17 -9.22 -6.35
CA PHE A 227 -34.59 -8.81 -6.36
C PHE A 227 -34.80 -7.62 -7.28
N ILE A 228 -35.68 -7.76 -8.25
CA ILE A 228 -36.16 -6.64 -9.07
C ILE A 228 -37.68 -6.45 -8.86
N LEU A 229 -38.07 -5.20 -8.57
CA LEU A 229 -39.46 -4.80 -8.51
C LEU A 229 -40.01 -4.57 -9.93
N LYS A 230 -41.30 -4.82 -10.16
CA LYS A 230 -41.91 -4.51 -11.48
C LYS A 230 -42.26 -3.03 -11.53
N MET A 231 -41.99 -2.39 -12.67
CA MET A 231 -41.96 -0.96 -12.68
C MET A 231 -42.68 -0.32 -13.86
N PRO A 232 -43.32 0.85 -13.62
CA PRO A 232 -43.89 1.61 -14.74
C PRO A 232 -42.83 2.18 -15.71
N VAL A 233 -43.11 2.13 -17.02
CA VAL A 233 -42.24 2.69 -18.06
C VAL A 233 -42.73 4.09 -18.37
N ILE A 234 -41.75 4.98 -18.60
CA ILE A 234 -41.96 6.42 -18.60
C ILE A 234 -41.19 6.92 -19.80
N SER A 235 -41.87 7.69 -20.64
CA SER A 235 -41.22 8.29 -21.79
C SER A 235 -40.61 9.60 -21.31
N LEU A 236 -39.41 9.93 -21.80
CA LEU A 236 -38.82 11.26 -21.53
C LEU A 236 -39.61 12.35 -22.24
N ASN A 237 -39.91 12.13 -23.52
CA ASN A 237 -40.88 12.95 -24.26
C ASN A 237 -42.07 13.40 -23.37
N ASP A 238 -42.79 12.43 -22.81
CA ASP A 238 -43.89 12.70 -21.88
C ASP A 238 -43.44 13.41 -20.61
N LEU A 239 -42.31 12.99 -20.04
CA LEU A 239 -41.81 13.65 -18.82
C LEU A 239 -41.50 15.12 -19.03
N SER A 240 -40.93 15.45 -20.19
CA SER A 240 -40.48 16.81 -20.53
C SER A 240 -41.65 17.76 -20.71
N GLU A 241 -42.71 17.30 -21.40
CA GLU A 241 -43.96 18.08 -21.53
C GLU A 241 -44.64 18.25 -20.19
N VAL A 242 -44.88 17.12 -19.51
CA VAL A 242 -45.50 17.13 -18.18
C VAL A 242 -44.73 18.09 -17.27
N MET A 243 -43.41 18.12 -17.41
CA MET A 243 -42.57 18.97 -16.56
C MET A 243 -42.80 20.45 -16.85
N ILE A 244 -42.66 20.78 -18.14
CA ILE A 244 -42.94 22.15 -18.65
C ILE A 244 -44.35 22.64 -18.24
N GLU A 245 -45.32 21.72 -18.22
CA GLU A 245 -46.68 22.03 -17.77
C GLU A 245 -46.75 22.37 -16.28
N GLU A 246 -46.34 21.45 -15.41
CA GLU A 246 -46.53 21.62 -13.96
C GLU A 246 -45.60 22.59 -13.25
N VAL A 247 -44.43 22.83 -13.81
CA VAL A 247 -43.45 23.71 -13.17
C VAL A 247 -43.84 25.19 -13.37
N THR A 248 -44.33 25.54 -14.56
CA THR A 248 -44.87 26.87 -14.84
C THR A 248 -45.80 27.44 -13.72
N LYS A 249 -46.77 26.63 -13.29
CA LYS A 249 -47.69 27.00 -12.21
C LYS A 249 -47.00 26.95 -10.83
N GLU A 256 -45.03 30.18 -19.29
CA GLU A 256 -45.79 29.70 -20.46
C GLU A 256 -44.99 29.17 -21.65
N ASN A 257 -44.21 30.04 -22.31
CA ASN A 257 -43.29 29.65 -23.42
C ASN A 257 -41.82 29.58 -22.95
N ILE A 258 -41.23 28.39 -23.15
CA ILE A 258 -40.01 27.91 -22.47
C ILE A 258 -39.12 27.15 -23.48
N LYS A 259 -37.85 27.53 -23.61
CA LYS A 259 -36.96 26.90 -24.61
C LYS A 259 -36.65 25.42 -24.31
N ILE A 260 -36.64 24.59 -25.36
CA ILE A 260 -36.33 23.15 -25.25
C ILE A 260 -35.03 22.87 -26.01
N GLU A 261 -33.89 22.90 -25.31
CA GLU A 261 -32.57 22.73 -25.96
C GLU A 261 -32.19 21.27 -26.16
N GLU A 262 -31.85 20.95 -27.40
CA GLU A 262 -31.28 19.67 -27.76
C GLU A 262 -29.82 19.63 -27.27
N ILE A 263 -29.54 19.11 -26.06
CA ILE A 263 -28.11 18.90 -25.61
C ILE A 263 -27.48 17.68 -26.28
N GLY A 264 -28.31 16.66 -26.54
CA GLY A 264 -27.87 15.43 -27.22
C GLY A 264 -27.56 14.37 -26.18
N LEU A 265 -27.11 13.21 -26.62
CA LEU A 265 -26.82 12.10 -25.71
C LEU A 265 -25.59 12.49 -24.87
N LYS A 266 -25.67 12.34 -23.55
CA LYS A 266 -24.46 12.42 -22.71
C LYS A 266 -23.71 11.09 -22.87
N PRO A 267 -22.36 11.13 -22.85
CA PRO A 267 -21.64 9.96 -23.40
C PRO A 267 -21.89 8.72 -22.57
N GLY A 268 -22.21 7.62 -23.26
CA GLY A 268 -22.44 6.31 -22.62
C GLY A 268 -23.89 5.91 -22.38
N GLU A 269 -24.81 6.85 -22.56
CA GLU A 269 -26.22 6.64 -22.23
C GLU A 269 -26.88 5.61 -23.12
N LYS A 270 -27.73 4.82 -22.48
CA LYS A 270 -28.55 3.78 -23.08
C LYS A 270 -29.96 4.31 -23.37
N MET A 271 -30.50 3.95 -24.54
CA MET A 271 -31.82 4.40 -25.00
C MET A 271 -33.02 3.81 -24.30
N TYR A 272 -32.79 2.83 -23.43
CA TYR A 272 -33.85 2.07 -22.75
C TYR A 272 -33.12 1.22 -21.69
N GLU A 273 -33.85 0.68 -20.73
CA GLU A 273 -33.21 -0.07 -19.66
C GLU A 273 -33.85 -1.47 -19.57
N GLU A 274 -33.14 -2.39 -18.93
CA GLU A 274 -33.55 -3.80 -18.88
C GLU A 274 -33.53 -4.34 -17.42
N LEU A 275 -34.59 -5.04 -17.03
CA LEU A 275 -34.76 -5.57 -15.67
C LEU A 275 -33.84 -6.73 -15.38
N MET A 276 -33.53 -7.49 -16.41
CA MET A 276 -32.70 -8.69 -16.31
C MET A 276 -32.22 -9.05 -17.73
N THR A 277 -31.25 -9.95 -17.84
CA THR A 277 -30.77 -10.43 -19.15
C THR A 277 -31.81 -11.41 -19.65
N HIS A 278 -31.81 -11.74 -20.93
CA HIS A 278 -32.67 -12.86 -21.39
C HIS A 278 -32.34 -14.09 -20.58
N ASP A 279 -31.06 -14.42 -20.53
CA ASP A 279 -30.57 -15.64 -19.87
C ASP A 279 -31.01 -15.79 -18.38
N GLU A 280 -31.14 -14.66 -17.69
CA GLU A 280 -31.72 -14.61 -16.32
C GLU A 280 -33.23 -14.93 -16.29
N SER A 281 -33.96 -14.53 -17.33
CA SER A 281 -35.38 -14.87 -17.42
C SER A 281 -35.66 -16.38 -17.47
N LEU A 282 -34.66 -17.18 -17.88
CA LEU A 282 -34.76 -18.64 -17.87
C LEU A 282 -34.72 -19.25 -16.47
N GLN A 283 -34.04 -18.56 -15.55
CA GLN A 283 -33.98 -18.95 -14.13
C GLN A 283 -35.01 -18.27 -13.24
N ALA A 284 -35.57 -17.15 -13.70
CA ALA A 284 -36.24 -16.22 -12.78
C ALA A 284 -37.54 -16.73 -12.15
N PHE A 285 -37.83 -16.21 -10.95
CA PHE A 285 -39.07 -16.48 -10.24
C PHE A 285 -39.93 -15.24 -10.41
N GLU A 286 -41.22 -15.41 -10.11
CA GLU A 286 -42.22 -14.38 -10.28
C GLU A 286 -43.19 -14.32 -9.10
N LEU A 287 -43.07 -13.23 -8.36
CA LEU A 287 -44.05 -12.84 -7.36
C LEU A 287 -45.03 -11.89 -8.06
N PRO A 288 -46.11 -11.44 -7.37
CA PRO A 288 -47.05 -10.54 -8.04
C PRO A 288 -46.46 -9.18 -8.49
N ASP A 289 -45.55 -8.62 -7.69
CA ASP A 289 -45.02 -7.25 -7.90
C ASP A 289 -43.46 -7.18 -7.98
N MET A 290 -42.84 -8.35 -8.19
CA MET A 290 -41.39 -8.57 -8.00
C MET A 290 -40.91 -9.71 -8.94
N PHE A 291 -39.67 -9.63 -9.40
CA PHE A 291 -38.95 -10.80 -9.93
C PHE A 291 -37.80 -11.13 -8.95
N ILE A 292 -37.66 -12.39 -8.56
CA ILE A 292 -36.45 -12.87 -7.86
C ILE A 292 -35.61 -13.80 -8.77
N ILE A 293 -34.37 -13.41 -9.05
CA ILE A 293 -33.44 -14.23 -9.80
C ILE A 293 -32.59 -14.96 -8.78
N PRO A 294 -32.72 -16.31 -8.68
CA PRO A 294 -31.89 -17.08 -7.75
C PRO A 294 -30.49 -17.20 -8.32
N SER A 295 -29.48 -17.49 -7.49
CA SER A 295 -28.11 -17.65 -7.99
C SER A 295 -28.07 -18.92 -8.87
N PRO A 296 -27.12 -19.00 -9.83
CA PRO A 296 -27.00 -20.23 -10.64
C PRO A 296 -26.69 -21.55 -9.89
N LEU A 297 -26.80 -21.56 -8.56
CA LEU A 297 -26.01 -22.45 -7.69
C LEU A 297 -26.81 -22.86 -6.45
N GLY A 300 -32.28 -25.37 -4.15
CA GLY A 300 -33.56 -25.03 -4.75
C GLY A 300 -34.50 -24.22 -3.84
N THR A 301 -34.12 -22.97 -3.59
CA THR A 301 -34.72 -22.16 -2.51
C THR A 301 -36.17 -21.78 -2.76
N GLN A 302 -36.97 -21.70 -1.72
CA GLN A 302 -38.39 -21.50 -1.87
C GLN A 302 -38.87 -20.18 -1.37
N TYR A 303 -39.50 -19.46 -2.29
CA TYR A 303 -40.15 -18.20 -2.03
C TYR A 303 -41.62 -18.26 -2.21
N GLU A 304 -42.35 -17.59 -1.34
CA GLU A 304 -43.80 -17.69 -1.27
C GLU A 304 -44.56 -16.77 -2.19
N ASN A 305 -45.58 -17.32 -2.81
CA ASN A 305 -46.29 -16.65 -3.93
C ASN A 305 -45.56 -16.75 -5.29
N ALA A 306 -44.55 -17.61 -5.38
CA ALA A 306 -43.63 -17.58 -6.52
C ALA A 306 -43.92 -18.68 -7.56
N LYS A 307 -44.21 -18.25 -8.79
CA LYS A 307 -44.17 -19.11 -9.95
C LYS A 307 -42.95 -18.76 -10.80
N ARG A 308 -42.72 -19.52 -11.86
CA ARG A 308 -41.61 -19.23 -12.78
C ARG A 308 -41.96 -18.11 -13.74
N ALA A 309 -40.97 -17.27 -14.01
CA ALA A 309 -41.13 -16.15 -14.96
C ALA A 309 -41.18 -16.64 -16.40
N LYS A 310 -41.40 -15.70 -17.34
CA LYS A 310 -41.49 -16.06 -18.74
C LYS A 310 -40.28 -15.59 -19.50
N ALA A 311 -39.70 -16.51 -20.26
CA ALA A 311 -38.49 -16.28 -21.03
C ALA A 311 -38.72 -15.14 -22.00
N GLY A 312 -37.69 -14.32 -22.19
CA GLY A 312 -37.81 -13.13 -23.04
C GLY A 312 -37.10 -11.95 -22.44
N PHE A 313 -37.29 -10.81 -23.10
CA PHE A 313 -36.63 -9.55 -22.75
C PHE A 313 -37.53 -8.76 -21.82
N TYR A 314 -36.91 -7.94 -20.99
CA TYR A 314 -37.63 -7.11 -20.06
C TYR A 314 -37.18 -5.65 -20.25
N ARG A 315 -37.35 -5.17 -21.50
CA ARG A 315 -36.91 -3.83 -21.94
C ARG A 315 -37.98 -2.79 -21.63
N SER A 316 -37.65 -1.50 -21.69
CA SER A 316 -38.66 -0.45 -21.49
C SER A 316 -39.40 -0.14 -22.78
N ASP A 317 -38.67 -0.21 -23.91
CA ASP A 317 -39.24 -0.16 -25.30
C ASP A 317 -40.74 -0.51 -25.39
N GLN A 319 -43.79 2.12 -26.45
CA GLN A 319 -44.92 1.32 -26.93
C GLN A 319 -45.97 1.14 -25.82
N ASN A 320 -45.50 0.76 -24.62
CA ASN A 320 -46.38 0.58 -23.43
C ASN A 320 -46.03 1.52 -22.25
N ALA A 321 -45.46 2.69 -22.56
CA ALA A 321 -45.20 3.74 -21.57
C ALA A 321 -46.50 4.17 -20.91
N ILE A 322 -46.42 4.58 -19.65
CA ILE A 322 -47.59 5.22 -18.98
C ILE A 322 -47.93 6.55 -19.66
N SER A 323 -49.19 6.96 -19.51
CA SER A 323 -49.72 8.16 -20.13
C SER A 323 -49.18 9.43 -19.41
N LYS A 324 -49.36 10.61 -20.02
CA LYS A 324 -49.09 11.91 -19.34
C LYS A 324 -50.02 12.08 -18.14
N GLU A 325 -51.28 11.70 -18.33
CA GLU A 325 -52.26 11.72 -17.27
C GLU A 325 -51.76 10.98 -16.03
N GLU A 326 -51.35 9.72 -16.23
CA GLU A 326 -50.77 8.89 -15.16
C GLU A 326 -49.51 9.50 -14.57
N LEU A 327 -48.67 10.02 -15.47
CA LEU A 327 -47.37 10.55 -15.11
C LEU A 327 -47.48 11.80 -14.26
N ARG A 328 -48.24 12.80 -14.71
CA ARG A 328 -48.44 14.04 -13.91
C ARG A 328 -49.08 13.73 -12.56
N ASN A 329 -49.96 12.73 -12.54
CA ASN A 329 -50.52 12.23 -11.29
C ASN A 329 -49.41 11.67 -10.38
N LEU A 330 -48.52 10.84 -10.94
CA LEU A 330 -47.35 10.35 -10.20
C LEU A 330 -46.50 11.51 -9.64
N ILE A 331 -46.08 12.43 -10.51
CA ILE A 331 -45.23 13.57 -10.11
C ILE A 331 -45.92 14.49 -9.08
N LEU A 332 -47.21 14.74 -9.23
CA LEU A 332 -47.92 15.59 -8.28
C LEU A 332 -48.13 14.90 -6.93
N ASN A 333 -48.36 13.59 -6.92
CA ASN A 333 -48.74 12.87 -5.70
C ASN A 333 -47.65 12.63 -4.66
N GLN A 334 -46.51 12.07 -5.05
CA GLN A 334 -45.34 12.20 -4.18
C GLN A 334 -44.81 13.60 -4.47
N GLN A 335 -44.87 14.46 -3.46
CA GLN A 335 -44.67 15.88 -3.63
C GLN A 335 -43.23 16.13 -4.09
N LEU A 336 -43.04 15.95 -5.40
CA LEU A 336 -41.73 15.89 -6.04
C LEU A 336 -41.19 17.26 -6.46
N LEU A 337 -42.01 18.32 -6.33
CA LEU A 337 -41.60 19.70 -6.65
C LEU A 337 -41.52 20.61 -5.43
N MET B 3 9.85 -1.46 -42.03
CA MET B 3 9.21 -0.11 -42.24
C MET B 3 9.16 0.69 -40.91
N PHE B 4 8.00 0.66 -40.24
CA PHE B 4 7.59 1.62 -39.18
C PHE B 4 8.30 1.43 -37.86
N PHE B 5 8.73 0.19 -37.61
CA PHE B 5 9.36 -0.26 -36.35
C PHE B 5 10.87 -0.43 -36.45
N LYS B 6 11.47 -0.11 -37.60
CA LYS B 6 12.94 -0.18 -37.71
C LYS B 6 13.61 0.77 -36.70
N ASP B 7 14.54 0.24 -35.90
CA ASP B 7 15.28 1.03 -34.89
C ASP B 7 14.42 1.60 -33.77
N LYS B 8 13.32 0.94 -33.46
CA LYS B 8 12.48 1.37 -32.36
C LYS B 8 12.58 0.44 -31.17
N ASN B 9 12.08 0.94 -30.05
CA ASN B 9 12.07 0.19 -28.82
C ASN B 9 10.64 -0.17 -28.48
N VAL B 10 10.34 -1.46 -28.61
CA VAL B 10 8.99 -1.97 -28.45
C VAL B 10 8.89 -2.84 -27.19
N LEU B 11 7.92 -2.55 -26.33
CA LEU B 11 7.51 -3.47 -25.26
C LEU B 11 6.29 -4.24 -25.75
N ILE B 12 6.22 -5.53 -25.44
CA ILE B 12 5.01 -6.32 -25.63
C ILE B 12 4.62 -6.91 -24.28
N ILE B 13 3.53 -6.37 -23.73
CA ILE B 13 2.98 -6.83 -22.46
C ILE B 13 2.08 -8.03 -22.73
N GLY B 14 2.49 -9.19 -22.23
CA GLY B 14 1.79 -10.45 -22.48
C GLY B 14 2.35 -11.25 -23.65
N GLY B 15 3.60 -10.97 -24.02
CA GLY B 15 4.20 -11.50 -25.24
C GLY B 15 4.52 -12.99 -25.28
N THR B 16 4.13 -13.74 -24.25
CA THR B 16 4.36 -15.20 -24.23
C THR B 16 3.17 -15.96 -24.77
N GLY B 17 1.99 -15.35 -24.76
CA GLY B 17 0.72 -15.97 -25.20
C GLY B 17 0.42 -15.88 -26.67
N THR B 18 -0.81 -16.16 -27.06
CA THR B 18 -1.13 -16.44 -28.47
C THR B 18 -0.87 -15.23 -29.37
N ILE B 19 -1.54 -14.13 -29.08
CA ILE B 19 -1.39 -12.92 -29.90
C ILE B 19 -0.06 -12.25 -29.61
N GLY B 20 0.34 -12.21 -28.33
CA GLY B 20 1.61 -11.53 -27.93
C GLY B 20 2.82 -11.95 -28.77
N LYS B 21 3.01 -13.28 -28.88
CA LYS B 21 4.04 -13.91 -29.73
C LYS B 21 3.90 -13.56 -31.18
N SER B 22 2.67 -13.60 -31.70
CA SER B 22 2.45 -13.34 -33.12
C SER B 22 2.90 -11.93 -33.48
N ILE B 23 2.66 -10.99 -32.58
CA ILE B 23 3.14 -9.62 -32.73
C ILE B 23 4.68 -9.53 -32.66
N LEU B 24 5.28 -10.26 -31.71
CA LEU B 24 6.73 -10.33 -31.57
C LEU B 24 7.44 -10.63 -32.88
N SER B 25 7.09 -11.72 -33.56
CA SER B 25 7.84 -12.12 -34.73
C SER B 25 7.53 -11.30 -35.97
N ASN B 26 6.32 -10.78 -36.10
CA ASN B 26 6.03 -9.83 -37.18
C ASN B 26 6.82 -8.55 -37.01
N VAL B 27 6.70 -7.94 -35.83
CA VAL B 27 7.50 -6.77 -35.46
C VAL B 27 8.99 -7.03 -35.78
N LEU B 28 9.51 -8.19 -35.38
CA LEU B 28 10.93 -8.50 -35.62
C LEU B 28 11.37 -8.46 -37.07
N GLN B 29 10.49 -8.75 -38.02
CA GLN B 29 10.83 -8.59 -39.45
C GLN B 29 11.14 -7.16 -39.82
N GLU B 30 10.58 -6.20 -39.08
CA GLU B 30 10.87 -4.81 -39.32
C GLU B 30 12.17 -4.32 -38.65
N LYS B 31 12.84 -5.22 -37.95
CA LYS B 31 14.23 -5.02 -37.49
C LYS B 31 14.31 -3.90 -36.45
N PRO B 32 13.53 -4.02 -35.35
CA PRO B 32 13.59 -2.99 -34.32
C PRO B 32 14.89 -3.03 -33.56
N LYS B 33 15.15 -1.98 -32.79
CA LYS B 33 16.34 -1.88 -31.97
C LYS B 33 16.21 -2.91 -30.88
N VAL B 34 15.03 -2.95 -30.24
CA VAL B 34 14.76 -3.96 -29.19
C VAL B 34 13.28 -4.25 -29.07
N VAL B 35 12.96 -5.52 -28.77
CA VAL B 35 11.65 -5.88 -28.25
C VAL B 35 11.78 -6.48 -26.83
N ARG B 36 11.01 -5.94 -25.89
CA ARG B 36 10.91 -6.53 -24.56
C ARG B 36 9.62 -7.33 -24.44
N VAL B 37 9.75 -8.53 -23.92
CA VAL B 37 8.65 -9.45 -23.75
C VAL B 37 8.41 -9.40 -22.27
N PHE B 38 7.17 -9.12 -21.87
CA PHE B 38 6.80 -8.94 -20.47
C PHE B 38 5.68 -9.90 -20.11
N SER B 39 5.94 -10.81 -19.18
CA SER B 39 4.90 -11.70 -18.66
C SER B 39 5.28 -12.23 -17.27
N ARG B 40 4.35 -12.91 -16.60
CA ARG B 40 4.53 -13.34 -15.21
C ARG B 40 5.27 -14.65 -15.06
N SER B 41 5.25 -15.49 -16.09
CA SER B 41 5.51 -16.92 -15.96
C SER B 41 6.91 -17.19 -16.51
N GLU B 42 7.80 -17.73 -15.68
CA GLU B 42 9.19 -18.05 -16.09
C GLU B 42 9.20 -19.21 -17.06
N TYR B 43 8.39 -20.22 -16.76
CA TYR B 43 8.30 -21.44 -17.59
C TYR B 43 8.04 -21.09 -19.06
N ASN B 44 7.06 -20.20 -19.27
CA ASN B 44 6.63 -19.78 -20.61
C ASN B 44 7.67 -18.94 -21.31
N GLN B 45 8.47 -18.19 -20.54
CA GLN B 45 9.58 -17.37 -21.08
C GLN B 45 10.70 -18.29 -21.50
N PHE B 46 11.07 -19.20 -20.60
CA PHE B 46 11.98 -20.27 -20.88
C PHE B 46 11.71 -20.90 -22.26
N LEU B 47 10.48 -21.35 -22.49
CA LEU B 47 10.14 -21.96 -23.78
C LEU B 47 10.34 -20.95 -24.90
N LEU B 48 9.97 -19.68 -24.66
CA LEU B 48 10.15 -18.62 -25.67
C LEU B 48 11.62 -18.26 -25.94
N GLN B 49 12.47 -18.36 -24.91
CA GLN B 49 13.89 -18.16 -25.09
C GLN B 49 14.53 -19.25 -25.95
N GLU B 50 14.06 -20.49 -25.81
CA GLU B 50 14.65 -21.61 -26.55
C GLU B 50 14.29 -21.59 -28.02
N GLU B 51 13.04 -21.23 -28.29
CA GLU B 51 12.56 -21.16 -29.66
C GLU B 51 13.32 -20.11 -30.45
N PHE B 52 13.61 -18.97 -29.83
CA PHE B 52 14.32 -17.83 -30.45
C PHE B 52 15.84 -17.82 -30.18
N ARG B 53 16.43 -18.97 -29.84
CA ARG B 53 17.82 -19.03 -29.34
C ARG B 53 18.86 -18.30 -30.22
N ASP B 54 18.73 -18.42 -31.55
CA ASP B 54 19.66 -17.76 -32.50
C ASP B 54 19.09 -16.49 -33.16
N LYS B 55 18.19 -15.78 -32.45
CA LYS B 55 17.67 -14.45 -32.86
C LYS B 55 17.55 -13.47 -31.67
N ASN B 56 18.16 -13.83 -30.54
CA ASN B 56 17.81 -13.30 -29.20
C ASN B 56 18.55 -12.04 -28.74
N ARG B 57 19.51 -11.56 -29.51
CA ARG B 57 20.13 -10.24 -29.28
C ARG B 57 19.06 -9.12 -29.26
N ASN B 58 18.07 -9.24 -30.16
CA ASN B 58 16.95 -8.30 -30.25
C ASN B 58 15.97 -8.36 -29.09
N ILE B 59 15.78 -9.55 -28.51
CA ILE B 59 14.72 -9.78 -27.54
C ILE B 59 15.28 -9.69 -26.10
N ARG B 60 14.52 -9.05 -25.22
CA ARG B 60 14.77 -9.00 -23.76
C ARG B 60 13.58 -9.68 -23.07
N TYR B 61 13.82 -10.28 -21.90
CA TYR B 61 12.80 -11.07 -21.23
C TYR B 61 12.56 -10.71 -19.76
N LEU B 62 11.53 -9.88 -19.55
CA LEU B 62 11.14 -9.37 -18.23
C LEU B 62 10.07 -10.23 -17.60
N ILE B 63 10.33 -10.64 -16.35
CA ILE B 63 9.32 -11.24 -15.48
C ILE B 63 8.70 -10.06 -14.72
N GLY B 64 7.38 -9.94 -14.78
CA GLY B 64 6.66 -8.87 -14.08
C GLY B 64 5.17 -9.07 -14.19
N ASP B 65 4.43 -8.60 -13.21
CA ASP B 65 2.97 -8.72 -13.22
C ASP B 65 2.40 -7.30 -13.45
N ILE B 66 1.41 -7.16 -14.33
CA ILE B 66 0.85 -5.81 -14.61
C ILE B 66 -0.08 -5.28 -13.50
N ARG B 67 -0.29 -6.05 -12.44
CA ARG B 67 -0.84 -5.52 -11.19
C ARG B 67 0.17 -4.64 -10.37
N ASN B 68 1.43 -4.65 -10.77
CA ASN B 68 2.54 -4.02 -10.04
C ASN B 68 3.07 -2.85 -10.85
N TYR B 69 2.70 -1.64 -10.45
CA TYR B 69 3.09 -0.44 -11.21
C TYR B 69 4.60 -0.31 -11.49
N ASP B 70 5.42 -0.37 -10.44
CA ASP B 70 6.85 -0.01 -10.56
C ASP B 70 7.59 -0.88 -11.57
N ARG B 71 7.08 -2.10 -11.72
CA ARG B 71 7.61 -3.07 -12.64
C ARG B 71 7.12 -2.81 -14.07
N VAL B 72 5.85 -2.46 -14.23
CA VAL B 72 5.33 -1.99 -15.54
C VAL B 72 6.11 -0.72 -15.98
N PHE B 73 6.31 0.20 -15.03
CA PHE B 73 7.07 1.42 -15.25
C PHE B 73 8.51 1.19 -15.71
N SER B 74 9.25 0.40 -14.95
CA SER B 74 10.65 0.11 -15.33
C SER B 74 10.67 -0.63 -16.64
N ALA B 75 9.68 -1.49 -16.86
CA ALA B 75 9.58 -2.18 -18.13
C ALA B 75 9.35 -1.24 -19.28
N MET B 76 8.64 -0.12 -19.04
CA MET B 76 8.41 0.93 -20.06
C MET B 76 9.58 1.90 -20.33
N GLU B 77 10.62 1.93 -19.48
CA GLU B 77 11.82 2.78 -19.74
C GLU B 77 12.21 2.89 -21.23
N ASN B 78 12.27 4.12 -21.75
CA ASN B 78 12.74 4.44 -23.12
C ASN B 78 12.05 3.69 -24.29
N ILE B 79 10.80 3.34 -24.09
CA ILE B 79 10.05 2.59 -25.07
C ILE B 79 9.23 3.51 -25.92
N ASP B 80 9.14 3.17 -27.19
CA ASP B 80 8.39 3.93 -28.18
C ASP B 80 6.95 3.41 -28.29
N TYR B 81 6.76 2.08 -28.37
CA TYR B 81 5.44 1.48 -28.68
C TYR B 81 5.11 0.29 -27.73
N VAL B 82 3.93 0.34 -27.11
CA VAL B 82 3.49 -0.64 -26.10
C VAL B 82 2.26 -1.41 -26.59
N PHE B 83 2.42 -2.72 -26.79
CA PHE B 83 1.32 -3.63 -27.08
C PHE B 83 0.77 -4.20 -25.77
N HIS B 84 -0.42 -3.76 -25.37
CA HIS B 84 -1.07 -4.22 -24.14
C HIS B 84 -2.04 -5.42 -24.41
N VAL B 85 -1.40 -6.55 -24.64
CA VAL B 85 -2.04 -7.80 -25.05
C VAL B 85 -2.25 -8.76 -23.87
N ALA B 86 -1.78 -8.41 -22.68
CA ALA B 86 -1.98 -9.26 -21.52
C ALA B 86 -3.39 -9.10 -20.96
N ALA B 87 -3.97 -10.23 -20.50
CA ALA B 87 -5.29 -10.23 -19.78
C ALA B 87 -5.70 -11.58 -19.21
N MET B 88 -6.72 -11.54 -18.36
CA MET B 88 -7.48 -12.72 -17.97
C MET B 88 -8.58 -12.71 -19.02
N LYS B 89 -8.66 -13.78 -19.82
CA LYS B 89 -9.55 -13.83 -21.00
C LYS B 89 -10.70 -14.87 -21.00
N HIS B 90 -10.62 -15.90 -20.16
CA HIS B 90 -11.71 -16.89 -20.03
C HIS B 90 -12.95 -16.31 -19.32
N VAL B 91 -14.12 -16.63 -19.88
CA VAL B 91 -15.40 -16.21 -19.35
C VAL B 91 -15.57 -16.85 -17.97
N SER B 92 -15.32 -18.15 -17.88
CA SER B 92 -15.55 -18.93 -16.65
C SER B 92 -14.61 -18.59 -15.52
N PHE B 93 -13.34 -18.41 -15.85
CA PHE B 93 -12.39 -18.06 -14.81
C PHE B 93 -12.68 -16.69 -14.30
N CYS B 94 -13.07 -15.78 -15.19
CA CYS B 94 -13.45 -14.45 -14.72
C CYS B 94 -14.78 -14.40 -13.95
N GLU B 95 -15.54 -15.50 -13.91
CA GLU B 95 -16.77 -15.58 -13.11
C GLU B 95 -16.57 -16.16 -11.72
N TYR B 96 -15.74 -17.19 -11.61
CA TYR B 96 -15.46 -17.84 -10.34
C TYR B 96 -14.46 -16.99 -9.56
N ASN B 97 -13.60 -16.29 -10.30
CA ASN B 97 -12.58 -15.42 -9.74
C ASN B 97 -12.83 -13.96 -10.17
N PRO B 98 -13.97 -13.35 -9.75
CA PRO B 98 -14.32 -12.07 -10.34
C PRO B 98 -13.39 -10.89 -10.01
N PHE B 99 -12.84 -10.85 -8.79
CA PHE B 99 -11.96 -9.74 -8.40
C PHE B 99 -10.56 -9.94 -8.94
N GLU B 100 -10.14 -11.19 -9.05
CA GLU B 100 -8.89 -11.46 -9.74
C GLU B 100 -8.92 -10.85 -11.16
N ALA B 101 -10.07 -10.95 -11.82
CA ALA B 101 -10.26 -10.41 -13.16
C ALA B 101 -10.22 -8.89 -13.23
N VAL B 102 -10.69 -8.24 -12.17
CA VAL B 102 -10.61 -6.79 -12.04
C VAL B 102 -9.19 -6.36 -11.89
N LEU B 103 -8.40 -7.09 -11.11
CA LEU B 103 -7.01 -6.71 -10.93
C LEU B 103 -6.21 -6.69 -12.21
N THR B 104 -6.31 -7.78 -12.96
CA THR B 104 -5.60 -7.90 -14.21
C THR B 104 -6.18 -7.02 -15.34
N ASN B 105 -7.50 -7.03 -15.52
CA ASN B 105 -8.07 -6.43 -16.74
C ASN B 105 -8.31 -4.93 -16.55
N ILE B 106 -8.93 -4.57 -15.43
CA ILE B 106 -9.20 -3.18 -15.14
C ILE B 106 -7.97 -2.54 -14.52
N PHE B 107 -7.61 -2.96 -13.30
CA PHE B 107 -6.52 -2.34 -12.49
C PHE B 107 -5.14 -2.42 -13.16
N GLY B 108 -4.88 -3.52 -13.85
CA GLY B 108 -3.72 -3.63 -14.70
C GLY B 108 -3.61 -2.60 -15.82
N THR B 109 -4.75 -2.35 -16.46
CA THR B 109 -4.83 -1.39 -17.56
C THR B 109 -4.53 0.06 -17.09
N GLN B 110 -5.02 0.44 -15.92
CA GLN B 110 -4.67 1.75 -15.36
C GLN B 110 -3.21 1.83 -15.21
N ASN B 111 -2.60 0.77 -14.71
CA ASN B 111 -1.15 0.69 -14.55
C ASN B 111 -0.39 0.98 -15.83
N VAL B 112 -0.71 0.26 -16.91
CA VAL B 112 -0.12 0.51 -18.24
C VAL B 112 -0.26 1.98 -18.67
N ILE B 113 -1.49 2.48 -18.61
CA ILE B 113 -1.84 3.88 -18.97
C ILE B 113 -0.98 4.89 -18.24
N LYS B 114 -0.97 4.77 -16.93
CA LYS B 114 -0.29 5.72 -16.05
C LYS B 114 1.23 5.66 -16.26
N ALA B 115 1.78 4.47 -16.48
CA ALA B 115 3.21 4.26 -16.76
C ALA B 115 3.58 4.69 -18.15
N ALA B 116 2.63 4.57 -19.08
CA ALA B 116 2.83 5.08 -20.44
C ALA B 116 2.97 6.60 -20.42
N ILE B 117 2.05 7.30 -19.76
CA ILE B 117 2.19 8.76 -19.61
C ILE B 117 3.56 9.13 -19.00
N ALA B 118 3.96 8.47 -17.91
CA ALA B 118 5.18 8.85 -17.19
C ALA B 118 6.45 8.61 -18.00
N GLN B 119 6.55 7.45 -18.65
CA GLN B 119 7.75 7.15 -19.44
C GLN B 119 7.76 7.76 -20.86
N LYS B 120 6.79 8.66 -21.12
CA LYS B 120 6.59 9.31 -22.45
C LYS B 120 6.68 8.32 -23.60
N VAL B 121 5.91 7.24 -23.48
CA VAL B 121 5.72 6.25 -24.55
C VAL B 121 4.95 6.93 -25.71
N LYS B 122 5.32 6.65 -26.96
CA LYS B 122 4.67 7.33 -28.11
C LYS B 122 3.22 6.88 -28.40
N LYS B 123 3.01 5.56 -28.58
CA LYS B 123 1.66 4.98 -28.74
C LYS B 123 1.45 3.77 -27.81
N VAL B 124 0.19 3.51 -27.50
CA VAL B 124 -0.22 2.38 -26.68
C VAL B 124 -1.42 1.78 -27.37
N VAL B 125 -1.37 0.49 -27.69
CA VAL B 125 -2.50 -0.18 -28.31
C VAL B 125 -3.05 -1.21 -27.36
N PHE B 126 -4.37 -1.09 -27.09
CA PHE B 126 -5.10 -1.97 -26.18
C PHE B 126 -5.91 -2.99 -26.97
N THR B 127 -5.80 -4.23 -26.53
CA THR B 127 -6.38 -5.38 -27.18
C THR B 127 -7.62 -5.81 -26.41
N SER B 128 -8.80 -5.48 -26.93
CA SER B 128 -10.10 -5.75 -26.26
C SER B 128 -10.87 -6.89 -26.92
N SER B 129 -12.10 -7.13 -26.48
CA SER B 129 -12.97 -8.15 -27.09
C SER B 129 -14.37 -7.61 -27.44
N ASN B 130 -15.00 -8.20 -28.45
CA ASN B 130 -16.39 -7.86 -28.71
C ASN B 130 -17.34 -8.30 -27.57
N ALA B 131 -16.82 -9.11 -26.63
CA ALA B 131 -17.49 -9.38 -25.36
C ALA B 131 -17.81 -8.12 -24.55
N ALA B 132 -17.02 -7.07 -24.78
CA ALA B 132 -17.26 -5.76 -24.17
C ALA B 132 -18.60 -5.14 -24.56
N ILE B 133 -19.16 -5.53 -25.70
CA ILE B 133 -20.43 -5.00 -26.13
C ILE B 133 -21.53 -5.67 -25.36
N SER B 134 -22.40 -4.85 -24.75
CA SER B 134 -23.60 -5.30 -24.05
C SER B 134 -23.36 -6.57 -23.19
N PRO B 135 -22.29 -6.58 -22.36
CA PRO B 135 -21.72 -7.78 -21.73
C PRO B 135 -22.64 -8.53 -20.76
N THR B 136 -22.66 -9.88 -20.90
CA THR B 136 -23.44 -10.83 -20.07
C THR B 136 -22.60 -11.41 -18.94
N ASN B 137 -21.31 -11.08 -18.92
CA ASN B 137 -20.38 -11.68 -17.95
C ASN B 137 -19.41 -10.68 -17.39
N ASN B 138 -18.74 -11.08 -16.31
CA ASN B 138 -17.78 -10.23 -15.66
C ASN B 138 -16.65 -9.91 -16.57
N TYR B 139 -16.10 -10.89 -17.27
CA TYR B 139 -15.00 -10.60 -18.22
C TYR B 139 -15.37 -9.50 -19.19
N GLY B 140 -16.61 -9.56 -19.68
CA GLY B 140 -17.14 -8.56 -20.61
C GLY B 140 -17.22 -7.21 -19.97
N ALA B 141 -17.77 -7.20 -18.74
CA ALA B 141 -17.77 -6.01 -17.87
C ALA B 141 -16.39 -5.38 -17.75
N THR B 142 -15.34 -6.18 -17.55
CA THR B 142 -13.97 -5.67 -17.37
C THR B 142 -13.30 -5.16 -18.67
N LYS B 143 -13.64 -5.71 -19.81
CA LYS B 143 -13.11 -5.16 -21.07
C LYS B 143 -13.82 -3.86 -21.45
N LEU B 144 -15.13 -3.78 -21.21
CA LEU B 144 -15.90 -2.53 -21.40
C LEU B 144 -15.38 -1.41 -20.49
N THR B 145 -15.03 -1.77 -19.25
CA THR B 145 -14.42 -0.82 -18.33
C THR B 145 -13.02 -0.43 -18.82
N ALA B 146 -12.19 -1.42 -19.16
CA ALA B 146 -10.86 -1.15 -19.73
C ALA B 146 -10.96 -0.22 -20.93
N GLU B 147 -11.76 -0.58 -21.94
CA GLU B 147 -11.93 0.25 -23.14
C GLU B 147 -12.20 1.73 -22.81
N ARG B 148 -13.04 1.93 -21.80
CA ARG B 148 -13.41 3.26 -21.30
C ARG B 148 -12.21 4.01 -20.74
N LEU B 149 -11.50 3.36 -19.79
CA LEU B 149 -10.19 3.79 -19.29
C LEU B 149 -9.24 4.30 -20.39
N ILE B 150 -8.94 3.46 -21.38
CA ILE B 150 -8.17 3.85 -22.60
C ILE B 150 -8.71 5.14 -23.28
N THR B 151 -10.01 5.22 -23.46
CA THR B 151 -10.63 6.40 -24.06
C THR B 151 -10.42 7.58 -23.13
N SER B 152 -10.86 7.46 -21.90
CA SER B 152 -10.62 8.50 -20.90
C SER B 152 -9.15 8.95 -20.77
N ALA B 153 -8.21 8.04 -20.91
CA ALA B 153 -6.81 8.42 -20.92
C ALA B 153 -6.47 9.37 -22.06
N GLU B 154 -7.01 9.10 -23.25
CA GLU B 154 -6.73 9.91 -24.44
C GLU B 154 -7.34 11.30 -24.34
N TYR B 155 -8.57 11.32 -23.80
CA TYR B 155 -9.40 12.53 -23.74
C TYR B 155 -8.84 13.52 -22.77
N SER B 156 -8.19 13.04 -21.71
CA SER B 156 -7.59 13.92 -20.72
C SER B 156 -6.05 13.82 -20.60
N LYS B 157 -5.36 13.25 -21.59
CA LYS B 157 -3.91 13.43 -21.81
C LYS B 157 -3.31 14.70 -21.18
N GLY B 158 -3.88 15.85 -21.57
CA GLY B 158 -3.35 17.16 -21.31
C GLY B 158 -2.25 17.43 -22.30
N SER B 159 -1.03 17.42 -21.78
CA SER B 159 0.19 17.81 -22.45
C SER B 159 0.91 16.61 -23.03
N SER B 160 0.47 15.39 -22.74
CA SER B 160 1.27 14.23 -23.13
C SER B 160 1.23 14.06 -24.65
N GLU B 161 2.30 13.51 -25.20
CA GLU B 161 2.33 13.03 -26.58
C GLU B 161 1.92 11.56 -26.69
N THR B 162 1.74 10.89 -25.56
CA THR B 162 1.33 9.50 -25.55
C THR B 162 -0.08 9.45 -26.08
N THR B 163 -0.34 8.53 -27.01
CA THR B 163 -1.66 8.40 -27.63
C THR B 163 -2.19 6.98 -27.44
N PHE B 164 -3.47 6.90 -27.08
CA PHE B 164 -4.12 5.66 -26.62
C PHE B 164 -5.16 5.12 -27.62
N THR B 165 -5.15 3.80 -27.85
CA THR B 165 -5.97 3.18 -28.91
C THR B 165 -6.45 1.76 -28.62
N SER B 166 -7.69 1.46 -28.97
CA SER B 166 -8.22 0.12 -28.77
C SER B 166 -8.50 -0.64 -30.07
N VAL B 167 -8.58 -1.96 -29.90
CA VAL B 167 -8.72 -2.92 -30.97
C VAL B 167 -9.60 -4.04 -30.42
N ARG B 168 -10.60 -4.47 -31.18
CA ARG B 168 -11.63 -5.38 -30.65
C ARG B 168 -11.72 -6.72 -31.39
N PHE B 169 -11.28 -7.78 -30.74
CA PHE B 169 -11.30 -9.14 -31.35
C PHE B 169 -12.61 -9.91 -31.13
N GLY B 170 -12.85 -10.88 -32.02
CA GLY B 170 -13.71 -12.04 -31.74
C GLY B 170 -12.78 -13.26 -31.65
N ASN B 171 -13.33 -14.46 -31.64
CA ASN B 171 -12.52 -15.65 -31.36
C ASN B 171 -11.31 -15.80 -32.27
N VAL B 172 -10.12 -15.73 -31.68
CA VAL B 172 -8.88 -15.96 -32.41
C VAL B 172 -8.69 -17.47 -32.49
N MET B 173 -8.67 -17.96 -33.72
CA MET B 173 -8.82 -19.39 -33.97
C MET B 173 -7.58 -20.21 -33.57
N GLY B 174 -7.81 -21.26 -32.78
CA GLY B 174 -6.74 -22.08 -32.24
C GLY B 174 -5.90 -21.45 -31.14
N SER B 175 -6.35 -20.34 -30.56
CA SER B 175 -5.55 -19.62 -29.55
C SER B 175 -5.43 -20.44 -28.27
N ARG B 176 -4.65 -19.94 -27.32
CA ARG B 176 -4.46 -20.64 -26.04
C ARG B 176 -5.78 -20.90 -25.30
N GLY B 177 -6.04 -22.16 -24.99
CA GLY B 177 -7.18 -22.54 -24.16
C GLY B 177 -8.50 -22.57 -24.88
N SER B 178 -8.48 -22.44 -26.21
CA SER B 178 -9.72 -22.21 -26.97
C SER B 178 -10.34 -23.53 -27.40
N VAL B 179 -11.51 -23.47 -28.04
CA VAL B 179 -12.36 -24.63 -28.32
C VAL B 179 -11.69 -25.64 -29.27
N ILE B 180 -11.08 -25.14 -30.36
CA ILE B 180 -10.50 -26.00 -31.40
C ILE B 180 -9.36 -26.91 -30.90
N PRO B 181 -8.38 -26.34 -30.16
CA PRO B 181 -7.39 -27.21 -29.49
C PRO B 181 -7.99 -28.19 -28.48
N LEU B 182 -9.04 -27.77 -27.77
CA LEU B 182 -9.70 -28.61 -26.78
C LEU B 182 -10.37 -29.84 -27.43
N PHE B 183 -11.08 -29.63 -28.53
CA PHE B 183 -11.72 -30.71 -29.31
C PHE B 183 -10.70 -31.64 -29.97
N GLU B 184 -9.68 -31.07 -30.62
CA GLU B 184 -8.55 -31.85 -31.17
C GLU B 184 -7.93 -32.80 -30.11
N ASN B 185 -7.76 -32.32 -28.88
CA ASN B 185 -7.22 -33.13 -27.81
C ASN B 185 -8.24 -34.13 -27.32
N GLN B 186 -9.47 -33.66 -27.06
CA GLN B 186 -10.59 -34.49 -26.55
C GLN B 186 -10.90 -35.72 -27.44
N ILE B 187 -10.93 -35.53 -28.75
CA ILE B 187 -11.14 -36.63 -29.73
C ILE B 187 -10.10 -37.77 -29.64
N LYS B 188 -8.82 -37.43 -29.74
CA LYS B 188 -7.74 -38.42 -29.80
C LYS B 188 -7.66 -39.27 -28.54
N GLU B 189 -7.80 -38.63 -27.39
CA GLU B 189 -7.61 -39.29 -26.08
C GLU B 189 -8.88 -40.00 -25.56
N ASN B 190 -10.03 -39.32 -25.67
CA ASN B 190 -11.28 -39.79 -25.04
C ASN B 190 -12.42 -40.23 -25.96
N GLN B 191 -12.48 -39.68 -27.17
CA GLN B 191 -13.62 -39.84 -28.07
C GLN B 191 -14.96 -39.35 -27.48
N LYS B 192 -14.89 -38.40 -26.55
CA LYS B 192 -16.03 -37.60 -26.11
C LYS B 192 -15.68 -36.15 -26.46
N ILE B 193 -16.57 -35.48 -27.20
CA ILE B 193 -16.52 -34.01 -27.31
C ILE B 193 -17.41 -33.45 -26.20
N THR B 194 -17.03 -32.29 -25.69
CA THR B 194 -17.70 -31.66 -24.56
C THR B 194 -18.28 -30.36 -25.09
N VAL B 195 -19.60 -30.34 -25.29
CA VAL B 195 -20.27 -29.26 -26.04
C VAL B 195 -21.22 -28.45 -25.12
N THR B 196 -21.31 -27.15 -25.33
CA THR B 196 -22.03 -26.28 -24.40
C THR B 196 -23.50 -26.14 -24.83
N ASP B 197 -23.70 -25.45 -25.95
CA ASP B 197 -24.97 -25.42 -26.65
C ASP B 197 -24.59 -25.31 -28.12
N LEU B 198 -24.90 -26.36 -28.87
CA LEU B 198 -24.61 -26.44 -30.31
C LEU B 198 -25.25 -25.34 -31.13
N SER B 199 -26.29 -24.69 -30.59
CA SER B 199 -26.96 -23.56 -31.27
C SER B 199 -26.31 -22.19 -31.04
N MET B 200 -25.04 -22.15 -30.64
CA MET B 200 -24.34 -20.91 -30.33
C MET B 200 -23.77 -20.27 -31.59
N SER B 201 -23.25 -19.05 -31.42
CA SER B 201 -22.80 -18.19 -32.53
C SER B 201 -21.55 -17.38 -32.11
N ARG B 202 -20.58 -17.23 -33.00
CA ARG B 202 -19.35 -16.46 -32.73
C ARG B 202 -18.81 -15.87 -34.02
N PHE B 203 -18.51 -14.56 -34.03
CA PHE B 203 -17.56 -14.01 -35.02
C PHE B 203 -16.22 -14.66 -34.72
N MET B 204 -15.48 -15.12 -35.74
CA MET B 204 -14.15 -15.73 -35.51
C MET B 204 -13.16 -15.19 -36.52
N MET B 205 -11.88 -15.14 -36.13
CA MET B 205 -10.85 -14.52 -36.95
C MET B 205 -9.55 -15.30 -36.89
N THR B 206 -8.74 -15.21 -37.94
CA THR B 206 -7.46 -15.92 -38.00
C THR B 206 -6.44 -15.30 -37.02
N LEU B 207 -5.38 -16.02 -36.68
CA LEU B 207 -4.32 -15.44 -35.86
C LEU B 207 -3.76 -14.21 -36.58
N ASN B 208 -3.37 -14.38 -37.84
CA ASN B 208 -2.94 -13.24 -38.68
C ASN B 208 -3.89 -12.07 -38.66
N GLN B 209 -5.18 -12.33 -38.82
CA GLN B 209 -6.14 -11.24 -38.89
C GLN B 209 -5.95 -10.30 -37.68
N ALA B 210 -5.97 -10.91 -36.49
CA ALA B 210 -5.90 -10.18 -35.22
C ALA B 210 -4.52 -9.54 -35.01
N THR B 211 -3.47 -10.24 -35.42
CA THR B 211 -2.11 -9.71 -35.37
C THR B 211 -2.05 -8.46 -36.24
N MET B 212 -2.47 -8.57 -37.50
CA MET B 212 -2.43 -7.46 -38.46
C MET B 212 -3.32 -6.28 -38.09
N LEU B 213 -4.48 -6.56 -37.52
CA LEU B 213 -5.36 -5.50 -36.98
C LEU B 213 -4.63 -4.64 -35.95
N THR B 214 -3.95 -5.33 -35.03
CA THR B 214 -3.26 -4.71 -33.91
C THR B 214 -2.06 -3.88 -34.35
N ILE B 215 -1.25 -4.43 -35.25
CA ILE B 215 -0.06 -3.74 -35.73
C ILE B 215 -0.44 -2.51 -36.58
N GLU B 216 -1.51 -2.63 -37.37
CA GLU B 216 -2.07 -1.52 -38.18
C GLU B 216 -2.50 -0.40 -37.29
N ALA B 217 -3.20 -0.76 -36.21
CA ALA B 217 -3.67 0.20 -35.18
C ALA B 217 -2.49 0.99 -34.56
N MET B 218 -1.39 0.31 -34.21
CA MET B 218 -0.12 1.00 -33.91
C MET B 218 0.29 2.08 -34.91
N LYS B 219 0.30 1.69 -36.18
CA LYS B 219 0.87 2.49 -37.27
C LYS B 219 0.01 3.71 -37.64
N ILE B 220 -1.29 3.49 -37.65
CA ILE B 220 -2.29 4.46 -38.15
C ILE B 220 -2.89 5.35 -37.04
N ALA B 221 -3.15 4.79 -35.85
CA ALA B 221 -4.03 5.41 -34.83
C ALA B 221 -3.72 6.85 -34.40
N LYS B 222 -4.77 7.66 -34.40
CA LYS B 222 -4.71 9.05 -33.99
C LYS B 222 -4.98 9.15 -32.49
N GLY B 223 -5.94 8.39 -32.00
CA GLY B 223 -6.23 8.32 -30.59
C GLY B 223 -7.71 8.33 -30.22
N GLY B 224 -8.05 7.55 -29.19
CA GLY B 224 -9.40 7.47 -28.69
C GLY B 224 -10.32 6.55 -29.47
N GLU B 225 -9.80 5.93 -30.55
CA GLU B 225 -10.62 5.13 -31.47
C GLU B 225 -10.58 3.66 -31.10
N THR B 226 -11.61 2.97 -31.58
CA THR B 226 -11.66 1.52 -31.52
C THR B 226 -11.69 0.94 -32.94
N PHE B 227 -10.84 -0.05 -33.20
CA PHE B 227 -10.84 -0.78 -34.47
C PHE B 227 -11.52 -2.14 -34.28
N ILE B 228 -12.49 -2.48 -35.13
CA ILE B 228 -13.09 -3.82 -35.15
C ILE B 228 -12.89 -4.34 -36.55
N LEU B 229 -12.42 -5.58 -36.72
CA LEU B 229 -12.23 -6.16 -38.05
C LEU B 229 -13.49 -6.88 -38.52
N LYS B 230 -13.85 -6.74 -39.79
CA LYS B 230 -15.02 -7.45 -40.35
C LYS B 230 -14.82 -8.97 -40.36
N MET B 231 -15.58 -9.64 -39.49
CA MET B 231 -15.34 -11.04 -39.18
C MET B 231 -16.47 -11.95 -39.66
N PRO B 232 -16.12 -13.20 -40.05
CA PRO B 232 -17.12 -14.20 -40.32
C PRO B 232 -17.72 -14.81 -39.06
N VAL B 233 -19.02 -15.11 -39.15
CA VAL B 233 -19.78 -15.82 -38.12
C VAL B 233 -19.62 -17.32 -38.37
N ILE B 234 -19.52 -18.08 -37.29
CA ILE B 234 -19.37 -19.53 -37.36
C ILE B 234 -20.37 -20.18 -36.41
N SER B 235 -21.00 -21.25 -36.88
CA SER B 235 -21.94 -22.03 -36.10
C SER B 235 -21.18 -23.08 -35.26
N LEU B 236 -21.51 -23.21 -33.96
CA LEU B 236 -20.89 -24.23 -33.11
C LEU B 236 -21.34 -25.67 -33.44
N ASN B 237 -22.50 -25.82 -34.11
CA ASN B 237 -22.90 -27.10 -34.70
C ASN B 237 -21.95 -27.44 -35.85
N ASP B 238 -21.81 -26.51 -36.80
CA ASP B 238 -20.92 -26.69 -37.97
C ASP B 238 -19.47 -26.94 -37.61
N LEU B 239 -19.00 -26.27 -36.54
CA LEU B 239 -17.64 -26.42 -36.03
C LEU B 239 -17.46 -27.80 -35.41
N SER B 240 -18.40 -28.23 -34.56
CA SER B 240 -18.30 -29.53 -33.87
C SER B 240 -18.20 -30.70 -34.87
N GLU B 241 -19.00 -30.66 -35.93
CA GLU B 241 -18.96 -31.73 -36.96
C GLU B 241 -17.69 -31.67 -37.84
N VAL B 242 -17.41 -30.48 -38.38
CA VAL B 242 -16.19 -30.20 -39.16
C VAL B 242 -14.92 -30.68 -38.44
N MET B 243 -14.93 -30.51 -37.12
CA MET B 243 -13.82 -30.87 -36.24
C MET B 243 -13.70 -32.39 -36.14
N ILE B 244 -14.79 -33.06 -35.75
CA ILE B 244 -14.84 -34.53 -35.63
C ILE B 244 -14.41 -35.22 -36.92
N GLU B 245 -14.94 -34.75 -38.05
CA GLU B 245 -14.60 -35.30 -39.37
C GLU B 245 -13.12 -35.21 -39.65
N GLU B 246 -12.56 -34.01 -39.45
CA GLU B 246 -11.18 -33.74 -39.84
C GLU B 246 -10.12 -34.33 -38.91
N VAL B 247 -10.42 -34.38 -37.61
CA VAL B 247 -9.53 -34.98 -36.61
C VAL B 247 -9.52 -36.51 -36.84
N THR B 248 -10.70 -37.11 -36.89
CA THR B 248 -10.80 -38.55 -37.19
C THR B 248 -10.02 -38.90 -38.48
N LYS B 249 -10.02 -38.01 -39.47
CA LYS B 249 -9.28 -38.20 -40.73
C LYS B 249 -7.78 -38.54 -40.52
N GLU B 256 -15.20 -41.77 -36.29
CA GLU B 256 -16.51 -41.13 -36.25
C GLU B 256 -17.55 -41.93 -35.42
N ASN B 257 -17.06 -42.66 -34.41
CA ASN B 257 -17.86 -43.12 -33.26
C ASN B 257 -17.55 -42.26 -32.02
N ILE B 258 -17.36 -40.95 -32.24
CA ILE B 258 -16.89 -39.97 -31.24
C ILE B 258 -18.07 -39.35 -30.55
N LYS B 259 -18.45 -39.90 -29.41
CA LYS B 259 -19.66 -39.40 -28.71
C LYS B 259 -19.64 -37.89 -28.38
N ILE B 260 -20.81 -37.26 -28.42
CA ILE B 260 -20.97 -35.85 -28.08
C ILE B 260 -21.68 -35.78 -26.73
N GLU B 261 -21.05 -35.11 -25.77
CA GLU B 261 -21.61 -34.85 -24.44
C GLU B 261 -22.06 -33.39 -24.33
N GLU B 262 -23.30 -33.18 -23.88
CA GLU B 262 -23.81 -31.85 -23.57
C GLU B 262 -23.59 -31.55 -22.08
N ILE B 263 -22.58 -30.73 -21.81
CA ILE B 263 -22.30 -30.22 -20.45
C ILE B 263 -23.10 -28.97 -20.08
N GLY B 264 -23.66 -28.28 -21.07
CA GLY B 264 -24.42 -27.05 -20.84
C GLY B 264 -23.52 -25.82 -20.83
N LEU B 265 -24.12 -24.69 -20.47
CA LEU B 265 -23.42 -23.40 -20.45
C LEU B 265 -22.55 -23.32 -19.23
N LYS B 266 -21.29 -22.94 -19.42
CA LYS B 266 -20.44 -22.47 -18.33
C LYS B 266 -20.94 -21.06 -17.89
N PRO B 267 -20.65 -20.65 -16.63
CA PRO B 267 -21.21 -19.35 -16.12
C PRO B 267 -20.84 -18.12 -16.96
N GLY B 268 -21.80 -17.22 -17.15
CA GLY B 268 -21.60 -15.97 -17.86
C GLY B 268 -21.75 -15.99 -19.37
N GLU B 269 -21.75 -17.19 -19.97
CA GLU B 269 -21.63 -17.30 -21.43
C GLU B 269 -22.76 -16.62 -22.18
N LYS B 270 -22.41 -16.09 -23.35
CA LYS B 270 -23.35 -15.41 -24.23
C LYS B 270 -23.60 -16.30 -25.47
N MET B 271 -24.86 -16.37 -25.91
CA MET B 271 -25.23 -17.25 -27.02
C MET B 271 -24.70 -16.74 -28.36
N TYR B 272 -24.45 -15.43 -28.42
CA TYR B 272 -23.94 -14.72 -29.59
C TYR B 272 -22.95 -13.67 -29.11
N GLU B 273 -22.18 -13.07 -30.04
CA GLU B 273 -21.31 -11.91 -29.75
C GLU B 273 -21.53 -10.85 -30.79
N GLU B 274 -21.13 -9.63 -30.47
CA GLU B 274 -21.49 -8.43 -31.25
C GLU B 274 -20.28 -7.47 -31.45
N LEU B 275 -20.00 -7.12 -32.70
CA LEU B 275 -18.91 -6.16 -33.06
C LEU B 275 -19.01 -4.74 -32.45
N MET B 276 -20.23 -4.33 -32.12
CA MET B 276 -20.50 -3.03 -31.53
C MET B 276 -21.99 -2.93 -31.10
N THR B 277 -22.28 -2.03 -30.17
CA THR B 277 -23.67 -1.68 -29.84
C THR B 277 -24.34 -0.97 -31.02
N HIS B 278 -25.67 -1.03 -31.08
CA HIS B 278 -26.44 -0.22 -32.06
C HIS B 278 -26.02 1.25 -32.00
N ASP B 279 -25.94 1.75 -30.76
CA ASP B 279 -25.47 3.08 -30.41
C ASP B 279 -24.11 3.48 -31.02
N GLU B 280 -23.18 2.54 -31.11
CA GLU B 280 -21.91 2.76 -31.81
C GLU B 280 -22.05 2.69 -33.36
N SER B 281 -22.99 1.92 -33.87
CA SER B 281 -23.24 1.93 -35.33
C SER B 281 -23.74 3.28 -35.83
N LEU B 282 -24.33 4.06 -34.93
CA LEU B 282 -24.80 5.41 -35.25
C LEU B 282 -23.64 6.37 -35.52
N GLN B 283 -22.50 6.15 -34.85
CA GLN B 283 -21.30 6.98 -35.05
C GLN B 283 -20.12 6.35 -35.80
N ALA B 284 -20.15 5.02 -35.98
CA ALA B 284 -19.02 4.28 -36.56
C ALA B 284 -18.77 4.57 -38.05
N PHE B 285 -17.51 4.43 -38.49
CA PHE B 285 -17.17 4.51 -39.91
C PHE B 285 -16.85 3.14 -40.48
N GLU B 286 -17.03 3.01 -41.79
CA GLU B 286 -16.74 1.77 -42.53
C GLU B 286 -15.54 1.92 -43.48
N LEU B 287 -14.93 0.80 -43.76
CA LEU B 287 -13.73 0.73 -44.57
C LEU B 287 -13.80 -0.62 -45.31
N PRO B 288 -12.77 -0.95 -46.10
CA PRO B 288 -12.80 -2.23 -46.78
C PRO B 288 -13.01 -3.44 -45.86
N ASP B 289 -12.13 -3.64 -44.87
CA ASP B 289 -12.20 -4.83 -43.98
C ASP B 289 -12.09 -4.48 -42.50
N MET B 290 -12.87 -3.49 -42.07
CA MET B 290 -12.69 -2.88 -40.76
C MET B 290 -13.79 -1.87 -40.45
N PHE B 291 -14.15 -1.67 -39.18
CA PHE B 291 -14.95 -0.52 -38.72
C PHE B 291 -14.08 0.37 -37.82
N ILE B 292 -14.35 1.68 -37.77
CA ILE B 292 -13.70 2.61 -36.84
C ILE B 292 -14.74 3.36 -35.97
N ILE B 293 -14.68 3.16 -34.66
CA ILE B 293 -15.53 3.84 -33.68
C ILE B 293 -14.68 4.93 -33.02
N PRO B 294 -14.96 6.21 -33.32
CA PRO B 294 -14.19 7.32 -32.72
C PRO B 294 -14.57 7.63 -31.26
N SER B 295 -13.74 8.43 -30.61
CA SER B 295 -13.81 8.69 -29.17
C SER B 295 -15.19 9.25 -28.87
N PRO B 296 -15.94 8.63 -27.93
CA PRO B 296 -17.21 9.26 -27.56
C PRO B 296 -17.13 10.53 -26.71
N LEU B 297 -15.93 11.09 -26.45
CA LEU B 297 -15.73 12.22 -25.52
C LEU B 297 -15.32 13.54 -26.22
N ALA B 306 -14.11 9.96 -44.81
CA ALA B 306 -14.40 8.69 -44.11
C ALA B 306 -15.86 8.27 -44.25
N LYS B 307 -16.12 7.03 -44.67
CA LYS B 307 -17.49 6.57 -44.97
C LYS B 307 -18.26 6.17 -43.71
N ARG B 308 -19.48 6.71 -43.57
CA ARG B 308 -20.37 6.34 -42.46
C ARG B 308 -20.74 4.86 -42.54
N ALA B 309 -20.83 4.25 -41.37
CA ALA B 309 -21.27 2.87 -41.26
C ALA B 309 -22.77 2.87 -41.37
N LYS B 310 -23.35 1.79 -41.89
CA LYS B 310 -24.79 1.60 -41.81
C LYS B 310 -25.16 1.31 -40.37
N ALA B 311 -26.16 2.02 -39.83
CA ALA B 311 -26.67 1.77 -38.47
C ALA B 311 -27.26 0.36 -38.37
N GLY B 312 -27.57 -0.07 -37.14
CA GLY B 312 -28.11 -1.42 -36.91
C GLY B 312 -27.28 -2.30 -35.99
N PHE B 313 -27.82 -3.47 -35.67
CA PHE B 313 -27.20 -4.41 -34.73
C PHE B 313 -26.29 -5.37 -35.46
N TYR B 314 -25.01 -5.34 -35.09
CA TYR B 314 -24.01 -6.26 -35.61
C TYR B 314 -23.86 -7.44 -34.65
N ARG B 315 -24.94 -8.22 -34.51
CA ARG B 315 -24.93 -9.47 -33.74
C ARG B 315 -24.49 -10.58 -34.66
N SER B 316 -23.95 -11.64 -34.07
CA SER B 316 -23.65 -12.88 -34.78
C SER B 316 -24.94 -13.69 -35.10
N ASP B 317 -26.02 -13.45 -34.36
CA ASP B 317 -27.42 -13.75 -34.82
C ASP B 317 -27.64 -13.33 -36.28
N ASN B 320 -26.50 -14.86 -41.09
CA ASN B 320 -25.92 -15.94 -41.88
C ASN B 320 -24.59 -16.32 -41.29
N ALA B 321 -24.37 -17.61 -41.09
CA ALA B 321 -23.05 -18.15 -40.74
C ALA B 321 -22.38 -18.63 -41.99
N ILE B 322 -21.07 -18.83 -41.93
CA ILE B 322 -20.36 -19.49 -43.02
C ILE B 322 -20.79 -20.95 -42.98
N SER B 323 -20.81 -21.59 -44.14
CA SER B 323 -21.25 -22.98 -44.28
C SER B 323 -20.28 -23.97 -43.59
N LYS B 324 -20.65 -25.24 -43.54
CA LYS B 324 -19.75 -26.30 -43.09
C LYS B 324 -18.48 -26.39 -43.94
N GLU B 325 -18.61 -26.15 -45.24
CA GLU B 325 -17.50 -26.37 -46.18
C GLU B 325 -16.50 -25.21 -46.18
N GLU B 326 -16.99 -23.96 -46.09
CA GLU B 326 -16.11 -22.78 -45.97
C GLU B 326 -15.28 -22.88 -44.70
N LEU B 327 -15.95 -23.28 -43.62
CA LEU B 327 -15.34 -23.51 -42.31
C LEU B 327 -14.18 -24.50 -42.36
N ARG B 328 -14.46 -25.71 -42.85
CA ARG B 328 -13.48 -26.77 -43.04
C ARG B 328 -12.24 -26.24 -43.79
N ASN B 329 -12.46 -25.48 -44.87
CA ASN B 329 -11.35 -24.83 -45.57
C ASN B 329 -10.53 -23.90 -44.68
N LEU B 330 -11.22 -23.05 -43.91
CA LEU B 330 -10.55 -22.15 -42.96
C LEU B 330 -9.63 -22.88 -41.98
N ILE B 331 -10.13 -23.96 -41.40
CA ILE B 331 -9.38 -24.76 -40.43
C ILE B 331 -8.13 -25.40 -41.05
N LEU B 332 -8.33 -26.13 -42.15
CA LEU B 332 -7.24 -26.83 -42.87
C LEU B 332 -6.20 -25.89 -43.50
N ASN B 333 -6.63 -24.69 -43.88
CA ASN B 333 -5.68 -23.64 -44.27
C ASN B 333 -4.76 -23.12 -43.13
N GLN B 334 -5.04 -23.50 -41.88
CA GLN B 334 -4.07 -23.41 -40.79
C GLN B 334 -4.10 -24.69 -39.93
N MET C 3 -6.75 -42.62 5.11
CA MET C 3 -5.88 -42.45 6.34
C MET C 3 -5.93 -40.97 6.89
N PHE C 4 -4.85 -40.18 6.71
CA PHE C 4 -4.63 -38.88 7.39
C PHE C 4 -5.54 -37.72 6.88
N PHE C 5 -5.77 -37.65 5.57
CA PHE C 5 -6.48 -36.53 4.98
C PHE C 5 -7.97 -36.78 4.82
N LYS C 6 -8.41 -37.99 5.22
CA LYS C 6 -9.82 -38.36 5.32
C LYS C 6 -10.62 -37.20 5.86
N ASP C 7 -11.48 -36.65 5.01
CA ASP C 7 -12.44 -35.65 5.41
C ASP C 7 -11.86 -34.35 5.93
N LYS C 8 -10.69 -33.98 5.41
CA LYS C 8 -10.05 -32.70 5.72
C LYS C 8 -10.12 -31.73 4.51
N ASN C 9 -9.70 -30.49 4.77
CA ASN C 9 -9.62 -29.42 3.78
C ASN C 9 -8.15 -29.09 3.49
N VAL C 10 -7.77 -29.05 2.23
CA VAL C 10 -6.35 -28.89 1.86
C VAL C 10 -6.16 -27.84 0.79
N LEU C 11 -5.19 -26.94 1.02
CA LEU C 11 -4.74 -25.96 0.01
C LEU C 11 -3.37 -26.38 -0.50
N ILE C 12 -3.24 -26.55 -1.84
CA ILE C 12 -1.94 -26.72 -2.49
C ILE C 12 -1.63 -25.47 -3.25
N ILE C 13 -1.00 -24.53 -2.55
CA ILE C 13 -0.49 -23.27 -3.13
C ILE C 13 0.59 -23.61 -4.16
N GLY C 14 0.22 -23.52 -5.44
CA GLY C 14 1.06 -23.94 -6.57
C GLY C 14 0.77 -25.37 -7.05
N GLY C 15 -0.52 -25.74 -7.05
CA GLY C 15 -0.96 -27.06 -7.48
C GLY C 15 -1.05 -27.29 -8.98
N THR C 16 -0.82 -26.26 -9.80
CA THR C 16 -0.81 -26.45 -11.26
C THR C 16 0.52 -27.00 -11.76
N GLY C 17 1.58 -26.84 -10.98
CA GLY C 17 2.92 -27.29 -11.37
C GLY C 17 3.22 -28.76 -11.13
N THR C 18 4.47 -29.14 -11.39
CA THR C 18 4.92 -30.52 -11.37
C THR C 18 4.67 -31.22 -10.02
N ILE C 19 5.16 -30.60 -8.97
CA ILE C 19 5.08 -31.18 -7.64
C ILE C 19 3.70 -30.96 -7.00
N GLY C 20 3.09 -29.82 -7.28
CA GLY C 20 1.75 -29.52 -6.79
C GLY C 20 0.65 -30.40 -7.34
N LYS C 21 0.70 -30.75 -8.63
CA LYS C 21 -0.21 -31.75 -9.19
C LYS C 21 0.01 -33.13 -8.58
N SER C 22 1.25 -33.61 -8.54
CA SER C 22 1.49 -34.94 -7.99
C SER C 22 0.95 -35.05 -6.55
N ILE C 23 1.25 -34.06 -5.69
CA ILE C 23 0.65 -33.97 -4.34
C ILE C 23 -0.90 -34.04 -4.38
N LEU C 24 -1.51 -33.30 -5.31
CA LEU C 24 -2.98 -33.24 -5.49
C LEU C 24 -3.59 -34.61 -5.64
N SER C 25 -3.09 -35.37 -6.61
CA SER C 25 -3.62 -36.71 -6.86
C SER C 25 -3.30 -37.68 -5.71
N ASN C 26 -2.18 -37.50 -5.02
CA ASN C 26 -1.85 -38.40 -3.91
C ASN C 26 -2.76 -38.12 -2.75
N VAL C 27 -2.95 -36.84 -2.44
CA VAL C 27 -3.89 -36.40 -1.39
C VAL C 27 -5.32 -36.80 -1.74
N LEU C 28 -5.64 -36.82 -3.02
CA LEU C 28 -7.00 -37.18 -3.47
C LEU C 28 -7.41 -38.63 -3.18
N GLN C 29 -6.46 -39.56 -3.14
CA GLN C 29 -6.76 -40.96 -2.85
C GLN C 29 -7.04 -41.25 -1.37
N GLU C 30 -6.59 -40.38 -0.45
CA GLU C 30 -7.06 -40.46 0.95
C GLU C 30 -8.44 -39.83 1.19
N LYS C 31 -9.03 -39.26 0.14
CA LYS C 31 -10.45 -38.93 0.11
C LYS C 31 -10.80 -37.81 1.12
N PRO C 32 -10.29 -36.59 0.88
CA PRO C 32 -10.52 -35.45 1.76
C PRO C 32 -11.79 -34.71 1.43
N LYS C 33 -12.20 -33.80 2.30
CA LYS C 33 -13.44 -33.10 2.05
C LYS C 33 -13.33 -32.28 0.78
N VAL C 34 -12.31 -31.43 0.72
CA VAL C 34 -12.00 -30.64 -0.48
C VAL C 34 -10.50 -30.47 -0.54
N VAL C 35 -9.98 -30.36 -1.76
CA VAL C 35 -8.61 -29.91 -2.01
C VAL C 35 -8.73 -28.68 -2.86
N ARG C 36 -8.01 -27.62 -2.52
CA ARG C 36 -8.00 -26.41 -3.31
C ARG C 36 -6.70 -26.29 -4.10
N VAL C 37 -6.79 -25.83 -5.34
CA VAL C 37 -5.62 -25.52 -6.20
C VAL C 37 -5.52 -24.00 -6.35
N PHE C 38 -4.35 -23.44 -6.00
CA PHE C 38 -4.08 -21.99 -6.00
C PHE C 38 -2.88 -21.67 -6.93
N SER C 39 -3.16 -21.05 -8.06
CA SER C 39 -2.22 -20.82 -9.13
C SER C 39 -2.63 -19.49 -9.74
N ARG C 40 -1.70 -18.76 -10.35
CA ARG C 40 -2.06 -17.51 -11.05
C ARG C 40 -2.70 -17.73 -12.41
N SER C 41 -2.26 -18.74 -13.13
CA SER C 41 -2.52 -18.85 -14.55
C SER C 41 -3.80 -19.65 -14.87
N GLU C 42 -4.80 -18.97 -15.41
CA GLU C 42 -6.04 -19.62 -15.85
C GLU C 42 -5.87 -20.72 -16.89
N TYR C 43 -4.94 -20.56 -17.81
CA TYR C 43 -4.73 -21.59 -18.84
C TYR C 43 -4.22 -22.92 -18.25
N ASN C 44 -3.35 -22.83 -17.23
CA ASN C 44 -2.85 -24.01 -16.51
C ASN C 44 -3.91 -24.69 -15.68
N GLN C 45 -4.70 -23.87 -15.01
CA GLN C 45 -5.86 -24.35 -14.29
C GLN C 45 -6.87 -24.96 -15.25
N PHE C 46 -7.07 -24.34 -16.42
CA PHE C 46 -7.96 -24.86 -17.47
C PHE C 46 -7.51 -26.25 -17.93
N LEU C 47 -6.23 -26.45 -18.19
CA LEU C 47 -5.74 -27.77 -18.55
C LEU C 47 -6.01 -28.82 -17.47
N LEU C 48 -5.63 -28.50 -16.22
CA LEU C 48 -5.86 -29.36 -15.05
C LEU C 48 -7.32 -29.68 -14.88
N GLN C 49 -8.14 -28.64 -14.82
CA GLN C 49 -9.60 -28.80 -14.86
C GLN C 49 -10.04 -29.91 -15.85
N GLU C 50 -9.58 -29.79 -17.09
CA GLU C 50 -9.98 -30.72 -18.14
C GLU C 50 -9.39 -32.13 -17.96
N GLU C 51 -8.20 -32.18 -17.39
CA GLU C 51 -7.55 -33.45 -17.12
C GLU C 51 -8.23 -34.18 -15.96
N PHE C 52 -8.90 -33.44 -15.08
CA PHE C 52 -9.69 -34.03 -13.99
C PHE C 52 -11.18 -33.97 -14.35
N ARG C 53 -11.53 -34.59 -15.48
CA ARG C 53 -12.92 -34.55 -16.01
C ARG C 53 -13.97 -35.05 -15.02
N ASP C 54 -13.74 -36.24 -14.47
CA ASP C 54 -14.68 -36.92 -13.56
C ASP C 54 -14.26 -37.00 -12.07
N LYS C 55 -12.98 -36.79 -11.78
CA LYS C 55 -12.48 -36.70 -10.40
C LYS C 55 -12.76 -35.32 -9.72
N ASN C 56 -12.99 -34.28 -10.54
CA ASN C 56 -13.35 -32.93 -10.04
C ASN C 56 -14.70 -32.92 -9.38
N ARG C 57 -14.70 -32.82 -8.07
CA ARG C 57 -15.92 -32.65 -7.29
C ARG C 57 -15.58 -32.34 -5.85
N ASN C 58 -14.52 -32.95 -5.33
CA ASN C 58 -13.83 -32.50 -4.11
C ASN C 58 -12.59 -31.60 -4.39
N ILE C 59 -12.53 -30.98 -5.58
CA ILE C 59 -11.44 -30.07 -5.99
C ILE C 59 -12.01 -28.70 -6.29
N ARG C 60 -11.33 -27.65 -5.87
CA ARG C 60 -11.72 -26.28 -6.22
C ARG C 60 -10.55 -25.58 -6.91
N TYR C 61 -10.84 -24.66 -7.83
CA TYR C 61 -9.78 -24.01 -8.61
C TYR C 61 -9.72 -22.47 -8.39
N LEU C 62 -8.88 -22.06 -7.44
CA LEU C 62 -8.73 -20.66 -7.04
C LEU C 62 -7.57 -19.99 -7.73
N ILE C 63 -7.90 -19.13 -8.69
CA ILE C 63 -6.95 -18.24 -9.32
C ILE C 63 -6.54 -17.18 -8.30
N GLY C 64 -5.24 -16.89 -8.27
CA GLY C 64 -4.68 -16.08 -7.19
C GLY C 64 -3.17 -15.94 -7.25
N ASP C 65 -2.63 -14.98 -6.49
CA ASP C 65 -1.20 -14.77 -6.40
C ASP C 65 -0.74 -14.62 -4.97
N ILE C 66 0.25 -15.42 -4.56
CA ILE C 66 0.85 -15.36 -3.18
C ILE C 66 1.51 -14.03 -2.78
N ARG C 67 1.73 -13.12 -3.75
CA ARG C 67 2.12 -11.73 -3.47
C ARG C 67 0.92 -10.94 -2.86
N ASN C 68 -0.30 -11.40 -3.13
CA ASN C 68 -1.55 -10.85 -2.59
C ASN C 68 -1.94 -11.49 -1.25
N TYR C 69 -1.71 -10.82 -0.12
CA TYR C 69 -2.06 -11.41 1.18
C TYR C 69 -3.56 -11.75 1.28
N ASP C 70 -4.41 -10.73 1.13
CA ASP C 70 -5.88 -10.86 1.12
C ASP C 70 -6.47 -12.05 0.36
N ARG C 71 -5.85 -12.42 -0.76
CA ARG C 71 -6.31 -13.57 -1.54
C ARG C 71 -5.76 -14.90 -1.03
N VAL C 72 -4.53 -14.87 -0.54
CA VAL C 72 -3.96 -15.98 0.20
C VAL C 72 -4.83 -16.26 1.43
N PHE C 73 -5.27 -15.19 2.06
CA PHE C 73 -6.15 -15.25 3.22
C PHE C 73 -7.42 -16.06 2.98
N SER C 74 -8.18 -15.67 1.95
CA SER C 74 -9.50 -16.27 1.69
C SER C 74 -9.42 -17.65 1.10
N ALA C 75 -8.33 -17.98 0.42
CA ALA C 75 -8.05 -19.35 -0.02
C ALA C 75 -7.83 -20.25 1.16
N MET C 76 -7.22 -19.74 2.22
CA MET C 76 -7.01 -20.53 3.46
C MET C 76 -8.21 -20.69 4.42
N GLU C 77 -9.32 -20.05 4.11
CA GLU C 77 -10.46 -20.05 5.03
C GLU C 77 -10.85 -21.47 5.42
N ASN C 78 -10.90 -21.69 6.74
CA ASN C 78 -11.32 -22.95 7.35
C ASN C 78 -10.56 -24.18 6.81
N ILE C 79 -9.32 -23.96 6.34
CA ILE C 79 -8.48 -25.03 5.81
C ILE C 79 -7.55 -25.59 6.87
N ASP C 80 -7.25 -26.88 6.73
CA ASP C 80 -6.52 -27.62 7.72
C ASP C 80 -5.06 -27.79 7.33
N TYR C 81 -4.75 -28.04 6.06
CA TYR C 81 -3.35 -28.36 5.65
C TYR C 81 -2.93 -27.61 4.40
N VAL C 82 -1.90 -26.77 4.55
CA VAL C 82 -1.37 -25.90 3.48
C VAL C 82 -0.04 -26.48 2.93
N PHE C 83 0.00 -26.76 1.63
CA PHE C 83 1.25 -27.04 0.94
C PHE C 83 1.70 -25.82 0.12
N HIS C 84 2.77 -25.14 0.59
CA HIS C 84 3.34 -23.96 -0.09
C HIS C 84 4.44 -24.38 -1.11
N VAL C 85 3.97 -24.65 -2.33
CA VAL C 85 4.76 -25.20 -3.43
C VAL C 85 5.01 -24.18 -4.60
N ALA C 86 4.31 -23.03 -4.58
CA ALA C 86 4.61 -21.91 -5.51
C ALA C 86 5.95 -21.20 -5.21
N ALA C 87 6.59 -20.77 -6.31
CA ALA C 87 7.92 -20.08 -6.34
C ALA C 87 8.43 -19.91 -7.76
N MET C 88 9.34 -18.96 -7.92
CA MET C 88 10.20 -18.94 -9.09
C MET C 88 11.38 -19.80 -8.70
N LYS C 89 11.59 -20.86 -9.48
CA LYS C 89 12.55 -21.93 -9.19
C LYS C 89 13.69 -22.00 -10.18
N HIS C 90 13.80 -21.03 -11.08
CA HIS C 90 14.85 -21.02 -12.10
C HIS C 90 15.97 -20.13 -11.65
N VAL C 91 17.18 -20.69 -11.61
CA VAL C 91 18.37 -19.96 -11.20
C VAL C 91 18.59 -18.76 -12.10
N SER C 92 18.59 -18.97 -13.43
CA SER C 92 18.93 -17.88 -14.35
C SER C 92 17.90 -16.76 -14.24
N PHE C 93 16.61 -17.10 -14.38
CA PHE C 93 15.51 -16.12 -14.25
C PHE C 93 15.54 -15.29 -12.95
N CYS C 94 15.94 -15.92 -11.84
CA CYS C 94 15.99 -15.26 -10.51
C CYS C 94 17.21 -14.34 -10.34
N GLU C 95 18.25 -14.54 -11.16
CA GLU C 95 19.37 -13.56 -11.25
C GLU C 95 19.05 -12.36 -12.12
N TYR C 96 18.35 -12.55 -13.24
CA TYR C 96 17.92 -11.44 -14.14
C TYR C 96 16.67 -10.71 -13.67
N ASN C 97 15.82 -11.37 -12.88
CA ASN C 97 14.62 -10.72 -12.30
C ASN C 97 14.61 -10.96 -10.79
N PRO C 98 15.59 -10.40 -10.06
CA PRO C 98 15.74 -10.74 -8.66
C PRO C 98 14.74 -10.08 -7.74
N PHE C 99 14.24 -8.89 -8.04
CA PHE C 99 13.19 -8.39 -7.18
C PHE C 99 11.88 -9.21 -7.33
N GLU C 100 11.63 -9.75 -8.52
CA GLU C 100 10.49 -10.62 -8.73
C GLU C 100 10.65 -11.88 -7.90
N ALA C 101 11.85 -12.44 -7.92
CA ALA C 101 12.16 -13.54 -7.02
C ALA C 101 11.92 -13.21 -5.52
N VAL C 102 12.23 -11.97 -5.12
CA VAL C 102 11.97 -11.53 -3.73
C VAL C 102 10.48 -11.55 -3.44
N LEU C 103 9.67 -11.00 -4.32
CA LEU C 103 8.23 -10.93 -4.08
C LEU C 103 7.63 -12.36 -3.99
N THR C 104 7.94 -13.21 -4.94
CA THR C 104 7.34 -14.54 -4.97
C THR C 104 7.96 -15.46 -3.88
N ASN C 105 9.29 -15.52 -3.79
CA ASN C 105 9.95 -16.45 -2.87
C ASN C 105 10.01 -16.00 -1.38
N ILE C 106 10.19 -14.70 -1.10
CA ILE C 106 10.22 -14.19 0.29
C ILE C 106 8.87 -13.62 0.73
N PHE C 107 8.46 -12.49 0.10
CA PHE C 107 7.26 -11.75 0.50
C PHE C 107 6.03 -12.64 0.47
N GLY C 108 5.96 -13.51 -0.54
CA GLY C 108 4.89 -14.51 -0.64
C GLY C 108 4.90 -15.58 0.43
N THR C 109 6.10 -16.03 0.83
CA THR C 109 6.19 -16.97 1.94
C THR C 109 5.67 -16.28 3.21
N GLN C 110 6.00 -15.00 3.42
CA GLN C 110 5.43 -14.32 4.60
C GLN C 110 3.94 -14.22 4.57
N ASN C 111 3.38 -13.88 3.41
CA ASN C 111 1.94 -13.86 3.28
C ASN C 111 1.33 -15.21 3.69
N VAL C 112 1.90 -16.33 3.22
CA VAL C 112 1.44 -17.65 3.65
C VAL C 112 1.45 -17.76 5.20
N ILE C 113 2.59 -17.49 5.80
CA ILE C 113 2.82 -17.64 7.24
C ILE C 113 1.79 -16.83 8.05
N LYS C 114 1.68 -15.55 7.70
CA LYS C 114 0.76 -14.61 8.32
C LYS C 114 -0.71 -15.05 8.15
N ALA C 115 -1.06 -15.46 6.94
CA ALA C 115 -2.41 -15.92 6.60
C ALA C 115 -2.81 -17.23 7.29
N ALA C 116 -1.82 -18.13 7.41
CA ALA C 116 -2.00 -19.44 8.00
C ALA C 116 -2.23 -19.35 9.51
N ILE C 117 -1.47 -18.46 10.17
CA ILE C 117 -1.71 -18.13 11.59
C ILE C 117 -3.09 -17.52 11.77
N ALA C 118 -3.45 -16.57 10.91
CA ALA C 118 -4.72 -15.84 11.02
C ALA C 118 -5.95 -16.75 10.87
N GLN C 119 -5.88 -17.74 9.97
CA GLN C 119 -7.00 -18.70 9.74
C GLN C 119 -6.96 -19.97 10.60
N LYS C 120 -6.00 -20.04 11.53
CA LYS C 120 -5.87 -21.14 12.47
C LYS C 120 -5.75 -22.49 11.76
N VAL C 121 -4.92 -22.49 10.72
CA VAL C 121 -4.51 -23.67 9.98
C VAL C 121 -3.77 -24.62 10.93
N LYS C 122 -3.82 -25.92 10.67
CA LYS C 122 -3.10 -26.90 11.49
C LYS C 122 -1.59 -26.95 11.20
N LYS C 123 -1.23 -27.17 9.93
CA LYS C 123 0.17 -27.27 9.51
C LYS C 123 0.40 -26.70 8.14
N VAL C 124 1.66 -26.30 7.93
CA VAL C 124 2.17 -25.80 6.67
C VAL C 124 3.49 -26.49 6.37
N VAL C 125 3.65 -26.93 5.13
CA VAL C 125 4.92 -27.47 4.63
C VAL C 125 5.44 -26.56 3.55
N PHE C 126 6.58 -25.94 3.82
CA PHE C 126 7.29 -25.17 2.81
C PHE C 126 8.22 -26.12 2.03
N THR C 127 8.34 -25.83 0.75
CA THR C 127 9.07 -26.64 -0.17
C THR C 127 10.30 -25.83 -0.58
N SER C 128 11.43 -26.10 0.08
CA SER C 128 12.72 -25.44 -0.20
C SER C 128 13.50 -26.28 -1.18
N SER C 129 14.66 -25.75 -1.59
CA SER C 129 15.66 -26.47 -2.39
C SER C 129 16.95 -26.70 -1.60
N ASN C 130 17.77 -27.64 -2.06
CA ASN C 130 19.11 -27.80 -1.52
C ASN C 130 20.04 -26.68 -2.00
N ALA C 131 19.51 -25.80 -2.87
CA ALA C 131 20.18 -24.54 -3.24
C ALA C 131 20.36 -23.54 -2.09
N ALA C 132 19.56 -23.67 -1.05
CA ALA C 132 19.64 -22.79 0.10
C ALA C 132 20.91 -22.96 0.92
N ILE C 133 21.74 -23.96 0.61
CA ILE C 133 22.91 -24.26 1.40
C ILE C 133 24.10 -23.58 0.76
N SER C 134 24.69 -22.61 1.48
CA SER C 134 25.86 -21.92 1.00
C SER C 134 25.64 -21.54 -0.47
N PRO C 135 24.59 -20.74 -0.76
CA PRO C 135 24.20 -20.42 -2.13
C PRO C 135 25.09 -19.43 -2.87
N THR C 136 25.11 -19.60 -4.19
CA THR C 136 25.85 -18.78 -5.15
C THR C 136 24.89 -18.02 -6.09
N ASN C 137 23.60 -18.04 -5.75
CA ASN C 137 22.61 -17.30 -6.53
C ASN C 137 21.49 -16.72 -5.67
N ASN C 138 20.77 -15.79 -6.30
CA ASN C 138 19.67 -15.07 -5.67
C ASN C 138 18.58 -16.06 -5.36
N TYR C 139 18.37 -17.06 -6.21
CA TYR C 139 17.32 -18.07 -5.96
C TYR C 139 17.56 -18.77 -4.63
N GLY C 140 18.75 -19.33 -4.48
CA GLY C 140 19.14 -19.97 -3.22
C GLY C 140 19.24 -18.97 -2.06
N ALA C 141 19.55 -17.71 -2.39
CA ALA C 141 19.42 -16.64 -1.40
C ALA C 141 18.01 -16.51 -0.85
N THR C 142 17.01 -16.50 -1.73
CA THR C 142 15.59 -16.43 -1.31
C THR C 142 15.14 -17.71 -0.60
N LYS C 143 15.66 -18.87 -0.99
CA LYS C 143 15.22 -20.08 -0.31
C LYS C 143 15.79 -20.19 1.12
N LEU C 144 17.04 -19.81 1.29
CA LEU C 144 17.58 -19.66 2.63
C LEU C 144 16.70 -18.74 3.46
N THR C 145 16.36 -17.58 2.90
CA THR C 145 15.52 -16.60 3.59
C THR C 145 14.12 -17.16 3.90
N ALA C 146 13.47 -17.74 2.90
CA ALA C 146 12.19 -18.45 3.12
C ALA C 146 12.29 -19.49 4.23
N GLU C 147 13.17 -20.50 4.06
CA GLU C 147 13.55 -21.41 5.15
C GLU C 147 13.63 -20.74 6.53
N ARG C 148 14.28 -19.57 6.53
CA ARG C 148 14.41 -18.76 7.74
C ARG C 148 13.12 -18.16 8.27
N LEU C 149 12.29 -17.61 7.39
CA LEU C 149 10.94 -17.19 7.77
C LEU C 149 10.12 -18.31 8.42
N ILE C 150 10.23 -19.50 7.85
CA ILE C 150 9.51 -20.66 8.35
C ILE C 150 9.89 -21.02 9.79
N THR C 151 11.19 -21.08 10.08
CA THR C 151 11.65 -21.39 11.44
C THR C 151 11.24 -20.33 12.47
N SER C 152 11.39 -19.07 12.08
CA SER C 152 10.94 -17.92 12.90
C SER C 152 9.43 -17.92 13.25
N ALA C 153 8.59 -18.14 12.26
CA ALA C 153 7.17 -18.36 12.48
C ALA C 153 6.92 -19.32 13.64
N GLU C 154 7.59 -20.47 13.60
CA GLU C 154 7.41 -21.56 14.57
C GLU C 154 7.86 -21.13 15.94
N TYR C 155 9.09 -20.61 16.02
CA TYR C 155 9.68 -20.13 17.30
C TYR C 155 8.80 -19.15 18.07
N SER C 156 8.15 -18.24 17.34
CA SER C 156 7.30 -17.20 17.94
C SER C 156 5.80 -17.27 17.54
N LYS C 157 5.37 -18.39 16.95
CA LYS C 157 3.97 -18.88 17.05
C LYS C 157 3.16 -18.15 18.14
N GLY C 158 3.72 -18.15 19.35
CA GLY C 158 3.07 -17.59 20.50
C GLY C 158 2.11 -18.63 21.04
N SER C 159 0.84 -18.41 20.76
CA SER C 159 -0.20 -19.29 21.22
C SER C 159 -0.93 -19.92 20.06
N SER C 160 -0.43 -19.71 18.84
CA SER C 160 -0.96 -20.31 17.63
C SER C 160 -0.65 -21.81 17.72
N GLU C 161 -1.63 -22.65 17.37
CA GLU C 161 -1.42 -24.08 17.25
C GLU C 161 -0.81 -24.42 15.89
N THR C 162 -0.79 -23.47 14.94
CA THR C 162 -0.28 -23.69 13.58
C THR C 162 1.18 -24.11 13.55
N THR C 163 1.48 -25.18 12.85
CA THR C 163 2.80 -25.76 12.81
C THR C 163 3.51 -25.37 11.49
N PHE C 164 4.82 -25.17 11.50
CA PHE C 164 5.54 -24.89 10.24
C PHE C 164 6.74 -25.81 10.03
N THR C 165 6.92 -26.30 8.81
CA THR C 165 8.00 -27.23 8.52
C THR C 165 8.51 -27.04 7.11
N SER C 166 9.80 -27.29 6.93
CA SER C 166 10.40 -27.27 5.61
C SER C 166 10.82 -28.68 5.16
N VAL C 167 10.65 -28.93 3.89
CA VAL C 167 11.15 -30.12 3.22
C VAL C 167 12.29 -29.55 2.36
N ARG C 168 13.11 -30.36 1.68
CA ARG C 168 14.24 -29.79 0.92
C ARG C 168 14.68 -30.71 -0.20
N PHE C 169 14.40 -30.27 -1.42
CA PHE C 169 14.50 -31.12 -2.61
C PHE C 169 15.85 -31.00 -3.32
N GLY C 170 16.16 -32.00 -4.13
CA GLY C 170 17.13 -31.86 -5.22
C GLY C 170 16.43 -32.00 -6.54
N ASN C 171 17.19 -31.98 -7.62
CA ASN C 171 16.60 -31.83 -8.95
C ASN C 171 15.53 -32.85 -9.16
N VAL C 172 14.30 -32.40 -9.36
CA VAL C 172 13.15 -33.29 -9.52
C VAL C 172 13.00 -33.63 -10.98
N MET C 173 13.19 -34.89 -11.32
CA MET C 173 13.36 -35.32 -12.72
C MET C 173 12.11 -35.21 -13.62
N GLY C 174 12.29 -34.53 -14.75
CA GLY C 174 11.21 -34.25 -15.69
C GLY C 174 10.33 -33.07 -15.32
N SER C 175 10.60 -32.45 -14.17
CA SER C 175 9.81 -31.33 -13.69
C SER C 175 9.91 -30.15 -14.66
N ARG C 176 8.80 -29.41 -14.79
CA ARG C 176 8.69 -28.31 -15.75
C ARG C 176 9.95 -27.41 -15.94
N GLY C 177 10.49 -27.39 -17.16
CA GLY C 177 11.57 -26.48 -17.50
C GLY C 177 12.92 -26.98 -17.10
N SER C 178 13.07 -28.29 -16.97
CA SER C 178 14.31 -28.88 -16.51
C SER C 178 15.06 -29.52 -17.67
N VAL C 179 16.31 -29.90 -17.39
CA VAL C 179 17.24 -30.30 -18.42
C VAL C 179 16.75 -31.47 -19.27
N ILE C 180 16.09 -32.46 -18.66
CA ILE C 180 15.73 -33.71 -19.35
C ILE C 180 14.72 -33.51 -20.49
N PRO C 181 13.58 -32.84 -20.23
CA PRO C 181 12.69 -32.46 -21.33
C PRO C 181 13.29 -31.46 -22.30
N LEU C 182 14.22 -30.62 -21.84
CA LEU C 182 14.93 -29.68 -22.72
C LEU C 182 15.82 -30.43 -23.73
N PHE C 183 16.75 -31.23 -23.21
CA PHE C 183 17.65 -32.09 -24.03
C PHE C 183 16.88 -33.01 -24.99
N GLU C 184 15.86 -33.74 -24.50
CA GLU C 184 14.97 -34.50 -25.40
C GLU C 184 14.51 -33.67 -26.57
N ASN C 185 14.05 -32.45 -26.28
CA ASN C 185 13.37 -31.57 -27.24
C ASN C 185 14.34 -30.84 -28.15
N GLN C 186 15.44 -30.41 -27.56
CA GLN C 186 16.57 -29.91 -28.32
C GLN C 186 17.02 -30.97 -29.34
N ILE C 187 17.09 -32.24 -28.92
CA ILE C 187 17.57 -33.31 -29.80
C ILE C 187 16.60 -33.50 -30.95
N LYS C 188 15.31 -33.62 -30.61
CA LYS C 188 14.21 -33.66 -31.58
C LYS C 188 14.27 -32.57 -32.63
N GLU C 189 14.34 -31.32 -32.17
CA GLU C 189 13.95 -30.15 -32.96
C GLU C 189 15.12 -29.38 -33.63
N ASN C 190 16.28 -29.37 -32.99
CA ASN C 190 17.48 -28.77 -33.57
C ASN C 190 18.66 -29.75 -33.71
N GLN C 191 18.51 -30.99 -33.24
CA GLN C 191 19.56 -32.03 -33.33
C GLN C 191 20.93 -31.59 -32.76
N LYS C 192 20.87 -30.98 -31.59
CA LYS C 192 22.06 -30.54 -30.86
C LYS C 192 21.64 -30.11 -29.48
N ILE C 193 22.37 -30.52 -28.43
CA ILE C 193 22.06 -30.04 -27.07
C ILE C 193 22.95 -28.87 -26.68
N THR C 194 22.49 -28.13 -25.68
CA THR C 194 23.22 -27.03 -25.07
C THR C 194 23.75 -27.46 -23.69
N VAL C 195 25.07 -27.52 -23.58
CA VAL C 195 25.73 -28.05 -22.40
C VAL C 195 26.37 -26.88 -21.65
N THR C 196 26.02 -26.71 -20.39
CA THR C 196 26.61 -25.68 -19.54
C THR C 196 28.07 -26.09 -19.24
N ASP C 197 28.25 -27.17 -18.50
CA ASP C 197 29.57 -27.58 -18.04
C ASP C 197 29.44 -29.02 -17.56
N LEU C 198 30.01 -29.95 -18.30
CA LEU C 198 29.74 -31.39 -18.10
C LEU C 198 30.19 -31.91 -16.75
N SER C 199 31.22 -31.27 -16.21
CA SER C 199 31.75 -31.58 -14.88
C SER C 199 30.80 -31.37 -13.70
N MET C 200 29.69 -30.66 -13.90
CA MET C 200 28.73 -30.41 -12.82
C MET C 200 28.05 -31.73 -12.39
N SER C 201 27.81 -31.83 -11.08
CA SER C 201 27.17 -32.99 -10.50
C SER C 201 25.93 -32.46 -9.78
N ARG C 202 24.94 -33.31 -9.53
CA ARG C 202 23.68 -32.86 -8.92
C ARG C 202 22.99 -33.99 -8.14
N PHE C 203 22.46 -33.67 -6.96
CA PHE C 203 21.51 -34.59 -6.28
C PHE C 203 20.19 -34.57 -7.04
N MET C 204 19.66 -35.73 -7.39
CA MET C 204 18.41 -35.82 -8.16
C MET C 204 17.42 -36.85 -7.57
N MET C 205 16.14 -36.47 -7.49
CA MET C 205 15.06 -37.30 -6.92
C MET C 205 13.94 -37.49 -7.94
N THR C 206 13.13 -38.53 -7.75
CA THR C 206 11.92 -38.78 -8.56
C THR C 206 10.72 -37.85 -8.14
N LEU C 207 9.72 -37.78 -8.99
CA LEU C 207 8.54 -37.01 -8.66
C LEU C 207 7.87 -37.58 -7.43
N ASN C 208 7.85 -38.92 -7.32
CA ASN C 208 7.23 -39.64 -6.17
C ASN C 208 8.06 -39.56 -4.91
N GLN C 209 9.37 -39.61 -5.06
CA GLN C 209 10.26 -39.29 -3.96
C GLN C 209 9.96 -37.88 -3.38
N ALA C 210 9.79 -36.91 -4.28
CA ALA C 210 9.46 -35.52 -3.93
C ALA C 210 8.09 -35.42 -3.31
N THR C 211 7.11 -36.00 -3.99
CA THR C 211 5.74 -36.04 -3.48
C THR C 211 5.62 -36.69 -2.06
N MET C 212 6.23 -37.87 -1.87
CA MET C 212 6.13 -38.61 -0.61
C MET C 212 6.88 -37.93 0.51
N LEU C 213 8.02 -37.34 0.19
CA LEU C 213 8.79 -36.56 1.15
C LEU C 213 7.90 -35.49 1.78
N THR C 214 7.27 -34.69 0.91
CA THR C 214 6.40 -33.58 1.33
C THR C 214 5.16 -34.06 2.12
N ILE C 215 4.41 -34.99 1.53
CA ILE C 215 3.26 -35.60 2.22
C ILE C 215 3.65 -36.22 3.61
N GLU C 216 4.75 -36.97 3.70
CA GLU C 216 5.24 -37.50 5.02
C GLU C 216 5.49 -36.42 6.04
N ALA C 217 6.25 -35.40 5.63
CA ALA C 217 6.52 -34.26 6.49
C ALA C 217 5.24 -33.54 6.89
N MET C 218 4.22 -33.55 6.03
CA MET C 218 2.88 -33.05 6.40
C MET C 218 2.31 -33.79 7.62
N LYS C 219 2.41 -35.13 7.57
CA LYS C 219 1.85 -36.02 8.57
C LYS C 219 2.65 -36.10 9.86
N ILE C 220 3.97 -36.14 9.74
CA ILE C 220 4.89 -36.49 10.85
C ILE C 220 5.36 -35.29 11.69
N ALA C 221 5.45 -34.13 11.05
CA ALA C 221 6.26 -33.04 11.55
C ALA C 221 5.68 -32.43 12.80
N LYS C 222 6.56 -32.32 13.80
CA LYS C 222 6.33 -31.58 15.04
C LYS C 222 6.31 -30.06 14.82
N GLY C 223 7.22 -29.53 14.00
CA GLY C 223 7.23 -28.10 13.64
C GLY C 223 8.58 -27.45 13.84
N GLY C 224 9.06 -26.80 12.79
CA GLY C 224 10.37 -26.16 12.79
C GLY C 224 11.48 -27.04 12.26
N GLU C 225 11.15 -28.28 11.88
CA GLU C 225 12.16 -29.21 11.38
C GLU C 225 12.31 -29.06 9.89
N THR C 226 13.35 -29.71 9.36
CA THR C 226 13.64 -29.72 7.94
C THR C 226 13.93 -31.15 7.49
N PHE C 227 13.08 -31.72 6.66
CA PHE C 227 13.30 -33.07 6.11
C PHE C 227 14.10 -33.07 4.77
N ILE C 228 15.17 -33.87 4.69
CA ILE C 228 15.90 -34.06 3.41
C ILE C 228 16.09 -35.55 3.12
N LEU C 229 15.93 -35.89 1.86
CA LEU C 229 15.87 -37.28 1.42
C LEU C 229 17.26 -37.70 0.99
N LYS C 230 17.63 -38.94 1.26
CA LYS C 230 18.93 -39.46 0.81
C LYS C 230 18.74 -39.62 -0.69
N MET C 231 19.50 -38.88 -1.48
CA MET C 231 19.30 -38.90 -2.91
C MET C 231 20.59 -39.28 -3.63
N PRO C 232 20.45 -39.91 -4.78
CA PRO C 232 21.60 -40.28 -5.57
C PRO C 232 22.17 -39.12 -6.37
N VAL C 233 23.50 -39.09 -6.47
CA VAL C 233 24.24 -38.10 -7.26
C VAL C 233 24.22 -38.46 -8.73
N ILE C 234 24.11 -37.43 -9.57
CA ILE C 234 24.16 -37.62 -11.00
C ILE C 234 25.18 -36.70 -11.62
N SER C 235 26.00 -37.28 -12.49
CA SER C 235 26.92 -36.55 -13.31
C SER C 235 26.15 -36.03 -14.51
N LEU C 236 26.49 -34.82 -14.93
CA LEU C 236 25.86 -34.23 -16.09
C LEU C 236 26.49 -34.77 -17.35
N ASN C 237 27.73 -35.28 -17.23
CA ASN C 237 28.44 -35.93 -18.34
C ASN C 237 27.65 -37.16 -18.76
N ASP C 238 27.39 -38.04 -17.79
CA ASP C 238 26.59 -39.25 -18.01
C ASP C 238 25.23 -38.84 -18.56
N LEU C 239 24.62 -37.81 -17.95
CA LEU C 239 23.28 -37.37 -18.34
C LEU C 239 23.17 -36.94 -19.80
N SER C 240 24.12 -36.13 -20.25
CA SER C 240 24.08 -35.62 -21.61
C SER C 240 24.24 -36.78 -22.57
N GLU C 241 25.22 -37.65 -22.31
CA GLU C 241 25.42 -38.90 -23.08
C GLU C 241 24.15 -39.81 -23.15
N VAL C 242 23.67 -40.26 -21.97
CA VAL C 242 22.47 -41.12 -21.89
C VAL C 242 21.31 -40.51 -22.68
N MET C 243 21.10 -39.19 -22.53
CA MET C 243 19.93 -38.52 -23.13
C MET C 243 19.97 -38.59 -24.66
N ILE C 244 21.15 -38.38 -25.25
CA ILE C 244 21.32 -38.42 -26.71
C ILE C 244 21.14 -39.82 -27.25
N GLU C 245 21.75 -40.79 -26.58
CA GLU C 245 21.55 -42.19 -26.94
C GLU C 245 20.06 -42.53 -27.05
N GLU C 246 19.33 -42.36 -25.95
CA GLU C 246 17.95 -42.86 -25.82
C GLU C 246 16.88 -42.05 -26.56
N VAL C 247 17.13 -40.77 -26.79
CA VAL C 247 16.17 -39.94 -27.52
C VAL C 247 16.32 -40.24 -28.99
N THR C 248 17.54 -40.54 -29.40
CA THR C 248 17.83 -41.01 -30.74
C THR C 248 17.23 -42.41 -30.96
N LYS C 249 17.39 -43.30 -29.99
CA LYS C 249 16.90 -44.66 -30.17
C LYS C 249 15.39 -44.59 -30.48
N LEU C 250 14.62 -43.87 -29.66
CA LEU C 250 13.17 -43.69 -29.87
C LEU C 250 12.81 -43.08 -31.23
N TYR C 251 13.13 -41.81 -31.43
CA TYR C 251 12.69 -41.09 -32.64
C TYR C 251 13.49 -41.51 -33.91
N GLY C 252 14.55 -42.30 -33.71
CA GLY C 252 15.23 -43.01 -34.79
C GLY C 252 16.16 -42.13 -35.60
N LEU C 253 17.12 -41.49 -34.93
CA LEU C 253 18.03 -40.55 -35.60
C LEU C 253 19.46 -41.09 -35.56
N GLU C 256 22.52 -40.80 -33.32
CA GLU C 256 23.35 -40.53 -32.16
C GLU C 256 24.51 -39.58 -32.51
N ASN C 257 24.43 -38.98 -33.70
CA ASN C 257 25.48 -38.10 -34.26
C ASN C 257 24.86 -36.72 -34.50
N ILE C 258 24.90 -35.97 -33.39
CA ILE C 258 24.09 -34.81 -33.07
C ILE C 258 25.02 -33.91 -32.24
N LYS C 259 24.92 -32.59 -32.41
CA LYS C 259 25.95 -31.67 -31.84
C LYS C 259 25.83 -31.40 -30.35
N ILE C 260 26.97 -31.09 -29.75
CA ILE C 260 27.08 -30.79 -28.33
C ILE C 260 27.77 -29.43 -28.18
N GLU C 261 27.01 -28.34 -27.97
CA GLU C 261 27.62 -26.99 -27.86
C GLU C 261 27.84 -26.51 -26.40
N GLU C 262 29.06 -26.10 -26.09
CA GLU C 262 29.41 -25.65 -24.75
C GLU C 262 28.89 -24.22 -24.64
N ILE C 263 27.93 -24.02 -23.74
CA ILE C 263 27.37 -22.71 -23.42
C ILE C 263 28.17 -22.09 -22.27
N GLY C 264 28.75 -22.90 -21.38
CA GLY C 264 29.29 -22.42 -20.10
C GLY C 264 28.21 -22.14 -19.06
N LEU C 265 28.62 -21.98 -17.80
CA LEU C 265 27.72 -21.55 -16.74
C LEU C 265 26.77 -20.42 -17.10
N LYS C 266 25.52 -20.58 -16.66
CA LYS C 266 24.58 -19.48 -16.52
C LYS C 266 24.92 -18.73 -15.21
N PRO C 267 24.61 -17.42 -15.12
CA PRO C 267 25.01 -16.66 -13.91
C PRO C 267 24.50 -17.26 -12.61
N GLY C 268 25.34 -17.30 -11.59
CA GLY C 268 24.95 -17.80 -10.27
C GLY C 268 24.95 -19.31 -10.09
N GLU C 269 24.99 -20.08 -11.19
CA GLU C 269 24.99 -21.56 -11.11
C GLU C 269 26.11 -22.10 -10.22
N LYS C 270 25.78 -23.10 -9.41
CA LYS C 270 26.71 -23.84 -8.55
C LYS C 270 27.17 -25.12 -9.25
N MET C 271 28.35 -25.60 -8.89
CA MET C 271 28.98 -26.75 -9.56
C MET C 271 28.43 -28.09 -9.10
N TYR C 272 28.14 -28.13 -7.80
CA TYR C 272 27.61 -29.27 -7.08
C TYR C 272 26.52 -28.68 -6.22
N GLU C 273 25.77 -29.51 -5.50
CA GLU C 273 24.78 -29.01 -4.54
C GLU C 273 25.08 -29.65 -3.21
N GLU C 274 24.31 -29.30 -2.18
CA GLU C 274 24.55 -29.78 -0.82
C GLU C 274 23.21 -29.99 -0.10
N LEU C 275 23.11 -31.04 0.71
CA LEU C 275 21.87 -31.39 1.44
C LEU C 275 21.75 -30.60 2.73
N MET C 276 22.91 -30.19 3.28
CA MET C 276 23.03 -29.38 4.52
C MET C 276 24.45 -28.81 4.70
N THR C 277 24.54 -27.69 5.39
CA THR C 277 25.83 -27.19 5.82
C THR C 277 26.48 -28.22 6.76
N HIS C 278 27.80 -28.12 6.88
CA HIS C 278 28.53 -28.93 7.84
C HIS C 278 27.95 -28.74 9.25
N ASP C 279 27.82 -27.45 9.66
CA ASP C 279 27.15 -27.02 10.93
C ASP C 279 25.83 -27.78 11.23
N GLU C 280 24.97 -27.88 10.22
CA GLU C 280 23.69 -28.61 10.36
C GLU C 280 23.86 -30.11 10.54
N SER C 281 24.91 -30.66 9.94
CA SER C 281 25.20 -32.09 10.05
C SER C 281 25.60 -32.51 11.46
N LEU C 282 25.89 -31.56 12.35
CA LEU C 282 26.19 -31.83 13.78
C LEU C 282 24.97 -31.91 14.71
N GLN C 283 23.80 -31.40 14.27
CA GLN C 283 22.51 -31.53 15.00
C GLN C 283 21.50 -32.42 14.31
N ALA C 284 21.78 -32.83 13.07
CA ALA C 284 20.81 -33.55 12.23
C ALA C 284 20.58 -35.04 12.61
N PHE C 285 19.35 -35.52 12.48
CA PHE C 285 19.02 -36.94 12.72
C PHE C 285 18.99 -37.76 11.43
N GLU C 286 19.44 -39.02 11.48
CA GLU C 286 19.32 -39.94 10.35
C GLU C 286 18.19 -40.92 10.60
N LEU C 287 17.38 -41.12 9.56
CA LEU C 287 16.46 -42.24 9.43
C LEU C 287 16.99 -43.07 8.26
N PRO C 288 16.45 -44.29 8.08
CA PRO C 288 16.81 -45.08 6.92
C PRO C 288 16.98 -44.26 5.62
N ASP C 289 15.92 -43.58 5.19
CA ASP C 289 15.85 -42.93 3.87
C ASP C 289 15.88 -41.39 3.86
N MET C 290 16.18 -40.79 5.01
CA MET C 290 15.86 -39.39 5.28
C MET C 290 16.71 -38.79 6.42
N PHE C 291 17.08 -37.52 6.32
CA PHE C 291 17.63 -36.77 7.48
C PHE C 291 16.58 -35.80 7.97
N ILE C 292 16.60 -35.54 9.27
CA ILE C 292 15.75 -34.54 9.92
C ILE C 292 16.68 -33.57 10.63
N ILE C 293 16.69 -32.32 10.20
CA ILE C 293 17.40 -31.26 10.91
C ILE C 293 16.37 -30.59 11.79
N PRO C 294 16.62 -30.50 13.11
CA PRO C 294 15.72 -29.71 13.96
C PRO C 294 15.88 -28.18 13.83
N SER C 295 15.08 -27.46 14.62
CA SER C 295 15.06 -26.01 14.63
C SER C 295 16.36 -25.42 15.21
N PRO C 296 17.06 -24.58 14.43
CA PRO C 296 18.23 -23.89 14.98
C PRO C 296 17.95 -22.85 16.05
N LEU C 297 16.70 -22.45 16.27
CA LEU C 297 16.36 -21.34 17.18
C LEU C 297 16.05 -21.77 18.62
N LYS C 298 15.44 -22.94 18.78
CA LYS C 298 15.20 -23.51 20.12
C LYS C 298 16.21 -24.63 20.47
N ALA C 306 16.24 -41.88 18.80
CA ALA C 306 16.41 -40.89 17.73
C ALA C 306 17.90 -40.77 17.30
N LYS C 307 18.23 -41.26 16.10
CA LYS C 307 19.62 -41.46 15.66
C LYS C 307 20.35 -40.17 15.19
N ARG C 308 21.50 -39.87 15.77
CA ARG C 308 22.30 -38.72 15.35
C ARG C 308 23.07 -39.11 14.12
N ALA C 309 23.17 -38.17 13.20
CA ALA C 309 23.78 -38.39 11.89
C ALA C 309 25.26 -38.22 12.04
N LYS C 310 26.01 -38.65 11.03
CA LYS C 310 27.46 -38.37 10.99
C LYS C 310 27.68 -36.89 10.60
N ALA C 311 28.74 -36.26 11.11
CA ALA C 311 29.17 -34.91 10.67
C ALA C 311 29.71 -34.97 9.25
N GLY C 312 30.17 -33.84 8.74
CA GLY C 312 30.88 -33.82 7.46
C GLY C 312 30.08 -33.25 6.31
N PHE C 313 30.73 -33.10 5.18
CA PHE C 313 30.24 -32.29 4.09
C PHE C 313 29.50 -33.17 3.10
N TYR C 314 28.17 -33.12 3.16
CA TYR C 314 27.26 -33.85 2.26
C TYR C 314 27.05 -33.11 0.94
N ARG C 315 28.02 -33.26 0.02
CA ARG C 315 27.95 -32.66 -1.32
C ARG C 315 27.79 -33.68 -2.41
N SER C 316 27.35 -33.18 -3.57
CA SER C 316 27.22 -33.96 -4.81
C SER C 316 28.55 -34.29 -5.54
N ASP C 317 29.59 -33.46 -5.35
CA ASP C 317 30.95 -33.82 -5.78
C ASP C 317 31.72 -34.72 -4.76
N ASN C 318 31.14 -34.93 -3.58
CA ASN C 318 31.76 -35.65 -2.45
C ASN C 318 31.06 -36.98 -2.15
N GLN C 319 30.39 -37.51 -3.15
CA GLN C 319 29.67 -38.80 -3.08
C GLN C 319 29.56 -39.38 -4.49
N ASN C 320 29.73 -40.70 -4.58
CA ASN C 320 29.78 -41.40 -5.86
C ASN C 320 28.49 -41.32 -6.65
N ALA C 321 28.61 -40.95 -7.91
CA ALA C 321 27.49 -40.98 -8.81
C ALA C 321 26.95 -42.39 -8.90
N ILE C 322 25.73 -42.48 -9.43
CA ILE C 322 25.26 -43.71 -10.03
C ILE C 322 26.06 -43.89 -11.31
N SER C 323 26.10 -45.12 -11.82
CA SER C 323 26.71 -45.38 -13.13
C SER C 323 25.80 -44.82 -14.23
N LYS C 324 26.37 -44.56 -15.41
CA LYS C 324 25.59 -44.32 -16.65
C LYS C 324 24.38 -45.21 -16.81
N GLU C 325 24.58 -46.51 -16.60
CA GLU C 325 23.58 -47.50 -16.91
C GLU C 325 22.42 -47.44 -15.92
N GLU C 326 22.72 -47.22 -14.63
CA GLU C 326 21.67 -46.99 -13.61
C GLU C 326 20.87 -45.73 -13.92
N LEU C 327 21.55 -44.69 -14.41
CA LEU C 327 20.87 -43.47 -14.79
C LEU C 327 19.87 -43.74 -15.88
N ARG C 328 20.34 -44.33 -16.98
CA ARG C 328 19.52 -44.79 -18.10
C ARG C 328 18.32 -45.62 -17.66
N ASN C 329 18.53 -46.58 -16.76
CA ASN C 329 17.41 -47.36 -16.22
C ASN C 329 16.35 -46.46 -15.62
N LEU C 330 16.83 -45.54 -14.76
CA LEU C 330 16.02 -44.50 -14.12
C LEU C 330 15.23 -43.68 -15.16
N ILE C 331 15.95 -42.99 -16.05
CA ILE C 331 15.33 -42.11 -17.05
C ILE C 331 14.26 -42.85 -17.86
N LEU C 332 14.54 -44.12 -18.20
CA LEU C 332 13.55 -44.95 -18.86
C LEU C 332 12.38 -45.31 -17.96
N ASN C 333 12.65 -45.95 -16.82
CA ASN C 333 11.57 -46.33 -15.88
C ASN C 333 10.78 -45.20 -15.27
N GLN C 334 11.31 -44.00 -15.25
CA GLN C 334 10.53 -42.85 -14.81
C GLN C 334 9.70 -42.22 -15.95
N GLN C 335 9.76 -42.79 -17.16
CA GLN C 335 8.99 -42.33 -18.34
C GLN C 335 9.20 -40.83 -18.58
N LEU C 336 10.47 -40.43 -18.66
CA LEU C 336 10.85 -39.04 -18.80
C LEU C 336 10.99 -38.66 -20.25
N LEU C 337 10.86 -39.63 -21.15
CA LEU C 337 10.76 -39.35 -22.57
C LEU C 337 9.26 -39.35 -22.93
N THR C 338 8.94 -38.97 -24.16
CA THR C 338 7.59 -38.52 -24.50
C THR C 338 6.87 -39.45 -25.51
N MET D 3 38.95 18.16 -4.69
CA MET D 3 39.19 17.17 -5.80
C MET D 3 37.83 16.67 -6.42
N PHE D 4 37.42 15.41 -6.18
CA PHE D 4 36.26 14.75 -6.85
C PHE D 4 34.93 15.27 -6.31
N PHE D 5 34.81 15.41 -4.99
CA PHE D 5 33.56 15.79 -4.35
C PHE D 5 33.37 17.29 -4.20
N LYS D 6 34.27 18.10 -4.77
CA LYS D 6 34.19 19.56 -4.68
C LYS D 6 32.89 20.09 -5.28
N ASP D 7 32.12 20.82 -4.46
CA ASP D 7 30.82 21.40 -4.86
C ASP D 7 29.96 20.38 -5.56
N LYS D 8 29.85 19.22 -4.93
CA LYS D 8 28.85 18.20 -5.26
C LYS D 8 27.84 18.06 -4.10
N ASN D 9 26.69 17.46 -4.42
CA ASN D 9 25.66 17.13 -3.43
C ASN D 9 25.67 15.62 -3.17
N VAL D 10 25.82 15.24 -1.92
CA VAL D 10 26.04 13.87 -1.52
C VAL D 10 25.02 13.50 -0.44
N LEU D 11 24.49 12.29 -0.57
CA LEU D 11 23.65 11.66 0.44
C LEU D 11 24.48 10.50 1.03
N ILE D 12 24.43 10.34 2.36
CA ILE D 12 24.93 9.15 3.04
C ILE D 12 23.77 8.46 3.74
N ILE D 13 23.07 7.65 2.96
CA ILE D 13 22.07 6.74 3.53
C ILE D 13 22.76 5.86 4.60
N GLY D 14 22.47 6.18 5.86
CA GLY D 14 23.05 5.50 7.02
C GLY D 14 24.21 6.27 7.64
N GLY D 15 24.27 7.57 7.39
CA GLY D 15 25.38 8.40 7.86
C GLY D 15 25.61 8.56 9.35
N THR D 16 24.74 8.04 10.22
CA THR D 16 24.91 8.23 11.68
C THR D 16 25.81 7.20 12.33
N GLY D 17 25.76 5.96 11.86
CA GLY D 17 26.57 4.85 12.40
C GLY D 17 28.04 4.90 12.02
N THR D 18 28.79 3.84 12.33
CA THR D 18 30.25 3.84 12.23
C THR D 18 30.80 4.21 10.85
N ILE D 19 30.41 3.47 9.83
CA ILE D 19 30.98 3.69 8.49
C ILE D 19 30.44 4.98 7.85
N GLY D 20 29.19 5.31 8.13
CA GLY D 20 28.58 6.54 7.65
C GLY D 20 29.25 7.81 8.14
N LYS D 21 29.49 7.91 9.44
CA LYS D 21 30.21 9.05 10.05
C LYS D 21 31.61 9.21 9.51
N SER D 22 32.33 8.09 9.39
CA SER D 22 33.68 8.12 8.88
C SER D 22 33.70 8.58 7.42
N ILE D 23 32.77 8.07 6.60
CA ILE D 23 32.61 8.54 5.19
C ILE D 23 32.27 10.06 5.07
N LEU D 24 31.48 10.55 6.04
CA LEU D 24 30.99 11.93 6.05
C LEU D 24 32.14 12.87 6.20
N SER D 25 32.92 12.66 7.27
CA SER D 25 34.01 13.58 7.56
C SER D 25 35.10 13.55 6.46
N ASN D 26 35.21 12.43 5.73
CA ASN D 26 36.22 12.29 4.68
C ASN D 26 35.78 13.01 3.43
N VAL D 27 34.49 12.93 3.15
CA VAL D 27 33.90 13.69 2.05
C VAL D 27 33.94 15.18 2.36
N LEU D 28 33.76 15.56 3.63
CA LEU D 28 33.72 16.99 4.00
C LEU D 28 35.03 17.74 3.74
N GLN D 29 36.14 17.03 3.86
CA GLN D 29 37.46 17.58 3.58
C GLN D 29 37.68 17.89 2.10
N GLU D 30 36.83 17.39 1.19
CA GLU D 30 36.89 17.83 -0.22
C GLU D 30 35.92 18.97 -0.57
N LYS D 31 35.37 19.64 0.43
CA LYS D 31 34.48 20.79 0.27
C LYS D 31 33.35 20.59 -0.76
N PRO D 32 32.43 19.67 -0.47
CA PRO D 32 31.23 19.51 -1.30
C PRO D 32 30.21 20.58 -1.02
N LYS D 33 29.27 20.78 -1.92
CA LYS D 33 28.26 21.78 -1.70
C LYS D 33 27.46 21.41 -0.46
N VAL D 34 26.94 20.17 -0.46
CA VAL D 34 26.14 19.70 0.65
C VAL D 34 26.36 18.21 0.90
N VAL D 35 26.34 17.82 2.17
CA VAL D 35 26.25 16.41 2.52
C VAL D 35 24.97 16.23 3.32
N ARG D 36 24.11 15.34 2.85
CA ARG D 36 22.92 14.96 3.60
C ARG D 36 23.12 13.67 4.35
N VAL D 37 22.37 13.51 5.43
CA VAL D 37 22.57 12.39 6.37
C VAL D 37 21.18 11.85 6.66
N PHE D 38 20.99 10.56 6.36
CA PHE D 38 19.70 9.87 6.32
C PHE D 38 19.72 8.70 7.32
N SER D 39 18.99 8.84 8.41
CA SER D 39 18.97 7.90 9.54
C SER D 39 17.57 7.97 10.18
N ARG D 40 17.10 6.91 10.84
CA ARG D 40 15.73 6.95 11.43
C ARG D 40 15.73 7.66 12.77
N SER D 41 16.70 7.30 13.58
CA SER D 41 16.80 7.70 14.97
C SER D 41 17.25 9.15 15.10
N GLU D 42 16.37 9.98 15.69
CA GLU D 42 16.62 11.40 15.96
C GLU D 42 17.67 11.61 17.01
N TYR D 43 17.74 10.73 18.00
CA TYR D 43 18.76 10.84 19.05
C TYR D 43 20.18 10.62 18.51
N ASN D 44 20.35 9.74 17.52
CA ASN D 44 21.67 9.63 16.87
C ASN D 44 21.98 10.83 16.02
N GLN D 45 21.00 11.36 15.30
CA GLN D 45 21.19 12.65 14.62
C GLN D 45 21.46 13.81 15.60
N PHE D 46 20.75 13.86 16.72
CA PHE D 46 21.04 14.83 17.79
C PHE D 46 22.51 14.80 18.25
N LEU D 47 23.14 13.62 18.32
CA LEU D 47 24.54 13.54 18.77
C LEU D 47 25.48 14.01 17.70
N LEU D 48 25.29 13.49 16.49
CA LEU D 48 26.06 13.89 15.31
C LEU D 48 25.94 15.38 15.08
N GLN D 49 24.72 15.90 15.16
CA GLN D 49 24.46 17.32 14.99
C GLN D 49 25.26 18.13 16.01
N GLU D 50 25.37 17.65 17.24
CA GLU D 50 26.18 18.31 18.26
C GLU D 50 27.70 18.09 18.11
N GLU D 51 28.09 16.97 17.53
CA GLU D 51 29.48 16.68 17.29
C GLU D 51 30.04 17.65 16.25
N PHE D 52 29.25 18.02 15.23
CA PHE D 52 29.70 19.00 14.21
C PHE D 52 29.27 20.44 14.53
N ARG D 53 29.25 20.77 15.82
CA ARG D 53 28.83 22.08 16.35
C ARG D 53 29.00 23.27 15.41
N ASP D 54 30.25 23.53 15.02
CA ASP D 54 30.61 24.75 14.28
C ASP D 54 31.22 24.49 12.89
N LYS D 55 31.07 23.25 12.39
CA LYS D 55 31.43 22.84 11.03
C LYS D 55 30.15 22.59 10.18
N ASN D 56 28.98 22.80 10.80
CA ASN D 56 27.74 22.26 10.29
C ASN D 56 27.17 22.92 9.06
N ARG D 57 27.57 24.15 8.72
CA ARG D 57 26.94 24.87 7.58
C ARG D 57 26.79 24.01 6.31
N ASN D 58 27.71 23.06 6.11
CA ASN D 58 27.75 22.20 4.94
C ASN D 58 26.80 20.96 4.98
N ILE D 59 26.27 20.62 6.16
CA ILE D 59 25.54 19.36 6.43
C ILE D 59 24.05 19.60 6.56
N ARG D 60 23.25 18.70 6.01
CA ARG D 60 21.81 18.65 6.29
C ARG D 60 21.46 17.32 6.98
N TYR D 61 20.50 17.35 7.90
CA TYR D 61 20.14 16.15 8.64
C TYR D 61 18.70 15.72 8.31
N LEU D 62 18.55 14.58 7.63
CA LEU D 62 17.22 14.08 7.24
C LEU D 62 16.84 12.86 8.00
N ILE D 63 15.77 12.94 8.78
CA ILE D 63 15.17 11.75 9.39
C ILE D 63 14.35 11.03 8.32
N GLY D 64 14.51 9.72 8.24
CA GLY D 64 13.83 8.91 7.23
C GLY D 64 14.18 7.42 7.32
N ASP D 65 13.38 6.60 6.65
CA ASP D 65 13.55 5.16 6.63
C ASP D 65 13.65 4.72 5.18
N ILE D 66 14.62 3.85 4.86
CA ILE D 66 14.77 3.32 3.48
C ILE D 66 13.65 2.32 3.07
N ARG D 67 12.79 1.93 4.03
CA ARG D 67 11.57 1.18 3.75
C ARG D 67 10.51 2.06 3.09
N ASN D 68 10.71 3.39 3.17
CA ASN D 68 9.87 4.42 2.58
C ASN D 68 10.48 4.98 1.28
N TYR D 69 9.92 4.60 0.13
CA TYR D 69 10.42 5.08 -1.17
C TYR D 69 10.36 6.61 -1.30
N ASP D 70 9.18 7.16 -1.07
CA ASP D 70 8.91 8.61 -1.09
C ASP D 70 9.84 9.49 -0.28
N ARG D 71 10.29 8.96 0.86
CA ARG D 71 11.22 9.66 1.69
C ARG D 71 12.67 9.50 1.24
N VAL D 72 13.03 8.31 0.76
CA VAL D 72 14.33 8.12 0.12
C VAL D 72 14.44 9.01 -1.10
N PHE D 73 13.33 9.16 -1.83
CA PHE D 73 13.27 9.89 -3.09
C PHE D 73 13.55 11.35 -2.90
N SER D 74 12.85 11.98 -1.96
CA SER D 74 13.05 13.40 -1.65
C SER D 74 14.42 13.72 -1.06
N ALA D 75 15.02 12.77 -0.36
CA ALA D 75 16.40 12.90 0.09
C ALA D 75 17.38 12.88 -1.07
N MET D 76 17.04 12.19 -2.16
CA MET D 76 17.89 12.13 -3.38
C MET D 76 17.74 13.33 -4.33
N GLU D 77 16.86 14.29 -4.01
CA GLU D 77 16.61 15.43 -4.89
C GLU D 77 17.90 16.17 -5.21
N ASN D 78 18.14 16.30 -6.52
CA ASN D 78 19.31 16.98 -7.11
C ASN D 78 20.70 16.48 -6.64
N ILE D 79 20.77 15.23 -6.22
CA ILE D 79 21.98 14.69 -5.66
C ILE D 79 22.80 13.97 -6.70
N ASP D 80 24.11 14.06 -6.53
CA ASP D 80 25.08 13.47 -7.38
C ASP D 80 25.52 12.11 -6.89
N TYR D 81 25.72 11.93 -5.59
CA TYR D 81 26.38 10.73 -5.11
C TYR D 81 25.72 10.12 -3.89
N VAL D 82 25.44 8.81 -3.96
CA VAL D 82 24.72 8.10 -2.92
C VAL D 82 25.61 7.03 -2.26
N PHE D 83 25.72 7.11 -0.94
CA PHE D 83 26.32 6.07 -0.13
C PHE D 83 25.26 5.27 0.66
N HIS D 84 24.85 4.12 0.11
CA HIS D 84 23.88 3.22 0.75
C HIS D 84 24.63 2.31 1.77
N VAL D 85 24.61 2.80 3.01
CA VAL D 85 25.35 2.25 4.15
C VAL D 85 24.37 1.73 5.29
N ALA D 86 23.07 2.01 5.13
CA ALA D 86 22.08 1.60 6.13
C ALA D 86 21.75 0.12 5.99
N ALA D 87 21.81 -0.62 7.10
CA ALA D 87 21.32 -2.00 7.15
C ALA D 87 21.16 -2.58 8.56
N MET D 88 20.54 -3.75 8.59
CA MET D 88 20.63 -4.62 9.76
C MET D 88 21.87 -5.44 9.44
N LYS D 89 22.83 -5.40 10.36
CA LYS D 89 24.13 -5.99 10.16
C LYS D 89 24.49 -7.07 11.18
N HIS D 90 23.57 -7.38 12.09
CA HIS D 90 23.83 -8.36 13.14
C HIS D 90 23.28 -9.68 12.73
N VAL D 91 24.13 -10.70 12.74
CA VAL D 91 23.72 -12.05 12.35
C VAL D 91 22.55 -12.56 13.19
N SER D 92 22.63 -12.43 14.50
CA SER D 92 21.56 -12.94 15.36
C SER D 92 20.26 -12.21 15.03
N PHE D 93 20.24 -10.89 15.16
CA PHE D 93 19.00 -10.12 14.97
C PHE D 93 18.27 -10.42 13.64
N CYS D 94 19.07 -10.64 12.58
CA CYS D 94 18.59 -10.96 11.23
C CYS D 94 18.00 -12.39 11.06
N GLU D 95 18.26 -13.30 12.00
CA GLU D 95 17.65 -14.68 12.04
C GLU D 95 16.38 -14.74 12.87
N TYR D 96 16.38 -14.02 14.01
CA TYR D 96 15.20 -13.84 14.87
C TYR D 96 14.19 -12.83 14.32
N ASN D 97 14.62 -11.88 13.50
CA ASN D 97 13.70 -10.92 12.87
C ASN D 97 14.00 -10.90 11.37
N PRO D 98 13.80 -12.04 10.68
CA PRO D 98 14.24 -12.13 9.30
C PRO D 98 13.41 -11.29 8.34
N PHE D 99 12.12 -11.12 8.61
CA PHE D 99 11.36 -10.28 7.73
C PHE D 99 11.76 -8.80 7.91
N GLU D 100 12.03 -8.38 9.13
CA GLU D 100 12.61 -7.06 9.31
C GLU D 100 13.85 -6.88 8.44
N ALA D 101 14.77 -7.80 8.57
CA ALA D 101 15.96 -7.81 7.72
C ALA D 101 15.66 -7.72 6.19
N VAL D 102 14.59 -8.38 5.74
CA VAL D 102 14.17 -8.30 4.35
C VAL D 102 13.72 -6.90 4.01
N LEU D 103 12.91 -6.30 4.87
CA LEU D 103 12.49 -4.93 4.63
C LEU D 103 13.67 -3.95 4.47
N THR D 104 14.64 -3.99 5.36
CA THR D 104 15.70 -2.97 5.35
C THR D 104 16.80 -3.27 4.29
N ASN D 105 17.24 -4.52 4.23
CA ASN D 105 18.40 -4.93 3.45
C ASN D 105 18.10 -5.17 1.95
N ILE D 106 16.92 -5.73 1.63
CA ILE D 106 16.49 -5.97 0.25
C ILE D 106 15.57 -4.86 -0.18
N PHE D 107 14.42 -4.75 0.48
CA PHE D 107 13.38 -3.83 0.06
C PHE D 107 13.92 -2.39 0.06
N GLY D 108 14.68 -2.02 1.06
CA GLY D 108 15.41 -0.73 1.06
C GLY D 108 16.40 -0.54 -0.10
N THR D 109 17.20 -1.57 -0.38
CA THR D 109 18.13 -1.51 -1.49
C THR D 109 17.41 -1.22 -2.81
N GLN D 110 16.19 -1.72 -2.97
CA GLN D 110 15.45 -1.44 -4.20
C GLN D 110 14.86 -0.08 -4.20
N ASN D 111 14.33 0.35 -3.06
CA ASN D 111 13.91 1.72 -2.95
C ASN D 111 15.12 2.60 -3.35
N VAL D 112 16.33 2.27 -2.90
CA VAL D 112 17.49 3.09 -3.24
C VAL D 112 17.72 3.10 -4.75
N ILE D 113 17.69 1.91 -5.35
CA ILE D 113 17.94 1.76 -6.78
C ILE D 113 16.90 2.57 -7.57
N LYS D 114 15.65 2.36 -7.23
CA LYS D 114 14.54 2.94 -7.95
C LYS D 114 14.53 4.47 -7.87
N ALA D 115 14.85 4.99 -6.68
CA ALA D 115 14.82 6.43 -6.40
C ALA D 115 16.00 7.20 -7.01
N ALA D 116 17.12 6.49 -7.24
CA ALA D 116 18.34 7.07 -7.79
C ALA D 116 18.23 7.17 -9.30
N ILE D 117 17.69 6.10 -9.88
CA ILE D 117 17.24 6.15 -11.27
C ILE D 117 16.23 7.32 -11.47
N ALA D 118 15.23 7.43 -10.61
CA ALA D 118 14.17 8.42 -10.80
C ALA D 118 14.65 9.84 -10.61
N GLN D 119 15.60 10.07 -9.69
CA GLN D 119 16.18 11.40 -9.48
C GLN D 119 17.49 11.69 -10.28
N LYS D 120 17.87 10.76 -11.16
CA LYS D 120 19.01 10.92 -12.09
C LYS D 120 20.32 11.21 -11.35
N VAL D 121 20.54 10.44 -10.29
CA VAL D 121 21.80 10.42 -9.56
C VAL D 121 22.92 9.94 -10.50
N LYS D 122 24.16 10.26 -10.16
CA LYS D 122 25.31 9.77 -10.89
C LYS D 122 25.75 8.33 -10.48
N LYS D 123 25.99 8.14 -9.18
CA LYS D 123 26.50 6.88 -8.67
C LYS D 123 25.86 6.49 -7.38
N VAL D 124 25.84 5.19 -7.15
CA VAL D 124 25.39 4.59 -5.92
C VAL D 124 26.43 3.53 -5.54
N VAL D 125 27.04 3.70 -4.36
CA VAL D 125 27.93 2.67 -3.80
C VAL D 125 27.18 1.91 -2.71
N PHE D 126 27.01 0.61 -2.90
CA PHE D 126 26.39 -0.28 -1.93
C PHE D 126 27.44 -0.97 -1.08
N THR D 127 27.16 -0.99 0.20
CA THR D 127 28.12 -1.35 1.20
C THR D 127 27.62 -2.70 1.68
N SER D 128 28.23 -3.76 1.13
CA SER D 128 27.86 -5.17 1.40
C SER D 128 28.90 -5.79 2.30
N SER D 129 28.73 -7.07 2.65
CA SER D 129 29.67 -7.80 3.51
C SER D 129 30.24 -9.00 2.76
N ASN D 130 31.39 -9.49 3.22
CA ASN D 130 31.94 -10.76 2.72
C ASN D 130 31.05 -11.96 3.15
N ALA D 131 30.16 -11.75 4.11
CA ALA D 131 29.23 -12.78 4.56
C ALA D 131 28.12 -13.15 3.58
N ALA D 132 28.07 -12.47 2.43
CA ALA D 132 27.10 -12.80 1.40
C ALA D 132 27.57 -13.92 0.52
N ILE D 133 28.79 -14.42 0.75
CA ILE D 133 29.43 -15.45 -0.09
C ILE D 133 29.17 -16.76 0.60
N SER D 134 28.45 -17.66 -0.07
CA SER D 134 28.14 -18.98 0.44
C SER D 134 27.61 -18.86 1.88
N PRO D 135 26.57 -18.02 2.08
CA PRO D 135 26.10 -17.72 3.41
C PRO D 135 25.46 -18.88 4.17
N THR D 136 25.53 -18.80 5.49
CA THR D 136 24.85 -19.69 6.42
C THR D 136 23.84 -18.90 7.28
N ASN D 137 23.49 -17.68 6.86
CA ASN D 137 22.45 -16.89 7.52
C ASN D 137 21.64 -16.01 6.59
N ASN D 138 20.52 -15.56 7.16
CA ASN D 138 19.59 -14.67 6.52
C ASN D 138 20.34 -13.42 6.14
N TYR D 139 21.04 -12.83 7.12
CA TYR D 139 21.81 -11.59 6.89
C TYR D 139 22.63 -11.70 5.65
N GLY D 140 23.42 -12.75 5.55
CA GLY D 140 24.19 -13.03 4.35
C GLY D 140 23.33 -13.23 3.11
N ALA D 141 22.24 -13.96 3.25
CA ALA D 141 21.30 -14.10 2.15
C ALA D 141 20.74 -12.76 1.66
N THR D 142 20.51 -11.81 2.56
CA THR D 142 20.02 -10.47 2.16
C THR D 142 21.09 -9.68 1.41
N LYS D 143 22.33 -9.83 1.83
CA LYS D 143 23.42 -9.19 1.11
C LYS D 143 23.60 -9.84 -0.29
N LEU D 144 23.59 -11.16 -0.34
CA LEU D 144 23.67 -11.80 -1.64
C LEU D 144 22.60 -11.23 -2.59
N THR D 145 21.35 -11.25 -2.12
CA THR D 145 20.21 -10.69 -2.84
C THR D 145 20.41 -9.20 -3.16
N ALA D 146 20.82 -8.42 -2.18
CA ALA D 146 21.11 -7.00 -2.41
C ALA D 146 22.22 -6.79 -3.45
N GLU D 147 23.31 -7.53 -3.34
CA GLU D 147 24.36 -7.50 -4.35
C GLU D 147 23.80 -7.84 -5.72
N ARG D 148 22.86 -8.77 -5.70
CA ARG D 148 22.24 -9.19 -6.93
C ARG D 148 21.26 -8.16 -7.50
N LEU D 149 20.56 -7.45 -6.62
CA LEU D 149 19.83 -6.23 -7.04
C LEU D 149 20.72 -5.13 -7.66
N ILE D 150 21.90 -4.89 -7.10
CA ILE D 150 22.78 -3.83 -7.59
C ILE D 150 23.27 -4.12 -9.02
N THR D 151 23.64 -5.37 -9.29
CA THR D 151 24.06 -5.83 -10.63
C THR D 151 22.93 -5.81 -11.68
N SER D 152 21.71 -6.06 -11.22
CA SER D 152 20.52 -6.08 -12.09
C SER D 152 20.13 -4.69 -12.59
N ALA D 153 20.11 -3.74 -11.66
CA ALA D 153 19.91 -2.33 -11.96
C ALA D 153 20.84 -1.86 -13.07
N GLU D 154 22.13 -2.20 -12.93
CA GLU D 154 23.16 -1.82 -13.90
C GLU D 154 22.88 -2.38 -15.29
N TYR D 155 22.69 -3.69 -15.33
CA TYR D 155 22.48 -4.41 -16.55
C TYR D 155 21.26 -3.89 -17.34
N SER D 156 20.16 -3.59 -16.65
CA SER D 156 18.94 -3.06 -17.28
C SER D 156 18.66 -1.55 -17.05
N LYS D 157 19.65 -0.80 -16.56
CA LYS D 157 19.72 0.69 -16.68
C LYS D 157 18.90 1.26 -17.84
N GLY D 158 19.13 0.66 -19.01
CA GLY D 158 18.51 1.09 -20.25
C GLY D 158 19.21 2.33 -20.73
N SER D 159 18.65 3.47 -20.38
CA SER D 159 19.17 4.74 -20.80
C SER D 159 19.54 5.63 -19.63
N SER D 160 19.35 5.15 -18.39
CA SER D 160 19.81 5.86 -17.21
C SER D 160 21.33 5.99 -17.30
N GLU D 161 21.82 7.18 -16.90
CA GLU D 161 23.25 7.40 -16.72
C GLU D 161 23.75 7.00 -15.32
N THR D 162 22.82 6.72 -14.39
CA THR D 162 23.15 6.36 -13.01
C THR D 162 24.01 5.12 -12.97
N THR D 163 24.94 5.03 -12.02
CA THR D 163 25.88 3.92 -11.98
C THR D 163 25.77 3.17 -10.68
N PHE D 164 25.95 1.86 -10.72
CA PHE D 164 25.70 1.03 -9.56
C PHE D 164 26.89 0.14 -9.21
N THR D 165 27.36 0.19 -7.97
CA THR D 165 28.54 -0.56 -7.56
C THR D 165 28.45 -1.02 -6.14
N SER D 166 29.05 -2.18 -5.86
CA SER D 166 29.17 -2.71 -4.51
C SER D 166 30.62 -2.79 -4.03
N VAL D 167 30.77 -2.70 -2.72
CA VAL D 167 32.02 -2.75 -2.00
C VAL D 167 31.76 -3.85 -0.99
N ARG D 168 32.76 -4.57 -0.53
CA ARG D 168 32.48 -5.77 0.27
C ARG D 168 33.42 -5.90 1.46
N PHE D 169 32.95 -5.42 2.62
CA PHE D 169 33.75 -5.37 3.87
C PHE D 169 33.84 -6.72 4.57
N GLY D 170 34.89 -6.85 5.38
CA GLY D 170 34.91 -7.83 6.46
C GLY D 170 34.91 -7.03 7.72
N ASN D 171 35.04 -7.71 8.86
CA ASN D 171 34.82 -7.09 10.14
C ASN D 171 35.46 -5.73 10.27
N VAL D 172 34.65 -4.69 10.39
CA VAL D 172 35.17 -3.36 10.62
C VAL D 172 35.47 -3.22 12.12
N MET D 173 36.75 -3.07 12.47
CA MET D 173 37.17 -3.15 13.88
C MET D 173 36.64 -1.99 14.70
N GLY D 174 35.95 -2.35 15.79
CA GLY D 174 35.40 -1.37 16.74
C GLY D 174 34.04 -0.79 16.41
N SER D 175 33.52 -1.11 15.22
CA SER D 175 32.23 -0.59 14.76
C SER D 175 31.07 -0.97 15.69
N ARG D 176 30.06 -0.11 15.70
CA ARG D 176 28.97 -0.19 16.67
C ARG D 176 28.48 -1.61 16.87
N GLY D 177 28.50 -2.08 18.12
CA GLY D 177 27.91 -3.35 18.48
C GLY D 177 28.67 -4.59 18.07
N SER D 178 30.00 -4.50 17.94
CA SER D 178 30.85 -5.62 17.55
C SER D 178 31.72 -6.12 18.73
N VAL D 179 32.56 -7.14 18.48
CA VAL D 179 33.10 -7.95 19.56
C VAL D 179 34.13 -7.22 20.44
N ILE D 180 34.93 -6.32 19.86
CA ILE D 180 35.96 -5.59 20.61
C ILE D 180 35.41 -4.66 21.74
N PRO D 181 34.44 -3.77 21.42
CA PRO D 181 33.82 -2.95 22.50
C PRO D 181 33.00 -3.76 23.50
N LEU D 182 32.50 -4.92 23.09
CA LEU D 182 31.72 -5.81 23.95
C LEU D 182 32.63 -6.42 25.02
N PHE D 183 33.75 -6.98 24.55
CA PHE D 183 34.77 -7.57 25.41
C PHE D 183 35.40 -6.57 26.42
N GLU D 184 35.82 -5.39 25.96
CA GLU D 184 36.21 -4.31 26.88
C GLU D 184 35.14 -4.09 27.98
N ASN D 185 33.89 -3.99 27.55
CA ASN D 185 32.75 -3.69 28.45
C ASN D 185 32.42 -4.84 29.41
N GLN D 186 32.46 -6.05 28.86
CA GLN D 186 32.26 -7.26 29.63
C GLN D 186 33.34 -7.41 30.71
N ILE D 187 34.57 -7.02 30.40
CA ILE D 187 35.63 -7.05 31.41
C ILE D 187 35.41 -5.97 32.48
N LYS D 188 35.12 -4.74 32.05
CA LYS D 188 34.89 -3.62 32.99
C LYS D 188 33.82 -3.87 34.03
N GLU D 189 32.66 -4.33 33.58
CA GLU D 189 31.46 -4.42 34.42
C GLU D 189 31.37 -5.74 35.20
N ASN D 190 31.54 -6.87 34.51
CA ASN D 190 31.31 -8.20 35.08
C ASN D 190 32.59 -9.04 35.35
N GLN D 191 33.68 -8.75 34.64
CA GLN D 191 34.92 -9.56 34.66
C GLN D 191 34.70 -10.99 34.14
N LYS D 192 33.87 -11.09 33.12
CA LYS D 192 33.67 -12.30 32.34
C LYS D 192 33.79 -11.86 30.90
N ILE D 193 34.48 -12.62 30.07
CA ILE D 193 34.32 -12.49 28.63
C ILE D 193 33.32 -13.57 28.23
N THR D 194 32.54 -13.31 27.19
CA THR D 194 31.60 -14.30 26.68
C THR D 194 32.00 -14.71 25.25
N VAL D 195 32.40 -15.97 25.11
CA VAL D 195 33.13 -16.39 23.92
C VAL D 195 32.32 -17.51 23.25
N THR D 196 31.98 -17.32 21.97
CA THR D 196 31.13 -18.25 21.21
C THR D 196 31.88 -19.58 21.01
N ASP D 197 32.84 -19.56 20.08
CA ASP D 197 33.58 -20.73 19.70
C ASP D 197 34.93 -20.19 19.27
N LEU D 198 35.98 -20.54 20.01
CA LEU D 198 37.29 -19.87 19.85
C LEU D 198 38.06 -20.11 18.55
N SER D 199 37.74 -21.17 17.82
CA SER D 199 38.46 -21.48 16.58
C SER D 199 37.93 -20.74 15.34
N MET D 200 36.99 -19.81 15.54
CA MET D 200 36.46 -18.98 14.45
C MET D 200 37.51 -18.01 13.92
N SER D 201 37.51 -17.79 12.62
CA SER D 201 38.47 -16.87 12.00
C SER D 201 37.67 -15.81 11.21
N ARG D 202 38.17 -14.58 11.14
CA ARG D 202 37.48 -13.48 10.46
C ARG D 202 38.48 -12.60 9.70
N PHE D 203 38.12 -12.21 8.47
CA PHE D 203 38.83 -11.13 7.76
C PHE D 203 38.44 -9.83 8.43
N MET D 204 39.42 -9.04 8.88
CA MET D 204 39.12 -7.76 9.57
C MET D 204 39.86 -6.59 8.96
N MET D 205 39.16 -5.47 8.82
CA MET D 205 39.71 -4.23 8.29
C MET D 205 39.49 -3.14 9.34
N THR D 206 40.25 -2.05 9.21
CA THR D 206 40.12 -0.86 10.06
C THR D 206 38.97 0.03 9.56
N LEU D 207 38.61 1.04 10.33
CA LEU D 207 37.59 1.95 9.86
C LEU D 207 38.01 2.67 8.58
N ASN D 208 39.24 3.19 8.54
CA ASN D 208 39.71 3.99 7.35
C ASN D 208 39.99 3.08 6.15
N GLN D 209 40.42 1.85 6.39
CA GLN D 209 40.50 0.86 5.30
C GLN D 209 39.13 0.71 4.58
N ALA D 210 38.07 0.63 5.39
CA ALA D 210 36.70 0.53 4.91
C ALA D 210 36.26 1.85 4.28
N THR D 211 36.39 2.93 5.04
CA THR D 211 36.02 4.26 4.57
C THR D 211 36.64 4.58 3.19
N MET D 212 37.93 4.29 3.05
CA MET D 212 38.67 4.54 1.81
C MET D 212 38.43 3.51 0.72
N LEU D 213 38.00 2.31 1.09
CA LEU D 213 37.54 1.34 0.09
C LEU D 213 36.29 1.89 -0.61
N THR D 214 35.33 2.35 0.19
CA THR D 214 34.06 2.89 -0.30
C THR D 214 34.19 4.20 -1.12
N ILE D 215 34.95 5.17 -0.61
CA ILE D 215 35.27 6.38 -1.39
C ILE D 215 36.02 6.07 -2.74
N GLU D 216 37.10 5.24 -2.71
CA GLU D 216 37.75 4.79 -3.97
C GLU D 216 36.71 4.28 -4.93
N ALA D 217 35.91 3.31 -4.45
CA ALA D 217 34.81 2.75 -5.24
C ALA D 217 33.95 3.87 -5.81
N MET D 218 33.59 4.84 -4.96
CA MET D 218 32.76 5.96 -5.38
C MET D 218 33.35 6.62 -6.60
N LYS D 219 34.64 6.93 -6.54
CA LYS D 219 35.30 7.77 -7.55
C LYS D 219 35.66 7.02 -8.81
N ILE D 220 36.03 5.76 -8.65
CA ILE D 220 36.73 4.96 -9.67
C ILE D 220 35.82 4.00 -10.44
N ALA D 221 34.69 3.60 -9.84
CA ALA D 221 33.83 2.55 -10.41
C ALA D 221 33.21 2.91 -11.75
N LYS D 222 33.20 1.90 -12.64
CA LYS D 222 32.57 1.96 -13.94
C LYS D 222 31.25 1.22 -13.95
N GLY D 223 30.76 0.81 -12.78
CA GLY D 223 29.40 0.26 -12.64
C GLY D 223 29.29 -1.24 -12.84
N GLY D 224 28.54 -1.93 -11.99
CA GLY D 224 28.43 -3.39 -12.01
C GLY D 224 29.58 -4.15 -11.38
N GLU D 225 30.47 -3.43 -10.70
CA GLU D 225 31.71 -3.98 -10.15
C GLU D 225 31.54 -4.29 -8.70
N THR D 226 32.52 -5.01 -8.17
CA THR D 226 32.57 -5.34 -6.75
C THR D 226 34.02 -5.22 -6.23
N PHE D 227 34.32 -4.21 -5.43
CA PHE D 227 35.65 -4.06 -4.84
C PHE D 227 35.73 -4.73 -3.46
N ILE D 228 36.80 -5.47 -3.25
CA ILE D 228 37.10 -6.07 -1.95
C ILE D 228 38.57 -5.84 -1.65
N LEU D 229 38.87 -5.54 -0.40
CA LEU D 229 40.20 -5.13 0.01
C LEU D 229 40.85 -6.39 0.50
N LYS D 230 42.15 -6.59 0.21
CA LYS D 230 42.86 -7.71 0.87
C LYS D 230 43.12 -7.34 2.34
N MET D 231 42.53 -8.16 3.21
CA MET D 231 42.49 -7.90 4.63
C MET D 231 43.20 -9.02 5.37
N PRO D 232 43.77 -8.69 6.52
CA PRO D 232 44.36 -9.72 7.32
C PRO D 232 43.29 -10.56 8.02
N VAL D 233 43.69 -11.80 8.32
CA VAL D 233 42.89 -12.73 9.11
C VAL D 233 43.26 -12.59 10.59
N ILE D 234 42.26 -12.79 11.43
CA ILE D 234 42.39 -12.73 12.87
C ILE D 234 41.71 -13.93 13.49
N SER D 235 42.45 -14.62 14.34
CA SER D 235 41.91 -15.71 15.11
C SER D 235 41.15 -15.09 16.24
N LEU D 236 40.04 -15.70 16.63
CA LEU D 236 39.28 -15.24 17.80
C LEU D 236 39.95 -15.75 19.09
N ASN D 237 40.68 -16.86 19.02
CA ASN D 237 41.58 -17.29 20.11
C ASN D 237 42.46 -16.12 20.53
N ASP D 238 43.19 -15.56 19.57
CA ASP D 238 44.17 -14.50 19.86
C ASP D 238 43.50 -13.25 20.40
N LEU D 239 42.43 -12.83 19.72
CA LEU D 239 41.71 -11.60 20.09
C LEU D 239 41.22 -11.57 21.53
N SER D 240 40.63 -12.68 21.98
CA SER D 240 40.06 -12.77 23.31
C SER D 240 41.19 -12.68 24.32
N GLU D 241 42.25 -13.43 24.09
CA GLU D 241 43.45 -13.35 24.93
C GLU D 241 43.95 -11.91 24.99
N VAL D 242 44.27 -11.36 23.81
CA VAL D 242 44.82 -9.99 23.68
C VAL D 242 43.92 -8.96 24.34
N MET D 243 42.60 -9.17 24.27
CA MET D 243 41.62 -8.20 24.77
C MET D 243 41.61 -8.14 26.28
N ILE D 244 41.82 -9.27 26.95
CA ILE D 244 41.87 -9.32 28.42
C ILE D 244 43.17 -8.68 28.91
N GLU D 245 44.27 -9.16 28.35
CA GLU D 245 45.60 -8.65 28.64
C GLU D 245 45.55 -7.15 28.68
N GLU D 246 45.15 -6.55 27.55
CA GLU D 246 45.15 -5.08 27.41
C GLU D 246 44.10 -4.32 28.21
N VAL D 247 42.87 -4.83 28.30
CA VAL D 247 41.84 -4.13 29.06
C VAL D 247 42.17 -4.19 30.55
N THR D 248 42.63 -5.35 31.02
CA THR D 248 43.05 -5.46 32.42
C THR D 248 44.13 -4.43 32.73
N LYS D 249 45.11 -4.28 31.82
CA LYS D 249 46.22 -3.36 32.10
C LYS D 249 45.64 -1.98 32.35
N LEU D 250 44.93 -1.45 31.34
CA LEU D 250 44.32 -0.12 31.42
C LEU D 250 43.51 0.20 32.69
N TYR D 251 42.89 -0.80 33.34
CA TYR D 251 42.04 -0.56 34.55
C TYR D 251 42.41 -1.27 35.89
N GLY D 252 43.27 -2.30 35.89
CA GLY D 252 43.48 -3.18 37.08
C GLY D 252 43.68 -4.66 36.73
N GLU D 256 43.89 -9.79 35.65
CA GLU D 256 43.73 -10.68 34.49
C GLU D 256 43.26 -12.10 34.85
N ASN D 257 43.03 -12.36 36.15
CA ASN D 257 42.26 -13.54 36.62
C ASN D 257 40.77 -13.21 36.48
N ILE D 258 40.29 -13.38 35.23
CA ILE D 258 38.99 -12.93 34.71
C ILE D 258 38.40 -14.11 33.96
N LYS D 259 37.08 -14.27 34.01
CA LYS D 259 36.43 -15.45 33.42
C LYS D 259 36.19 -15.40 31.93
N ILE D 260 36.23 -16.59 31.33
CA ILE D 260 35.87 -16.83 29.96
C ILE D 260 34.71 -17.85 29.97
N GLU D 261 33.55 -17.43 29.48
CA GLU D 261 32.33 -18.24 29.40
C GLU D 261 32.07 -18.73 27.94
N GLU D 262 32.06 -20.05 27.72
CA GLU D 262 31.80 -20.62 26.40
C GLU D 262 30.29 -20.48 26.18
N ILE D 263 29.93 -19.84 25.07
CA ILE D 263 28.52 -19.61 24.66
C ILE D 263 28.11 -20.58 23.57
N GLY D 264 29.08 -21.15 22.84
CA GLY D 264 28.78 -21.86 21.60
C GLY D 264 28.31 -20.86 20.53
N LEU D 265 28.16 -21.36 19.30
CA LEU D 265 27.64 -20.54 18.20
C LEU D 265 26.31 -19.88 18.50
N LYS D 266 26.14 -18.67 17.98
CA LYS D 266 24.82 -18.08 17.80
C LYS D 266 24.21 -18.61 16.45
N PRO D 267 22.87 -18.62 16.34
CA PRO D 267 22.22 -19.16 15.13
C PRO D 267 22.77 -18.56 13.84
N GLY D 268 23.07 -19.38 12.84
CA GLY D 268 23.54 -18.90 11.53
C GLY D 268 24.95 -18.33 11.44
N GLU D 269 25.70 -18.37 12.55
CA GLU D 269 27.08 -17.91 12.55
C GLU D 269 27.93 -18.86 11.70
N LYS D 270 28.75 -18.27 10.83
CA LYS D 270 29.74 -18.98 9.99
C LYS D 270 31.06 -19.11 10.75
N MET D 271 31.79 -20.18 10.47
CA MET D 271 33.10 -20.43 11.13
C MET D 271 34.22 -19.57 10.63
N TYR D 272 34.15 -19.23 9.36
CA TYR D 272 35.15 -18.44 8.65
C TYR D 272 34.34 -17.53 7.71
N GLU D 273 35.00 -16.62 7.02
CA GLU D 273 34.33 -15.85 5.97
C GLU D 273 35.18 -15.99 4.73
N GLU D 274 34.67 -15.47 3.61
CA GLU D 274 35.30 -15.60 2.32
C GLU D 274 35.08 -14.27 1.60
N LEU D 275 36.07 -13.86 0.80
CA LEU D 275 36.06 -12.62 0.04
C LEU D 275 35.31 -12.80 -1.29
N MET D 276 35.35 -14.03 -1.82
CA MET D 276 34.68 -14.41 -3.08
C MET D 276 34.58 -15.93 -3.23
N THR D 277 33.48 -16.40 -3.82
CA THR D 277 33.36 -17.80 -4.16
C THR D 277 34.46 -18.16 -5.14
N HIS D 278 34.67 -19.46 -5.30
CA HIS D 278 35.64 -19.95 -6.27
C HIS D 278 35.35 -19.37 -7.65
N ASP D 279 34.09 -19.45 -8.08
CA ASP D 279 33.66 -18.94 -9.40
C ASP D 279 34.04 -17.48 -9.66
N GLU D 280 33.84 -16.64 -8.64
CA GLU D 280 34.25 -15.24 -8.70
C GLU D 280 35.76 -15.13 -8.88
N SER D 281 36.50 -16.00 -8.18
CA SER D 281 37.97 -16.04 -8.30
C SER D 281 38.49 -16.34 -9.73
N LEU D 282 37.68 -16.98 -10.57
CA LEU D 282 38.03 -17.28 -11.98
C LEU D 282 37.91 -16.13 -12.97
N GLN D 283 37.22 -15.04 -12.60
CA GLN D 283 37.15 -13.83 -13.46
C GLN D 283 37.41 -12.50 -12.74
N ALA D 284 37.83 -12.56 -11.48
CA ALA D 284 38.22 -11.37 -10.73
C ALA D 284 39.58 -10.79 -11.15
N PHE D 285 39.74 -9.47 -10.96
CA PHE D 285 41.00 -8.76 -11.23
C PHE D 285 41.73 -8.42 -9.93
N GLU D 286 43.06 -8.43 -9.98
CA GLU D 286 43.92 -8.06 -8.87
C GLU D 286 44.61 -6.73 -9.07
N LEU D 287 44.61 -5.92 -8.02
CA LEU D 287 45.50 -4.79 -7.84
C LEU D 287 46.28 -5.13 -6.57
N PRO D 288 47.36 -4.39 -6.29
CA PRO D 288 48.14 -4.60 -5.08
C PRO D 288 47.28 -4.85 -3.84
N ASP D 289 46.41 -3.88 -3.55
CA ASP D 289 45.67 -3.85 -2.30
C ASP D 289 44.19 -4.25 -2.40
N MET D 290 43.76 -4.75 -3.57
CA MET D 290 42.32 -4.87 -3.91
C MET D 290 42.02 -6.03 -4.88
N PHE D 291 40.80 -6.58 -4.83
CA PHE D 291 40.27 -7.41 -5.92
C PHE D 291 39.03 -6.70 -6.47
N ILE D 292 38.86 -6.77 -7.79
CA ILE D 292 37.66 -6.30 -8.47
C ILE D 292 37.00 -7.47 -9.22
N ILE D 293 35.76 -7.78 -8.83
CA ILE D 293 34.91 -8.73 -9.58
C ILE D 293 34.08 -7.90 -10.55
N PRO D 294 34.13 -8.23 -11.86
CA PRO D 294 33.26 -7.55 -12.82
C PRO D 294 31.82 -8.11 -12.80
N SER D 295 30.93 -7.50 -13.57
CA SER D 295 29.54 -7.90 -13.62
C SER D 295 29.35 -9.34 -14.12
N PRO D 296 28.57 -10.16 -13.41
CA PRO D 296 28.22 -11.46 -13.99
C PRO D 296 27.30 -11.43 -15.22
N LEU D 297 26.54 -10.35 -15.45
CA LEU D 297 25.43 -10.42 -16.41
C LEU D 297 25.80 -9.99 -17.83
N ALA D 306 44.46 -5.37 -17.93
CA ALA D 306 44.46 -5.38 -16.47
C ALA D 306 44.60 -6.79 -15.85
N LYS D 307 45.11 -6.80 -14.61
CA LYS D 307 45.74 -7.99 -13.99
C LYS D 307 44.73 -8.98 -13.37
N ARG D 308 44.73 -10.24 -13.83
CA ARG D 308 43.69 -11.19 -13.40
C ARG D 308 44.21 -12.11 -12.30
N ALA D 309 43.35 -12.37 -11.32
CA ALA D 309 43.70 -13.06 -10.06
C ALA D 309 43.94 -14.53 -10.30
N LYS D 310 44.53 -15.19 -9.31
CA LYS D 310 44.62 -16.66 -9.32
C LYS D 310 43.34 -17.26 -8.72
N ALA D 311 42.86 -18.36 -9.30
CA ALA D 311 41.69 -19.10 -8.74
C ALA D 311 41.90 -19.49 -7.27
N GLY D 312 40.88 -20.11 -6.68
CA GLY D 312 41.03 -20.76 -5.39
C GLY D 312 40.09 -20.29 -4.32
N PHE D 313 40.31 -20.82 -3.13
CA PHE D 313 39.40 -20.65 -2.01
C PHE D 313 40.00 -19.63 -1.06
N TYR D 314 39.67 -18.37 -1.34
CA TYR D 314 40.00 -17.20 -0.54
C TYR D 314 39.14 -17.15 0.72
N ARG D 315 39.58 -17.85 1.76
CA ARG D 315 38.88 -17.87 3.04
C ARG D 315 39.81 -17.51 4.16
N SER D 316 39.24 -17.24 5.33
CA SER D 316 39.99 -16.95 6.57
C SER D 316 40.60 -18.23 7.14
N ASP D 317 39.89 -19.33 6.90
CA ASP D 317 40.39 -20.72 6.87
C ASP D 317 41.74 -20.96 6.19
N ASN D 318 41.87 -20.40 4.99
CA ASN D 318 42.83 -20.89 4.00
C ASN D 318 43.94 -19.87 3.76
N GLN D 319 44.22 -19.11 4.81
CA GLN D 319 45.18 -18.00 4.81
C GLN D 319 45.74 -17.78 6.25
N ASN D 320 47.05 -17.58 6.33
CA ASN D 320 47.72 -17.45 7.60
C ASN D 320 47.24 -16.21 8.33
N ALA D 321 46.88 -16.40 9.60
CA ALA D 321 46.48 -15.30 10.44
C ALA D 321 47.67 -14.34 10.70
N ILE D 322 47.39 -13.29 11.47
CA ILE D 322 48.43 -12.45 12.07
C ILE D 322 48.81 -13.05 13.43
N SER D 323 49.89 -12.52 14.00
CA SER D 323 50.36 -12.96 15.30
C SER D 323 49.55 -12.24 16.37
N LYS D 324 49.55 -12.80 17.59
CA LYS D 324 49.05 -12.10 18.80
C LYS D 324 49.54 -10.69 18.89
N GLU D 325 50.82 -10.49 18.57
CA GLU D 325 51.51 -9.23 18.76
C GLU D 325 51.11 -8.18 17.74
N GLU D 326 51.08 -8.55 16.46
CA GLU D 326 50.58 -7.63 15.42
C GLU D 326 49.11 -7.27 15.70
N LEU D 327 48.33 -8.23 16.19
CA LEU D 327 46.93 -8.01 16.54
C LEU D 327 46.78 -6.97 17.65
N ARG D 328 47.43 -7.24 18.79
CA ARG D 328 47.53 -6.27 19.90
C ARG D 328 47.96 -4.88 19.44
N ASN D 329 49.05 -4.81 18.67
CA ASN D 329 49.53 -3.56 18.08
C ASN D 329 48.46 -2.79 17.34
N LEU D 330 47.80 -3.50 16.43
CA LEU D 330 46.59 -3.02 15.72
C LEU D 330 45.52 -2.46 16.69
N ILE D 331 45.10 -3.29 17.64
CA ILE D 331 44.07 -2.86 18.60
C ILE D 331 44.52 -1.59 19.33
N LEU D 332 45.81 -1.51 19.69
CA LEU D 332 46.31 -0.32 20.40
C LEU D 332 46.28 0.98 19.59
N ASN D 333 46.58 0.88 18.33
CA ASN D 333 46.55 1.98 17.45
C ASN D 333 45.20 2.37 17.00
N GLN D 334 44.21 1.94 17.74
CA GLN D 334 42.88 2.39 17.45
C GLN D 334 41.94 2.39 18.63
N GLN D 335 41.23 1.29 18.86
CA GLN D 335 39.99 1.28 19.67
C GLN D 335 39.83 0.70 21.10
N LEU D 336 40.41 1.34 22.09
CA LEU D 336 39.95 1.16 23.47
C LEU D 336 39.36 2.44 24.00
N LEU D 337 38.80 2.37 25.19
CA LEU D 337 38.07 3.48 25.76
C LEU D 337 38.50 3.73 27.20
N MET E 3 1.76 -7.43 42.81
CA MET E 3 0.34 -7.89 42.61
C MET E 3 -0.04 -8.03 41.12
N PHE E 4 -0.14 -6.89 40.42
CA PHE E 4 -1.01 -6.70 39.26
C PHE E 4 -0.58 -7.41 37.99
N PHE E 5 0.74 -7.38 37.76
CA PHE E 5 1.36 -7.91 36.54
C PHE E 5 1.83 -9.35 36.69
N LYS E 6 1.71 -9.92 37.88
CA LYS E 6 2.20 -11.28 38.08
C LYS E 6 1.47 -12.25 37.14
N ASP E 7 2.25 -12.97 36.34
CA ASP E 7 1.73 -13.97 35.39
C ASP E 7 1.00 -13.41 34.15
N LYS E 8 1.21 -12.14 33.84
CA LYS E 8 0.61 -11.55 32.67
C LYS E 8 1.62 -11.40 31.56
N ASN E 9 1.12 -11.11 30.37
CA ASN E 9 1.92 -10.94 29.18
C ASN E 9 1.89 -9.47 28.79
N VAL E 10 3.05 -8.82 28.92
CA VAL E 10 3.19 -7.37 28.67
C VAL E 10 4.02 -7.09 27.41
N LEU E 11 3.59 -6.09 26.65
CA LEU E 11 4.38 -5.51 25.56
C LEU E 11 4.76 -4.13 25.99
N ILE E 12 6.02 -3.75 25.77
CA ILE E 12 6.45 -2.36 25.97
C ILE E 12 6.99 -1.90 24.65
N ILE E 13 6.25 -1.02 24.00
CA ILE E 13 6.60 -0.48 22.70
C ILE E 13 7.44 0.77 22.97
N GLY E 14 8.73 0.73 22.59
CA GLY E 14 9.74 1.74 22.98
C GLY E 14 10.57 1.38 24.21
N GLY E 15 10.81 0.09 24.42
CA GLY E 15 11.42 -0.41 25.65
C GLY E 15 12.90 -0.14 25.83
N THR E 16 13.57 0.28 24.75
CA THR E 16 14.98 0.66 24.79
C THR E 16 15.17 2.12 25.19
N GLY E 17 14.14 2.94 25.03
CA GLY E 17 14.16 4.35 25.43
C GLY E 17 14.24 4.57 26.93
N THR E 18 14.58 5.80 27.32
CA THR E 18 14.68 6.22 28.73
C THR E 18 13.53 5.66 29.58
N ILE E 19 12.30 5.94 29.15
CA ILE E 19 11.10 5.59 29.92
C ILE E 19 10.74 4.11 29.77
N GLY E 20 10.84 3.55 28.57
CA GLY E 20 10.55 2.11 28.36
C GLY E 20 11.35 1.15 29.24
N LYS E 21 12.65 1.43 29.39
CA LYS E 21 13.56 0.63 30.22
C LYS E 21 13.20 0.70 31.69
N SER E 22 12.77 1.88 32.12
CA SER E 22 12.38 2.11 33.49
C SER E 22 11.08 1.34 33.82
N ILE E 23 10.13 1.32 32.89
CA ILE E 23 8.88 0.54 33.02
C ILE E 23 9.14 -0.99 33.03
N LEU E 24 10.10 -1.43 32.21
CA LEU E 24 10.51 -2.83 32.08
C LEU E 24 10.90 -3.45 33.40
N SER E 25 11.84 -2.81 34.07
CA SER E 25 12.42 -3.36 35.29
C SER E 25 11.51 -3.25 36.52
N ASN E 26 10.59 -2.29 36.53
CA ASN E 26 9.58 -2.22 37.59
C ASN E 26 8.55 -3.32 37.38
N VAL E 27 8.07 -3.47 36.15
CA VAL E 27 7.18 -4.58 35.78
C VAL E 27 7.86 -5.94 36.07
N LEU E 28 9.11 -6.11 35.65
CA LEU E 28 9.85 -7.35 35.98
C LEU E 28 9.83 -7.74 37.45
N GLN E 29 9.70 -6.78 38.36
CA GLN E 29 9.61 -7.06 39.82
C GLN E 29 8.28 -7.66 40.25
N GLU E 30 7.24 -7.55 39.41
CA GLU E 30 6.01 -8.28 39.62
C GLU E 30 5.99 -9.68 38.93
N LYS E 31 7.16 -10.16 38.49
CA LYS E 31 7.32 -11.54 37.97
C LYS E 31 6.29 -11.86 36.88
N PRO E 32 6.25 -11.04 35.83
CA PRO E 32 5.26 -11.25 34.80
C PRO E 32 5.67 -12.46 33.97
N LYS E 33 4.69 -13.08 33.32
CA LYS E 33 4.95 -14.27 32.51
C LYS E 33 5.95 -13.96 31.43
N VAL E 34 5.73 -12.83 30.75
CA VAL E 34 6.67 -12.32 29.75
C VAL E 34 6.58 -10.81 29.71
N VAL E 35 7.69 -10.20 29.24
CA VAL E 35 7.70 -8.84 28.70
C VAL E 35 8.41 -8.79 27.34
N ARG E 36 7.78 -8.09 26.39
CA ARG E 36 8.30 -7.98 25.04
C ARG E 36 8.74 -6.56 24.73
N VAL E 37 10.01 -6.39 24.41
CA VAL E 37 10.57 -5.12 24.10
C VAL E 37 10.54 -4.98 22.59
N PHE E 38 9.94 -3.88 22.13
CA PHE E 38 9.70 -3.61 20.72
C PHE E 38 10.39 -2.30 20.41
N SER E 39 11.18 -2.28 19.35
CA SER E 39 11.84 -1.07 18.85
C SER E 39 12.47 -1.40 17.48
N ARG E 40 13.11 -0.43 16.83
CA ARG E 40 13.61 -0.58 15.45
C ARG E 40 15.10 -0.87 15.32
N SER E 41 15.81 -0.50 16.38
CA SER E 41 17.24 -0.28 16.32
C SER E 41 17.84 -1.49 17.03
N GLU E 42 18.58 -2.28 16.26
CA GLU E 42 19.15 -3.56 16.75
C GLU E 42 20.22 -3.31 17.82
N TYR E 43 21.12 -2.35 17.54
CA TYR E 43 22.20 -1.93 18.43
C TYR E 43 21.71 -1.66 19.85
N ASN E 44 20.64 -0.86 19.96
CA ASN E 44 20.04 -0.58 21.25
C ASN E 44 19.40 -1.79 21.93
N GLN E 45 18.85 -2.74 21.15
CA GLN E 45 18.39 -4.05 21.70
C GLN E 45 19.57 -4.94 22.13
N PHE E 46 20.63 -4.88 21.36
CA PHE E 46 21.87 -5.55 21.67
C PHE E 46 22.40 -5.14 23.03
N LEU E 47 22.41 -3.83 23.27
CA LEU E 47 22.88 -3.27 24.52
C LEU E 47 21.93 -3.67 25.63
N LEU E 48 20.65 -3.78 25.29
CA LEU E 48 19.63 -4.17 26.26
C LEU E 48 19.86 -5.63 26.63
N GLN E 49 19.92 -6.50 25.64
CA GLN E 49 20.22 -7.89 25.88
C GLN E 49 21.38 -8.15 26.83
N GLU E 50 22.47 -7.43 26.61
CA GLU E 50 23.70 -7.62 27.40
C GLU E 50 23.52 -7.26 28.85
N GLU E 51 22.88 -6.12 29.06
CA GLU E 51 22.58 -5.62 30.38
C GLU E 51 21.78 -6.64 31.17
N PHE E 52 20.81 -7.29 30.54
CA PHE E 52 19.98 -8.29 31.22
C PHE E 52 20.49 -9.73 31.07
N ARG E 53 21.76 -9.90 30.67
CA ARG E 53 22.50 -11.19 30.63
C ARG E 53 21.85 -12.35 31.39
N ASP E 54 21.69 -12.18 32.71
CA ASP E 54 21.26 -13.24 33.64
C ASP E 54 19.78 -13.13 34.12
N LYS E 55 18.99 -12.24 33.51
CA LYS E 55 17.58 -11.98 33.93
C LYS E 55 16.63 -12.12 32.73
N ASN E 56 17.14 -12.72 31.65
CA ASN E 56 16.62 -12.59 30.30
C ASN E 56 15.66 -13.71 29.83
N ARG E 57 15.59 -14.79 30.59
CA ARG E 57 14.57 -15.83 30.42
C ARG E 57 13.14 -15.28 30.08
N ASN E 58 12.63 -14.35 30.87
CA ASN E 58 11.25 -13.83 30.73
C ASN E 58 11.08 -12.47 29.95
N ILE E 59 12.16 -12.06 29.26
CA ILE E 59 12.17 -10.92 28.32
C ILE E 59 12.41 -11.41 26.87
N ARG E 60 11.71 -10.80 25.90
CA ARG E 60 11.82 -11.12 24.47
C ARG E 60 12.04 -9.84 23.67
N TYR E 61 12.85 -9.89 22.62
CA TYR E 61 13.22 -8.68 21.90
C TYR E 61 12.83 -8.66 20.42
N LEU E 62 11.70 -8.02 20.12
CA LEU E 62 11.22 -7.89 18.74
C LEU E 62 11.78 -6.64 18.14
N ILE E 63 12.36 -6.78 16.95
CA ILE E 63 12.66 -5.66 16.10
C ILE E 63 11.41 -5.36 15.28
N GLY E 64 10.87 -4.15 15.42
CA GLY E 64 9.78 -3.71 14.55
C GLY E 64 9.59 -2.21 14.58
N ASP E 65 8.85 -1.71 13.60
CA ASP E 65 8.57 -0.30 13.47
C ASP E 65 7.08 -0.11 13.64
N ILE E 66 6.68 0.89 14.44
CA ILE E 66 5.24 1.07 14.73
C ILE E 66 4.49 1.69 13.55
N ARG E 67 5.25 2.13 12.55
CA ARG E 67 4.71 2.53 11.26
C ARG E 67 4.15 1.36 10.45
N ASN E 68 4.63 0.16 10.74
CA ASN E 68 4.21 -1.08 10.07
C ASN E 68 3.13 -1.81 10.91
N TYR E 69 1.90 -1.81 10.42
CA TYR E 69 0.79 -2.48 11.13
C TYR E 69 0.99 -4.00 11.45
N ASP E 70 1.32 -4.83 10.45
CA ASP E 70 1.43 -6.32 10.62
C ASP E 70 2.50 -6.76 11.65
N ARG E 71 3.38 -5.84 12.00
CA ARG E 71 4.47 -6.07 12.90
C ARG E 71 4.10 -5.66 14.32
N VAL E 72 3.36 -4.57 14.42
CA VAL E 72 2.69 -4.22 15.64
C VAL E 72 1.73 -5.36 16.04
N PHE E 73 0.89 -5.79 15.09
CA PHE E 73 -0.05 -6.92 15.30
C PHE E 73 0.58 -8.23 15.83
N SER E 74 1.69 -8.65 15.26
CA SER E 74 2.32 -9.92 15.67
C SER E 74 2.88 -9.74 17.05
N ALA E 75 3.58 -8.63 17.25
CA ALA E 75 4.07 -8.25 18.57
C ALA E 75 2.98 -8.20 19.62
N MET E 76 1.74 -7.88 19.24
CA MET E 76 0.62 -7.76 20.18
C MET E 76 -0.19 -9.07 20.41
N GLU E 77 0.30 -10.22 19.91
CA GLU E 77 -0.36 -11.54 20.10
C GLU E 77 -0.38 -11.96 21.56
N ASN E 78 -1.53 -12.52 21.97
CA ASN E 78 -1.84 -13.00 23.34
C ASN E 78 -1.42 -12.06 24.50
N ILE E 79 -1.40 -10.76 24.19
CA ILE E 79 -0.85 -9.80 25.13
C ILE E 79 -1.97 -9.12 25.89
N ASP E 80 -1.69 -8.89 27.17
CA ASP E 80 -2.64 -8.31 28.11
C ASP E 80 -2.52 -6.78 28.18
N TYR E 81 -1.29 -6.28 28.28
CA TYR E 81 -1.03 -4.85 28.51
C TYR E 81 0.02 -4.29 27.53
N VAL E 82 -0.32 -3.16 26.91
CA VAL E 82 0.54 -2.50 25.93
C VAL E 82 0.94 -1.13 26.46
N PHE E 83 2.24 -0.93 26.71
CA PHE E 83 2.79 0.37 27.04
C PHE E 83 3.23 1.02 25.75
N HIS E 84 2.47 2.01 25.28
CA HIS E 84 2.83 2.73 24.07
C HIS E 84 3.65 4.01 24.37
N VAL E 85 4.95 3.81 24.27
CA VAL E 85 6.00 4.74 24.69
C VAL E 85 6.98 5.10 23.55
N ALA E 86 6.89 4.42 22.41
CA ALA E 86 7.55 4.86 21.21
C ALA E 86 6.96 6.20 20.71
N ALA E 87 7.85 7.01 20.09
CA ALA E 87 7.54 8.38 19.58
C ALA E 87 8.79 9.16 19.16
N MET E 88 8.59 10.12 18.28
CA MET E 88 9.60 11.14 18.03
C MET E 88 9.29 12.22 19.06
N LYS E 89 10.24 12.52 19.94
CA LYS E 89 10.03 13.45 21.08
C LYS E 89 10.69 14.87 21.02
N HIS E 90 11.60 15.08 20.06
CA HIS E 90 12.38 16.33 19.95
C HIS E 90 11.60 17.38 19.14
N VAL E 91 11.46 18.57 19.71
CA VAL E 91 10.77 19.68 19.08
C VAL E 91 11.40 19.99 17.71
N SER E 92 12.72 20.12 17.67
CA SER E 92 13.40 20.57 16.46
C SER E 92 13.29 19.55 15.36
N PHE E 93 13.50 18.29 15.70
CA PHE E 93 13.44 17.23 14.69
C PHE E 93 12.06 17.11 14.10
N CYS E 94 11.02 17.32 14.91
CA CYS E 94 9.64 17.30 14.40
C CYS E 94 9.23 18.61 13.66
N GLU E 95 10.13 19.62 13.59
CA GLU E 95 9.93 20.79 12.68
C GLU E 95 10.64 20.60 11.34
N TYR E 96 11.88 20.12 11.40
CA TYR E 96 12.67 19.91 10.18
C TYR E 96 12.15 18.72 9.38
N ASN E 97 11.60 17.74 10.10
CA ASN E 97 11.03 16.53 9.52
C ASN E 97 9.57 16.38 9.98
N PRO E 98 8.69 17.27 9.53
CA PRO E 98 7.36 17.28 10.11
C PRO E 98 6.41 16.14 9.70
N PHE E 99 6.63 15.53 8.53
CA PHE E 99 5.81 14.40 8.12
C PHE E 99 6.30 13.12 8.75
N GLU E 100 7.61 12.99 8.86
CA GLU E 100 8.18 11.91 9.67
C GLU E 100 7.60 11.89 11.08
N ALA E 101 7.40 13.06 11.68
CA ALA E 101 6.79 13.21 13.01
C ALA E 101 5.37 12.66 13.06
N VAL E 102 4.64 12.94 11.98
CA VAL E 102 3.29 12.41 11.74
C VAL E 102 3.24 10.89 11.61
N LEU E 103 4.10 10.30 10.79
CA LEU E 103 4.09 8.83 10.66
C LEU E 103 4.27 8.08 11.97
N THR E 104 5.28 8.47 12.74
CA THR E 104 5.52 7.87 14.05
C THR E 104 4.45 8.22 15.10
N ASN E 105 4.18 9.52 15.32
CA ASN E 105 3.37 9.94 16.47
C ASN E 105 1.87 9.75 16.26
N ILE E 106 1.40 10.08 15.06
CA ILE E 106 -0.03 9.95 14.73
C ILE E 106 -0.34 8.59 14.11
N PHE E 107 0.27 8.29 12.96
CA PHE E 107 -0.03 7.08 12.20
C PHE E 107 0.37 5.84 12.98
N GLY E 108 1.52 5.88 13.64
CA GLY E 108 1.94 4.83 14.57
C GLY E 108 0.98 4.55 15.71
N THR E 109 0.39 5.62 16.20
CA THR E 109 -0.63 5.50 17.21
C THR E 109 -1.88 4.76 16.71
N GLN E 110 -2.39 5.11 15.53
CA GLN E 110 -3.54 4.38 14.96
C GLN E 110 -3.23 2.93 14.79
N ASN E 111 -2.04 2.65 14.27
CA ASN E 111 -1.50 1.29 14.18
C ASN E 111 -1.52 0.57 15.53
N VAL E 112 -1.02 1.21 16.59
CA VAL E 112 -1.08 0.64 17.94
C VAL E 112 -2.51 0.36 18.42
N ILE E 113 -3.38 1.37 18.26
CA ILE E 113 -4.80 1.27 18.63
C ILE E 113 -5.44 0.08 17.96
N LYS E 114 -5.29 0.02 16.65
CA LYS E 114 -5.98 -0.96 15.83
C LYS E 114 -5.50 -2.39 16.09
N ALA E 115 -4.23 -2.59 16.33
CA ALA E 115 -3.74 -3.92 16.66
C ALA E 115 -4.25 -4.33 18.04
N ALA E 116 -4.43 -3.39 18.95
CA ALA E 116 -4.90 -3.69 20.30
C ALA E 116 -6.37 -4.08 20.32
N ILE E 117 -7.17 -3.49 19.44
CA ILE E 117 -8.54 -3.94 19.29
C ILE E 117 -8.58 -5.40 18.75
N ALA E 118 -7.81 -5.68 17.72
CA ALA E 118 -7.88 -6.97 17.04
C ALA E 118 -7.28 -8.06 17.88
N GLN E 119 -6.24 -7.75 18.64
CA GLN E 119 -5.61 -8.77 19.50
C GLN E 119 -6.20 -8.86 20.89
N LYS E 120 -7.41 -8.29 21.08
CA LYS E 120 -8.15 -8.26 22.35
C LYS E 120 -7.22 -8.05 23.54
N VAL E 121 -6.42 -7.00 23.45
CA VAL E 121 -5.56 -6.56 24.52
C VAL E 121 -6.42 -5.97 25.63
N LYS E 122 -6.00 -6.13 26.88
CA LYS E 122 -6.78 -5.62 28.02
C LYS E 122 -6.78 -4.09 28.19
N LYS E 123 -5.59 -3.50 28.26
CA LYS E 123 -5.43 -2.03 28.43
C LYS E 123 -4.25 -1.54 27.63
N VAL E 124 -4.26 -0.25 27.31
CA VAL E 124 -3.21 0.41 26.51
C VAL E 124 -2.95 1.76 27.14
N VAL E 125 -1.69 2.11 27.43
CA VAL E 125 -1.39 3.37 28.07
C VAL E 125 -0.52 4.22 27.16
N PHE E 126 -1.06 5.39 26.78
CA PHE E 126 -0.41 6.30 25.84
C PHE E 126 0.34 7.37 26.60
N THR E 127 1.61 7.48 26.29
CA THR E 127 2.49 8.39 26.94
C THR E 127 2.54 9.70 26.12
N SER E 128 1.78 10.69 26.57
CA SER E 128 1.72 12.01 25.93
C SER E 128 2.63 13.03 26.59
N SER E 129 2.42 14.33 26.30
CA SER E 129 3.22 15.44 26.86
C SER E 129 2.41 16.69 27.17
N ASN E 130 2.94 17.57 28.02
CA ASN E 130 2.28 18.85 28.19
C ASN E 130 2.48 19.77 26.95
N ALA E 131 3.34 19.39 26.01
CA ALA E 131 3.39 20.05 24.69
C ALA E 131 2.07 19.93 23.89
N ALA E 132 1.27 18.92 24.18
CA ALA E 132 -0.05 18.77 23.56
C ALA E 132 -1.00 19.88 23.92
N ILE E 133 -0.74 20.59 25.02
CA ILE E 133 -1.56 21.74 25.42
C ILE E 133 -1.14 23.00 24.65
N SER E 134 -2.12 23.58 23.95
CA SER E 134 -1.96 24.84 23.20
C SER E 134 -0.59 24.90 22.46
N PRO E 135 -0.31 23.90 21.59
CA PRO E 135 1.03 23.71 21.02
C PRO E 135 1.46 24.78 20.01
N THR E 136 2.73 25.14 20.14
CA THR E 136 3.42 26.10 19.29
C THR E 136 4.19 25.39 18.18
N ASN E 137 4.11 24.07 18.15
CA ASN E 137 4.98 23.29 17.29
C ASN E 137 4.36 22.00 16.85
N ASN E 138 4.95 21.46 15.80
CA ASN E 138 4.46 20.29 15.13
C ASN E 138 4.51 19.09 16.02
N TYR E 139 5.56 18.92 16.80
CA TYR E 139 5.58 17.80 17.79
C TYR E 139 4.35 17.78 18.71
N GLY E 140 4.01 18.94 19.28
CA GLY E 140 2.87 19.07 20.18
C GLY E 140 1.53 18.87 19.48
N ALA E 141 1.41 19.48 18.29
CA ALA E 141 0.29 19.18 17.39
C ALA E 141 0.06 17.68 17.23
N THR E 142 1.13 16.88 17.05
CA THR E 142 1.01 15.42 16.88
C THR E 142 0.63 14.64 18.14
N LYS E 143 1.02 15.17 19.28
CA LYS E 143 0.61 14.62 20.56
C LYS E 143 -0.87 14.97 20.85
N LEU E 144 -1.27 16.22 20.65
CA LEU E 144 -2.68 16.60 20.75
C LEU E 144 -3.54 15.75 19.82
N THR E 145 -3.08 15.50 18.59
CA THR E 145 -3.79 14.59 17.66
C THR E 145 -3.83 13.18 18.23
N ALA E 146 -2.69 12.67 18.69
CA ALA E 146 -2.62 11.29 19.24
C ALA E 146 -3.53 11.10 20.44
N GLU E 147 -3.57 12.12 21.29
CA GLU E 147 -4.47 12.13 22.44
C GLU E 147 -5.95 12.06 22.04
N ARG E 148 -6.30 12.75 20.94
CA ARG E 148 -7.65 12.69 20.34
C ARG E 148 -7.95 11.32 19.77
N LEU E 149 -6.95 10.76 19.09
CA LEU E 149 -6.96 9.37 18.60
C LEU E 149 -7.27 8.31 19.71
N ILE E 150 -6.57 8.41 20.85
CA ILE E 150 -6.77 7.53 22.04
C ILE E 150 -8.16 7.70 22.71
N THR E 151 -8.62 8.94 22.84
CA THR E 151 -9.91 9.19 23.45
C THR E 151 -11.00 8.75 22.48
N SER E 152 -10.83 8.98 21.19
CA SER E 152 -11.81 8.46 20.22
C SER E 152 -11.89 6.93 20.27
N ALA E 153 -10.75 6.26 20.21
CA ALA E 153 -10.73 4.81 20.32
C ALA E 153 -11.60 4.28 21.45
N GLU E 154 -11.49 4.85 22.64
CA GLU E 154 -12.31 4.43 23.80
C GLU E 154 -13.81 4.62 23.63
N TYR E 155 -14.18 5.76 23.05
CA TYR E 155 -15.58 6.19 22.89
C TYR E 155 -16.32 5.40 21.83
N SER E 156 -15.60 4.91 20.82
CA SER E 156 -16.21 4.12 19.74
C SER E 156 -15.84 2.63 19.78
N LYS E 157 -15.17 2.18 20.87
CA LYS E 157 -14.85 0.75 21.11
C LYS E 157 -15.87 -0.20 20.52
N GLY E 158 -17.10 -0.03 21.01
CA GLY E 158 -18.22 -0.90 20.73
C GLY E 158 -18.18 -2.04 21.71
N SER E 159 -18.15 -3.25 21.15
CA SER E 159 -17.97 -4.47 21.90
C SER E 159 -16.62 -4.57 22.57
N SER E 160 -15.57 -4.00 22.01
CA SER E 160 -14.21 -4.34 22.45
C SER E 160 -14.10 -4.21 23.94
N GLU E 161 -13.27 -5.05 24.55
CA GLU E 161 -12.99 -4.98 26.00
C GLU E 161 -11.67 -4.28 26.29
N THR E 162 -11.11 -3.66 25.26
CA THR E 162 -9.83 -3.02 25.30
C THR E 162 -10.07 -1.62 25.76
N THR E 163 -9.36 -1.23 26.81
CA THR E 163 -9.46 0.09 27.41
C THR E 163 -8.27 0.92 26.99
N PHE E 164 -8.56 2.18 26.67
CA PHE E 164 -7.57 3.14 26.18
C PHE E 164 -7.38 4.31 27.14
N THR E 165 -6.13 4.65 27.42
CA THR E 165 -5.79 5.67 28.42
C THR E 165 -4.60 6.48 28.00
N SER E 166 -4.54 7.71 28.48
CA SER E 166 -3.35 8.50 28.33
C SER E 166 -2.75 8.93 29.66
N VAL E 167 -1.46 9.26 29.56
CA VAL E 167 -0.64 9.79 30.63
C VAL E 167 0.09 10.99 30.01
N ARG E 168 0.40 12.00 30.83
CA ARG E 168 0.96 13.26 30.29
C ARG E 168 2.19 13.75 31.08
N PHE E 169 3.35 13.75 30.41
CA PHE E 169 4.61 14.10 31.05
C PHE E 169 4.98 15.56 30.84
N GLY E 170 5.90 16.03 31.67
CA GLY E 170 6.79 17.17 31.37
C GLY E 170 8.21 16.62 31.44
N ASN E 171 9.21 17.49 31.44
CA ASN E 171 10.59 17.06 31.24
C ASN E 171 11.01 15.93 32.21
N VAL E 172 11.23 14.74 31.66
CA VAL E 172 11.70 13.60 32.43
C VAL E 172 13.18 13.85 32.55
N MET E 173 13.64 13.99 33.79
CA MET E 173 14.94 14.59 34.06
C MET E 173 16.11 13.69 33.66
N GLY E 174 16.95 14.22 32.77
CA GLY E 174 18.10 13.49 32.24
C GLY E 174 17.80 12.39 31.22
N SER E 175 16.63 12.43 30.60
CA SER E 175 16.30 11.46 29.58
C SER E 175 17.17 11.60 28.31
N ARG E 176 17.03 10.65 27.39
CA ARG E 176 17.83 10.62 26.17
C ARG E 176 17.63 11.92 25.40
N GLY E 177 18.74 12.58 25.07
CA GLY E 177 18.71 13.82 24.31
C GLY E 177 18.36 15.09 25.06
N SER E 178 18.09 15.00 26.38
CA SER E 178 17.61 16.17 27.15
C SER E 178 18.76 17.11 27.46
N VAL E 179 18.42 18.26 28.05
CA VAL E 179 19.38 19.35 28.33
C VAL E 179 20.45 19.02 29.40
N ILE E 180 20.06 18.33 30.48
CA ILE E 180 20.97 18.00 31.59
C ILE E 180 22.21 17.18 31.22
N PRO E 181 22.04 16.07 30.44
CA PRO E 181 23.23 15.37 29.91
C PRO E 181 24.05 16.23 28.95
N LEU E 182 23.39 16.94 28.05
CA LEU E 182 24.06 17.82 27.07
C LEU E 182 24.88 18.94 27.70
N PHE E 183 24.37 19.57 28.76
CA PHE E 183 25.18 20.48 29.56
C PHE E 183 26.37 19.77 30.22
N GLU E 184 26.13 18.63 30.89
CA GLU E 184 27.21 17.85 31.53
C GLU E 184 28.33 17.50 30.55
N ASN E 185 27.94 17.18 29.32
CA ASN E 185 28.89 16.84 28.28
C ASN E 185 29.64 18.08 27.82
N GLN E 186 28.89 19.16 27.55
CA GLN E 186 29.44 20.40 26.97
C GLN E 186 30.45 21.11 27.88
N ILE E 187 30.19 21.08 29.19
CA ILE E 187 31.18 21.47 30.22
C ILE E 187 32.47 20.64 30.09
N LYS E 188 32.45 19.37 30.52
CA LYS E 188 33.63 18.49 30.48
C LYS E 188 34.50 18.70 29.23
N GLU E 189 33.90 18.59 28.05
CA GLU E 189 34.64 18.69 26.77
C GLU E 189 35.00 20.12 26.37
N ASN E 190 33.99 20.96 26.16
CA ASN E 190 34.17 22.25 25.49
C ASN E 190 34.46 23.44 26.40
N GLN E 191 34.14 23.29 27.69
CA GLN E 191 34.12 24.40 28.68
C GLN E 191 33.26 25.59 28.19
N LYS E 192 32.21 25.27 27.44
CA LYS E 192 31.29 26.24 26.87
C LYS E 192 29.90 25.62 26.95
N ILE E 193 28.90 26.39 27.41
CA ILE E 193 27.49 25.91 27.41
C ILE E 193 26.67 26.60 26.30
N THR E 194 25.68 25.86 25.79
CA THR E 194 24.87 26.24 24.65
C THR E 194 23.49 26.44 25.22
N VAL E 195 23.00 27.68 25.14
CA VAL E 195 21.77 28.14 25.80
C VAL E 195 20.79 28.70 24.76
N THR E 196 19.50 28.53 25.02
CA THR E 196 18.47 29.13 24.14
C THR E 196 18.02 30.48 24.70
N ASP E 197 17.36 30.46 25.85
CA ASP E 197 16.86 31.69 26.46
C ASP E 197 16.62 31.40 27.93
N LEU E 198 17.36 32.12 28.77
CA LEU E 198 17.44 31.78 30.18
C LEU E 198 16.16 32.14 30.94
N SER E 199 15.31 32.97 30.32
CA SER E 199 13.97 33.26 30.83
C SER E 199 12.94 32.15 30.59
N MET E 200 13.32 31.07 29.90
CA MET E 200 12.41 29.95 29.64
C MET E 200 12.07 29.22 30.93
N SER E 201 11.01 28.40 30.85
CA SER E 201 10.37 27.77 32.01
C SER E 201 9.88 26.37 31.64
N ARG E 202 9.90 25.42 32.59
CA ARG E 202 9.40 24.05 32.34
C ARG E 202 8.92 23.38 33.60
N PHE E 203 7.75 22.74 33.58
CA PHE E 203 7.46 21.67 34.56
C PHE E 203 8.47 20.55 34.32
N MET E 204 9.04 19.95 35.37
CA MET E 204 9.94 18.79 35.22
C MET E 204 9.59 17.71 36.24
N MET E 205 10.18 16.53 36.06
CA MET E 205 9.81 15.33 36.83
C MET E 205 10.89 14.28 36.73
N THR E 206 10.98 13.45 37.77
CA THR E 206 11.97 12.37 37.83
C THR E 206 11.54 11.19 36.98
N LEU E 207 12.51 10.40 36.56
CA LEU E 207 12.23 9.14 35.89
C LEU E 207 11.19 8.29 36.65
N ASN E 208 11.37 8.06 37.95
CA ASN E 208 10.39 7.28 38.73
C ASN E 208 9.03 7.95 38.77
N GLN E 209 9.01 9.27 38.91
CA GLN E 209 7.74 10.01 38.86
C GLN E 209 7.00 9.66 37.58
N ALA E 210 7.73 9.68 36.46
CA ALA E 210 7.19 9.40 35.12
C ALA E 210 6.82 7.92 34.96
N THR E 211 7.65 7.05 35.52
CA THR E 211 7.41 5.62 35.49
C THR E 211 6.17 5.27 36.35
N MET E 212 6.10 5.76 37.60
CA MET E 212 5.01 5.40 38.51
C MET E 212 3.67 5.89 38.03
N LEU E 213 3.63 7.10 37.51
CA LEU E 213 2.43 7.62 36.85
C LEU E 213 1.87 6.61 35.85
N THR E 214 2.75 6.15 34.97
CA THR E 214 2.39 5.28 33.84
C THR E 214 1.92 3.91 34.24
N ILE E 215 2.58 3.35 35.24
CA ILE E 215 2.27 2.01 35.72
C ILE E 215 0.99 2.05 36.57
N GLU E 216 0.83 3.10 37.38
CA GLU E 216 -0.41 3.35 38.16
C GLU E 216 -1.58 3.50 37.24
N ALA E 217 -1.35 4.17 36.10
CA ALA E 217 -2.36 4.32 35.04
C ALA E 217 -2.86 2.97 34.52
N MET E 218 -1.96 2.08 34.09
CA MET E 218 -2.32 0.68 33.76
C MET E 218 -3.28 0.01 34.77
N LYS E 219 -2.94 0.18 36.05
CA LYS E 219 -3.61 -0.49 37.16
C LYS E 219 -4.99 0.08 37.46
N ILE E 220 -5.09 1.40 37.55
CA ILE E 220 -6.34 2.09 37.91
C ILE E 220 -7.22 2.46 36.67
N ALA E 221 -6.60 2.74 35.51
CA ALA E 221 -7.30 3.25 34.29
C ALA E 221 -8.67 2.67 33.98
N LYS E 222 -9.64 3.57 33.87
CA LYS E 222 -11.03 3.21 33.55
C LYS E 222 -11.28 3.29 32.06
N GLY E 223 -10.74 4.33 31.43
CA GLY E 223 -10.78 4.46 29.99
C GLY E 223 -11.18 5.87 29.60
N GLY E 224 -10.44 6.43 28.63
CA GLY E 224 -10.77 7.71 28.04
C GLY E 224 -10.20 8.88 28.78
N GLU E 225 -9.45 8.61 29.87
CA GLU E 225 -8.91 9.67 30.76
C GLU E 225 -7.45 9.93 30.51
N THR E 226 -7.03 11.09 31.02
CA THR E 226 -5.67 11.58 30.96
C THR E 226 -5.15 11.77 32.40
N PHE E 227 -3.96 11.28 32.70
CA PHE E 227 -3.32 11.55 34.00
C PHE E 227 -2.18 12.58 33.81
N ILE E 228 -2.14 13.57 34.70
CA ILE E 228 -1.11 14.60 34.70
C ILE E 228 -0.58 14.67 36.11
N LEU E 229 0.71 14.41 36.31
CA LEU E 229 1.28 14.48 37.66
C LEU E 229 1.43 15.94 38.09
N LYS E 230 1.24 16.24 39.37
CA LYS E 230 1.52 17.59 39.90
C LYS E 230 3.05 17.73 39.93
N MET E 231 3.56 18.80 39.32
CA MET E 231 4.97 18.87 38.98
C MET E 231 5.59 20.22 39.32
N PRO E 232 6.86 20.21 39.78
CA PRO E 232 7.54 21.47 40.07
C PRO E 232 8.05 22.19 38.81
N VAL E 233 8.00 23.53 38.82
CA VAL E 233 8.54 24.38 37.75
C VAL E 233 10.02 24.59 38.02
N ILE E 234 10.80 24.70 36.94
CA ILE E 234 12.24 24.89 37.01
C ILE E 234 12.60 25.98 36.02
N SER E 235 13.49 26.87 36.48
CA SER E 235 14.01 27.99 35.69
C SER E 235 15.19 27.51 34.82
N LEU E 236 15.30 28.02 33.60
CA LEU E 236 16.45 27.66 32.75
C LEU E 236 17.72 28.41 33.19
N ASN E 237 17.56 29.62 33.76
CA ASN E 237 18.66 30.33 34.42
C ASN E 237 19.16 29.44 35.59
N ASP E 238 18.29 29.18 36.58
CA ASP E 238 18.60 28.35 37.75
C ASP E 238 19.30 27.04 37.41
N LEU E 239 18.77 26.36 36.39
CA LEU E 239 19.33 25.09 35.93
C LEU E 239 20.72 25.28 35.37
N SER E 240 20.94 26.33 34.57
CA SER E 240 22.27 26.53 33.97
C SER E 240 23.31 26.76 35.07
N GLU E 241 23.02 27.67 36.00
CA GLU E 241 23.96 27.97 37.09
C GLU E 241 24.21 26.75 38.01
N VAL E 242 23.13 26.12 38.47
CA VAL E 242 23.21 24.92 39.31
C VAL E 242 24.04 23.82 38.65
N MET E 243 23.93 23.74 37.32
CA MET E 243 24.63 22.74 36.51
C MET E 243 26.11 23.07 36.35
N ILE E 244 26.40 24.31 35.94
CA ILE E 244 27.79 24.74 35.75
C ILE E 244 28.56 24.58 37.06
N GLU E 245 27.91 24.91 38.18
CA GLU E 245 28.50 24.71 39.51
C GLU E 245 28.85 23.26 39.73
N GLU E 246 27.85 22.39 39.64
CA GLU E 246 27.98 21.01 40.14
C GLU E 246 28.83 20.08 39.29
N VAL E 247 28.95 20.36 37.98
CA VAL E 247 29.84 19.59 37.08
C VAL E 247 31.32 19.87 37.41
N THR E 248 31.67 21.13 37.70
CA THR E 248 33.03 21.50 38.16
C THR E 248 33.67 20.49 39.18
N LYS E 249 32.85 19.89 40.03
CA LYS E 249 33.29 18.83 40.93
C LYS E 249 33.21 17.45 40.25
N GLU E 256 35.38 26.44 37.01
CA GLU E 256 34.35 27.48 36.90
C GLU E 256 34.84 28.72 36.09
N ASN E 257 35.32 28.45 34.87
CA ASN E 257 35.58 29.48 33.83
C ASN E 257 34.85 29.12 32.50
N ILE E 258 33.59 28.70 32.64
CA ILE E 258 32.74 28.25 31.52
C ILE E 258 32.18 29.47 30.79
N LYS E 259 32.12 29.42 29.47
CA LYS E 259 31.54 30.51 28.67
C LYS E 259 30.11 30.19 28.18
N ILE E 260 29.10 30.79 28.82
CA ILE E 260 27.69 30.63 28.42
C ILE E 260 27.45 31.32 27.07
N GLU E 261 27.30 30.52 26.01
CA GLU E 261 27.05 31.00 24.65
C GLU E 261 25.55 30.95 24.36
N GLU E 262 25.00 32.05 23.83
CA GLU E 262 23.57 32.15 23.53
C GLU E 262 23.32 31.85 22.03
N ILE E 263 22.72 30.69 21.76
CA ILE E 263 22.43 30.20 20.41
C ILE E 263 21.11 30.70 19.83
N GLY E 264 20.14 31.00 20.70
CA GLY E 264 18.88 31.62 20.28
C GLY E 264 17.65 30.83 20.70
N LEU E 265 17.06 30.06 19.80
CA LEU E 265 15.78 29.40 20.07
C LEU E 265 15.49 28.42 18.96
N LYS E 266 15.40 27.12 19.26
CA LYS E 266 15.21 26.13 18.19
C LYS E 266 13.81 26.28 17.62
N PRO E 267 13.64 26.02 16.29
CA PRO E 267 12.30 26.21 15.66
C PRO E 267 11.12 25.55 16.42
N GLY E 268 10.02 26.29 16.57
CA GLY E 268 8.84 25.81 17.30
C GLY E 268 8.84 25.95 18.82
N GLU E 269 10.02 26.03 19.46
CA GLU E 269 10.13 25.90 20.94
C GLU E 269 9.18 26.81 21.70
N LYS E 270 8.60 26.29 22.78
CA LYS E 270 7.68 27.04 23.60
C LYS E 270 8.38 27.61 24.86
N MET E 271 8.11 28.88 25.19
CA MET E 271 8.78 29.58 26.31
C MET E 271 8.48 28.94 27.66
N TYR E 272 7.26 28.39 27.76
CA TYR E 272 6.68 27.80 28.96
C TYR E 272 5.87 26.57 28.48
N GLU E 273 5.46 25.69 29.40
CA GLU E 273 4.62 24.50 29.06
C GLU E 273 3.55 24.34 30.12
N GLU E 274 2.38 23.86 29.71
CA GLU E 274 1.17 23.89 30.55
C GLU E 274 0.59 22.48 30.80
N LEU E 275 0.26 22.16 32.05
CA LEU E 275 -0.30 20.85 32.46
C LEU E 275 -1.66 20.49 31.83
N MET E 276 -2.46 21.51 31.53
CA MET E 276 -3.80 21.34 30.95
C MET E 276 -4.31 22.69 30.43
N THR E 277 -5.24 22.68 29.47
CA THR E 277 -5.90 23.93 29.05
C THR E 277 -6.82 24.40 30.15
N HIS E 278 -7.13 25.70 30.15
CA HIS E 278 -8.14 26.26 31.05
C HIS E 278 -9.49 25.52 30.90
N ASP E 279 -9.85 25.27 29.65
CA ASP E 279 -11.05 24.53 29.30
C ASP E 279 -11.07 23.10 29.86
N GLU E 280 -9.92 22.45 29.95
CA GLU E 280 -9.80 21.20 30.69
C GLU E 280 -9.90 21.41 32.21
N SER E 281 -9.30 22.45 32.76
CA SER E 281 -9.44 22.74 34.20
C SER E 281 -10.88 22.84 34.67
N LEU E 282 -11.79 23.16 33.75
CA LEU E 282 -13.22 23.23 34.02
C LEU E 282 -13.86 21.86 34.28
N GLN E 283 -13.38 20.81 33.59
CA GLN E 283 -13.89 19.43 33.79
C GLN E 283 -12.95 18.46 34.57
N ALA E 284 -11.81 18.96 35.04
CA ALA E 284 -10.72 18.12 35.56
C ALA E 284 -10.87 17.86 37.04
N PHE E 285 -10.40 16.68 37.49
CA PHE E 285 -10.39 16.34 38.91
C PHE E 285 -8.99 16.44 39.52
N GLU E 286 -8.96 16.55 40.85
CA GLU E 286 -7.73 16.74 41.63
C GLU E 286 -7.55 15.68 42.73
N LEU E 287 -6.59 14.80 42.52
CA LEU E 287 -6.16 13.89 43.58
C LEU E 287 -4.94 14.50 44.32
N PRO E 288 -4.46 13.86 45.41
CA PRO E 288 -3.27 14.36 46.14
C PRO E 288 -2.06 14.74 45.28
N ASP E 289 -1.58 13.79 44.48
CA ASP E 289 -0.32 13.92 43.75
C ASP E 289 -0.44 14.10 42.23
N MET E 290 -1.66 14.27 41.73
CA MET E 290 -1.94 14.09 40.31
C MET E 290 -3.31 14.68 39.95
N PHE E 291 -3.50 15.05 38.69
CA PHE E 291 -4.81 15.49 38.18
C PHE E 291 -5.38 14.38 37.27
N ILE E 292 -6.69 14.25 37.21
CA ILE E 292 -7.33 13.36 36.24
C ILE E 292 -8.33 14.15 35.41
N ILE E 293 -8.21 14.07 34.08
CA ILE E 293 -9.12 14.73 33.11
C ILE E 293 -9.93 13.66 32.35
N PRO E 294 -11.25 13.55 32.64
CA PRO E 294 -12.08 12.54 31.96
C PRO E 294 -12.39 12.89 30.48
N SER E 295 -12.80 11.85 29.75
CA SER E 295 -13.02 11.89 28.30
C SER E 295 -13.97 13.02 27.95
N PRO E 296 -13.62 13.84 26.94
CA PRO E 296 -14.63 14.77 26.46
C PRO E 296 -15.86 14.18 25.75
N LEU E 297 -15.87 12.90 25.35
CA LEU E 297 -16.87 12.36 24.37
C LEU E 297 -18.10 11.65 24.97
N ALA E 306 -14.38 12.00 44.40
CA ALA E 306 -14.31 12.44 43.01
C ALA E 306 -14.13 13.97 42.98
N LYS E 307 -13.00 14.49 43.45
CA LYS E 307 -12.91 15.94 43.83
C LYS E 307 -12.55 16.91 42.71
N ARG E 308 -13.23 18.06 42.69
CA ARG E 308 -13.10 19.03 41.60
C ARG E 308 -11.84 19.82 41.73
N ALA E 309 -11.21 20.07 40.59
CA ALA E 309 -9.95 20.82 40.54
C ALA E 309 -10.29 22.30 40.37
N LYS E 310 -9.36 23.20 40.74
CA LYS E 310 -9.59 24.65 40.58
C LYS E 310 -9.39 25.09 39.13
N ALA E 311 -10.41 25.72 38.55
CA ALA E 311 -10.30 26.30 37.21
C ALA E 311 -9.15 27.34 37.13
N GLY E 312 -8.53 27.45 35.95
CA GLY E 312 -7.39 28.34 35.73
C GLY E 312 -6.37 27.86 34.70
N PHE E 313 -5.36 28.72 34.48
CA PHE E 313 -4.24 28.46 33.56
C PHE E 313 -3.03 27.88 34.31
N TYR E 314 -2.79 26.58 34.15
CA TYR E 314 -1.68 25.90 34.81
C TYR E 314 -0.45 25.97 33.91
N ARG E 315 0.15 27.16 33.86
CA ARG E 315 1.38 27.40 33.12
C ARG E 315 2.57 27.26 34.04
N SER E 316 3.75 27.03 33.45
CA SER E 316 5.03 27.17 34.13
C SER E 316 5.42 28.65 34.39
N ASP E 317 5.03 29.55 33.47
CA ASP E 317 4.91 31.03 33.70
C ASP E 317 4.43 31.43 35.11
N ASN E 318 3.28 30.85 35.48
CA ASN E 318 2.46 31.22 36.65
C ASN E 318 2.94 30.62 37.97
N GLN E 319 3.76 29.57 37.92
CA GLN E 319 4.23 28.87 39.12
C GLN E 319 5.56 29.48 39.60
N ASN E 320 5.63 29.75 40.90
CA ASN E 320 6.89 29.94 41.61
C ASN E 320 7.80 28.78 41.24
N ALA E 321 8.92 29.08 40.58
CA ALA E 321 9.93 28.07 40.31
C ALA E 321 10.60 27.71 41.63
N ILE E 322 10.96 26.45 41.80
CA ILE E 322 11.82 26.08 42.93
C ILE E 322 13.18 26.81 42.85
N SER E 323 13.72 27.13 44.02
CA SER E 323 14.95 27.91 44.19
C SER E 323 16.21 27.10 43.82
N LYS E 324 17.17 27.74 43.13
CA LYS E 324 18.51 27.18 42.90
C LYS E 324 18.98 26.05 43.83
N GLU E 325 18.81 26.26 45.14
CA GLU E 325 19.23 25.31 46.16
C GLU E 325 18.33 24.07 46.21
N GLU E 326 17.02 24.25 46.11
CA GLU E 326 16.08 23.11 46.06
C GLU E 326 16.30 22.25 44.79
N LEU E 327 16.59 22.93 43.68
CA LEU E 327 16.97 22.28 42.40
C LEU E 327 18.26 21.48 42.52
N ARG E 328 19.31 22.11 43.06
CA ARG E 328 20.60 21.45 43.28
C ARG E 328 20.43 20.10 43.96
N ASN E 329 19.67 20.07 45.05
CA ASN E 329 19.46 18.83 45.79
C ASN E 329 18.80 17.75 44.94
N LEU E 330 17.86 18.20 44.09
CA LEU E 330 17.11 17.34 43.17
C LEU E 330 18.00 16.60 42.15
N ILE E 331 18.94 17.33 41.54
CA ILE E 331 19.92 16.73 40.62
C ILE E 331 20.81 15.72 41.34
N LEU E 332 21.43 16.16 42.45
CA LEU E 332 22.39 15.33 43.20
C LEU E 332 21.75 14.12 43.84
N ASN E 333 20.47 14.25 44.22
CA ASN E 333 19.70 13.13 44.78
C ASN E 333 19.40 12.02 43.79
N GLN E 334 18.88 12.38 42.62
CA GLN E 334 18.53 11.40 41.60
C GLN E 334 19.75 10.91 40.79
N GLN E 335 20.91 11.56 40.96
CA GLN E 335 22.22 11.09 40.44
C GLN E 335 22.33 11.10 38.90
N LEU E 336 22.16 12.29 38.34
CA LEU E 336 22.07 12.50 36.90
C LEU E 336 23.44 12.80 36.25
N LEU E 337 24.51 12.37 36.92
CA LEU E 337 25.88 12.66 36.54
C LEU E 337 26.70 11.36 36.49
N THR E 338 27.56 11.25 35.48
CA THR E 338 28.11 9.97 35.02
C THR E 338 29.13 9.35 35.98
N HIS F 2 -8.30 41.18 -16.23
CA HIS F 2 -7.49 40.09 -16.89
C HIS F 2 -5.98 40.34 -16.89
N MET F 3 -5.37 40.46 -15.70
CA MET F 3 -3.90 40.52 -15.59
C MET F 3 -3.27 39.12 -15.37
N PHE F 4 -3.23 38.67 -14.11
CA PHE F 4 -2.28 37.63 -13.65
C PHE F 4 -2.61 36.26 -14.23
N PHE F 5 -3.84 35.79 -14.01
CA PHE F 5 -4.25 34.47 -14.48
C PHE F 5 -4.49 34.35 -16.00
N LYS F 6 -4.45 35.45 -16.78
CA LYS F 6 -4.79 35.40 -18.23
C LYS F 6 -4.01 34.31 -18.95
N ASP F 7 -4.72 33.36 -19.55
CA ASP F 7 -4.10 32.29 -20.32
C ASP F 7 -3.21 31.31 -19.50
N LYS F 8 -3.34 31.31 -18.17
CA LYS F 8 -2.60 30.35 -17.31
C LYS F 8 -3.50 29.16 -17.00
N ASN F 9 -2.95 28.17 -16.29
CA ASN F 9 -3.63 26.88 -16.05
C ASN F 9 -3.74 26.64 -14.55
N VAL F 10 -4.97 26.55 -14.07
CA VAL F 10 -5.29 26.70 -12.66
C VAL F 10 -6.03 25.46 -12.10
N LEU F 11 -5.67 25.06 -10.90
CA LEU F 11 -6.30 23.95 -10.24
C LEU F 11 -6.87 24.48 -8.94
N ILE F 12 -8.18 24.36 -8.78
CA ILE F 12 -8.78 24.61 -7.49
C ILE F 12 -9.14 23.24 -6.95
N ILE F 13 -8.39 22.81 -5.92
CA ILE F 13 -8.64 21.57 -5.21
C ILE F 13 -9.60 21.99 -4.14
N GLY F 14 -10.80 21.41 -4.16
CA GLY F 14 -11.91 21.81 -3.27
C GLY F 14 -12.79 22.90 -3.86
N GLY F 15 -12.86 22.94 -5.19
CA GLY F 15 -13.53 24.02 -5.90
C GLY F 15 -15.05 24.02 -5.87
N THR F 16 -15.66 22.93 -5.41
CA THR F 16 -17.13 22.85 -5.32
C THR F 16 -17.68 23.63 -4.12
N GLY F 17 -16.83 23.79 -3.10
CA GLY F 17 -17.20 24.37 -1.80
C GLY F 17 -17.32 25.87 -1.74
N THR F 18 -17.74 26.38 -0.58
CA THR F 18 -18.04 27.80 -0.37
C THR F 18 -16.94 28.66 -1.05
N ILE F 19 -15.71 28.50 -0.54
CA ILE F 19 -14.58 29.34 -0.92
C ILE F 19 -13.95 28.93 -2.24
N GLY F 20 -13.96 27.64 -2.54
CA GLY F 20 -13.48 27.15 -3.82
C GLY F 20 -14.30 27.65 -5.00
N LYS F 21 -15.61 27.77 -4.78
CA LYS F 21 -16.52 28.27 -5.81
C LYS F 21 -16.27 29.74 -6.05
N SER F 22 -16.02 30.49 -4.97
CA SER F 22 -15.79 31.91 -5.08
C SER F 22 -14.49 32.26 -5.81
N ILE F 23 -13.43 31.53 -5.49
CA ILE F 23 -12.17 31.65 -6.23
C ILE F 23 -12.43 31.32 -7.71
N LEU F 24 -13.17 30.24 -7.96
CA LEU F 24 -13.43 29.81 -9.31
C LEU F 24 -13.98 30.96 -10.13
N SER F 25 -15.03 31.63 -9.65
CA SER F 25 -15.60 32.74 -10.43
C SER F 25 -14.74 34.01 -10.48
N ASN F 26 -13.97 34.29 -9.43
CA ASN F 26 -13.02 35.42 -9.48
C ASN F 26 -11.89 35.17 -10.48
N VAL F 27 -11.23 34.01 -10.37
CA VAL F 27 -10.15 33.63 -11.31
C VAL F 27 -10.62 33.59 -12.75
N LEU F 28 -11.82 33.07 -12.94
CA LEU F 28 -12.42 33.01 -14.27
C LEU F 28 -12.59 34.36 -14.99
N GLN F 29 -12.81 35.45 -14.26
CA GLN F 29 -12.93 36.75 -14.93
C GLN F 29 -11.63 37.10 -15.62
N GLU F 30 -10.52 36.83 -14.96
CA GLU F 30 -9.21 37.07 -15.56
C GLU F 30 -8.84 36.23 -16.79
N LYS F 31 -9.79 35.48 -17.35
CA LYS F 31 -9.67 34.90 -18.70
C LYS F 31 -8.58 33.82 -18.77
N PRO F 32 -8.59 32.84 -17.83
CA PRO F 32 -7.56 31.81 -17.82
C PRO F 32 -7.78 30.79 -18.92
N LYS F 33 -6.72 30.07 -19.29
CA LYS F 33 -6.81 29.06 -20.34
C LYS F 33 -7.63 27.85 -19.89
N VAL F 34 -7.48 27.47 -18.62
CA VAL F 34 -8.33 26.44 -18.00
C VAL F 34 -8.36 26.57 -16.47
N VAL F 35 -9.42 26.07 -15.85
CA VAL F 35 -9.49 25.91 -14.39
C VAL F 35 -10.00 24.50 -14.14
N ARG F 36 -9.21 23.68 -13.48
CA ARG F 36 -9.63 22.33 -13.16
C ARG F 36 -10.21 22.36 -11.75
N VAL F 37 -11.45 21.90 -11.61
CA VAL F 37 -12.17 21.83 -10.33
C VAL F 37 -12.09 20.39 -9.79
N PHE F 38 -11.53 20.20 -8.61
CA PHE F 38 -11.21 18.85 -8.09
C PHE F 38 -11.95 18.63 -6.78
N SER F 39 -12.75 17.56 -6.74
CA SER F 39 -13.67 17.40 -5.63
C SER F 39 -14.20 15.95 -5.63
N ARG F 40 -14.59 15.43 -4.48
CA ARG F 40 -15.01 14.01 -4.39
C ARG F 40 -16.44 13.65 -4.86
N SER F 41 -17.37 14.59 -4.75
CA SER F 41 -18.79 14.24 -4.69
C SER F 41 -19.49 14.68 -5.96
N GLU F 42 -19.99 13.69 -6.69
CA GLU F 42 -20.52 13.93 -8.03
C GLU F 42 -21.78 14.80 -8.00
N TYR F 43 -22.56 14.79 -6.91
CA TYR F 43 -23.78 15.62 -6.82
C TYR F 43 -23.45 17.11 -6.89
N ASN F 44 -22.44 17.49 -6.10
CA ASN F 44 -21.92 18.84 -6.10
C ASN F 44 -21.25 19.24 -7.42
N GLN F 45 -20.48 18.34 -8.03
CA GLN F 45 -19.90 18.67 -9.34
C GLN F 45 -21.04 18.87 -10.35
N PHE F 46 -22.07 18.05 -10.26
CA PHE F 46 -23.21 18.14 -11.15
C PHE F 46 -23.83 19.53 -10.98
N LEU F 47 -24.17 19.88 -9.73
CA LEU F 47 -24.91 21.10 -9.44
C LEU F 47 -24.17 22.34 -9.94
N LEU F 48 -22.88 22.37 -9.65
CA LEU F 48 -21.99 23.46 -10.07
C LEU F 48 -21.79 23.49 -11.56
N GLN F 49 -21.77 22.31 -12.18
CA GLN F 49 -21.58 22.19 -13.63
C GLN F 49 -22.77 22.74 -14.42
N GLU F 50 -23.99 22.55 -13.90
CA GLU F 50 -25.20 23.10 -14.53
C GLU F 50 -25.43 24.58 -14.19
N GLU F 51 -24.67 25.10 -13.23
CA GLU F 51 -24.64 26.53 -12.93
C GLU F 51 -23.79 27.29 -13.96
N PHE F 52 -22.74 26.64 -14.49
CA PHE F 52 -21.79 27.22 -15.46
C PHE F 52 -22.01 26.76 -16.91
N ARG F 53 -23.10 26.01 -17.16
CA ARG F 53 -23.49 25.53 -18.53
C ARG F 53 -23.05 26.36 -19.75
N ASP F 54 -22.98 27.70 -19.59
CA ASP F 54 -22.52 28.60 -20.67
C ASP F 54 -21.14 29.28 -20.42
N LYS F 55 -20.74 29.43 -19.17
CA LYS F 55 -19.42 30.00 -18.81
C LYS F 55 -18.40 28.86 -18.71
N ARG F 57 -17.37 26.48 -20.42
CA ARG F 57 -16.57 26.10 -21.61
C ARG F 57 -15.07 25.93 -21.26
N ASN F 58 -14.69 26.55 -20.16
CA ASN F 58 -13.31 26.82 -19.76
C ASN F 58 -12.82 25.92 -18.60
N ILE F 59 -13.70 25.02 -18.17
CA ILE F 59 -13.63 24.30 -16.89
C ILE F 59 -13.51 22.83 -17.22
N ARG F 60 -12.68 22.11 -16.49
CA ARG F 60 -12.73 20.64 -16.49
C ARG F 60 -13.11 20.24 -15.06
N TYR F 61 -13.94 19.21 -14.93
CA TYR F 61 -14.47 18.79 -13.66
C TYR F 61 -13.88 17.41 -13.36
N LEU F 62 -12.98 17.36 -12.37
CA LEU F 62 -12.25 16.13 -11.97
C LEU F 62 -12.76 15.68 -10.62
N ILE F 63 -13.36 14.50 -10.62
CA ILE F 63 -13.71 13.81 -9.38
C ILE F 63 -12.48 13.08 -8.83
N GLY F 64 -12.21 13.22 -7.54
CA GLY F 64 -11.05 12.61 -6.95
C GLY F 64 -10.85 13.04 -5.51
N ASP F 65 -9.90 12.37 -4.85
CA ASP F 65 -9.71 12.51 -3.42
C ASP F 65 -8.26 12.85 -3.07
N ILE F 66 -8.03 13.97 -2.38
CA ILE F 66 -6.66 14.37 -2.04
C ILE F 66 -5.90 13.31 -1.24
N ARG F 67 -6.63 12.32 -0.72
CA ARG F 67 -6.00 11.16 -0.06
C ARG F 67 -5.26 10.26 -1.08
N ASN F 68 -5.76 10.24 -2.31
CA ASN F 68 -5.14 9.51 -3.40
C ASN F 68 -4.13 10.36 -4.14
N TYR F 69 -2.86 10.20 -3.80
CA TYR F 69 -1.77 10.88 -4.49
C TYR F 69 -1.87 10.82 -6.01
N ASP F 70 -2.05 9.60 -6.54
CA ASP F 70 -2.06 9.40 -8.00
C ASP F 70 -3.07 10.31 -8.72
N ARG F 71 -4.21 10.52 -8.09
CA ARG F 71 -5.24 11.36 -8.62
C ARG F 71 -4.89 12.86 -8.48
N VAL F 72 -4.33 13.21 -7.32
CA VAL F 72 -3.75 14.54 -7.14
C VAL F 72 -2.66 14.81 -8.20
N PHE F 73 -1.79 13.83 -8.45
CA PHE F 73 -0.69 13.99 -9.39
C PHE F 73 -1.19 14.32 -10.82
N SER F 74 -2.14 13.53 -11.31
CA SER F 74 -2.66 13.79 -12.67
C SER F 74 -3.51 15.07 -12.69
N ALA F 75 -4.10 15.41 -11.55
CA ALA F 75 -4.90 16.63 -11.44
C ALA F 75 -4.04 17.86 -11.58
N MET F 76 -2.76 17.72 -11.32
CA MET F 76 -1.77 18.82 -11.40
C MET F 76 -0.99 18.86 -12.71
N GLU F 77 -1.36 18.02 -13.66
CA GLU F 77 -0.60 17.87 -14.91
C GLU F 77 -0.64 19.16 -15.73
N ASN F 78 0.53 19.75 -15.93
CA ASN F 78 0.72 20.98 -16.71
C ASN F 78 0.08 22.25 -16.10
N ILE F 79 -0.25 22.19 -14.82
CA ILE F 79 -0.89 23.31 -14.12
C ILE F 79 0.09 24.35 -13.58
N ASP F 80 -0.24 25.62 -13.75
CA ASP F 80 0.60 26.70 -13.30
C ASP F 80 0.34 26.99 -11.81
N TYR F 81 -0.92 27.12 -11.40
CA TYR F 81 -1.27 27.62 -10.05
C TYR F 81 -2.30 26.71 -9.33
N VAL F 82 -1.91 26.12 -8.19
CA VAL F 82 -2.81 25.28 -7.38
C VAL F 82 -3.48 26.05 -6.23
N PHE F 83 -4.76 25.82 -6.00
CA PHE F 83 -5.43 26.25 -4.78
C PHE F 83 -5.79 25.02 -3.96
N HIS F 84 -5.18 24.86 -2.79
CA HIS F 84 -5.45 23.72 -1.92
C HIS F 84 -6.43 24.19 -0.86
N VAL F 85 -7.72 24.02 -1.20
CA VAL F 85 -8.89 24.47 -0.41
C VAL F 85 -9.67 23.30 0.26
N ALA F 86 -9.40 22.07 -0.19
CA ALA F 86 -10.03 20.87 0.40
C ALA F 86 -9.56 20.60 1.83
N ALA F 87 -10.53 20.33 2.71
CA ALA F 87 -10.26 19.86 4.07
C ALA F 87 -11.53 19.33 4.76
N MET F 88 -11.40 18.76 5.95
CA MET F 88 -12.53 18.66 6.89
C MET F 88 -12.41 19.86 7.78
N LYS F 89 -13.46 20.65 7.84
CA LYS F 89 -13.47 21.97 8.48
C LYS F 89 -14.30 22.15 9.73
N HIS F 90 -15.18 21.19 10.08
CA HIS F 90 -15.96 21.24 11.35
C HIS F 90 -15.07 20.74 12.48
N VAL F 91 -15.21 21.35 13.65
CA VAL F 91 -14.43 20.98 14.82
C VAL F 91 -14.91 19.65 15.39
N SER F 92 -16.23 19.52 15.52
CA SER F 92 -16.84 18.36 16.15
C SER F 92 -16.51 17.12 15.35
N PHE F 93 -16.63 17.22 14.03
CA PHE F 93 -16.37 16.06 13.18
C PHE F 93 -14.93 15.53 13.24
N CYS F 94 -13.97 16.44 13.40
CA CYS F 94 -12.58 16.06 13.61
C CYS F 94 -12.26 15.51 15.03
N GLU F 95 -13.17 15.64 15.99
CA GLU F 95 -12.97 15.04 17.33
C GLU F 95 -13.55 13.64 17.41
N TYR F 96 -14.68 13.46 16.74
CA TYR F 96 -15.36 12.16 16.66
C TYR F 96 -14.84 11.23 15.54
N ASN F 97 -14.32 11.81 14.45
CA ASN F 97 -13.59 11.06 13.41
C ASN F 97 -12.19 11.65 13.27
N PRO F 98 -11.37 11.47 14.32
CA PRO F 98 -10.09 12.16 14.36
C PRO F 98 -9.03 11.64 13.38
N PHE F 99 -8.99 10.34 13.11
CA PHE F 99 -8.06 9.85 12.11
C PHE F 99 -8.49 10.20 10.72
N GLU F 100 -9.79 10.30 10.47
CA GLU F 100 -10.27 10.77 9.14
C GLU F 100 -9.79 12.18 8.78
N ALA F 101 -9.77 13.02 9.82
CA ALA F 101 -9.17 14.37 9.78
C ALA F 101 -7.69 14.39 9.41
N VAL F 102 -6.89 13.54 10.07
CA VAL F 102 -5.47 13.36 9.71
C VAL F 102 -5.38 13.06 8.22
N LEU F 103 -6.12 12.06 7.77
CA LEU F 103 -6.05 11.65 6.36
C LEU F 103 -6.23 12.82 5.39
N THR F 104 -7.37 13.50 5.48
CA THR F 104 -7.67 14.60 4.55
C THR F 104 -6.77 15.81 4.79
N ASN F 105 -6.59 16.21 6.06
CA ASN F 105 -5.94 17.48 6.39
C ASN F 105 -4.44 17.40 6.42
N ILE F 106 -3.88 16.26 6.85
CA ILE F 106 -2.43 16.09 6.93
C ILE F 106 -1.92 15.32 5.73
N PHE F 107 -2.22 14.02 5.66
CA PHE F 107 -1.69 13.13 4.61
C PHE F 107 -2.08 13.67 3.23
N GLY F 108 -3.24 14.30 3.17
CA GLY F 108 -3.70 14.93 1.94
C GLY F 108 -2.93 16.13 1.51
N THR F 109 -2.58 16.96 2.49
CA THR F 109 -1.75 18.11 2.26
C THR F 109 -0.34 17.71 1.77
N GLN F 110 0.26 16.63 2.33
CA GLN F 110 1.51 16.07 1.75
C GLN F 110 1.31 15.79 0.29
N ASN F 111 0.26 15.06 -0.04
CA ASN F 111 0.08 14.63 -1.42
C ASN F 111 0.12 15.86 -2.39
N VAL F 112 -0.56 16.93 -1.99
CA VAL F 112 -0.50 18.21 -2.71
C VAL F 112 0.95 18.68 -2.88
N ILE F 113 1.67 18.78 -1.76
CA ILE F 113 3.06 19.21 -1.79
C ILE F 113 3.94 18.32 -2.68
N LYS F 114 3.84 17.02 -2.49
CA LYS F 114 4.62 16.06 -3.27
C LYS F 114 4.27 16.07 -4.77
N ALA F 115 3.00 16.16 -5.13
CA ALA F 115 2.61 16.19 -6.54
C ALA F 115 2.97 17.50 -7.17
N ALA F 116 2.90 18.60 -6.40
CA ALA F 116 3.16 19.94 -6.94
C ALA F 116 4.64 20.07 -7.32
N ILE F 117 5.48 19.60 -6.40
CA ILE F 117 6.90 19.47 -6.64
C ILE F 117 7.12 18.62 -7.88
N ALA F 118 6.58 17.41 -7.89
CA ALA F 118 6.81 16.51 -9.02
C ALA F 118 6.34 17.09 -10.36
N GLN F 119 5.17 17.72 -10.39
CA GLN F 119 4.61 18.29 -11.65
C GLN F 119 5.05 19.72 -11.99
N LYS F 120 5.93 20.28 -11.15
CA LYS F 120 6.60 21.62 -11.39
C LYS F 120 5.64 22.78 -11.42
N VAL F 121 4.64 22.70 -10.57
CA VAL F 121 3.71 23.76 -10.32
C VAL F 121 4.49 25.03 -9.88
N LYS F 122 3.99 26.20 -10.29
CA LYS F 122 4.66 27.49 -10.01
C LYS F 122 4.45 27.92 -8.58
N LYS F 123 3.19 28.03 -8.18
CA LYS F 123 2.86 28.37 -6.80
C LYS F 123 1.72 27.50 -6.28
N VAL F 124 1.82 27.09 -5.01
CA VAL F 124 0.75 26.43 -4.23
C VAL F 124 0.35 27.38 -3.10
N VAL F 125 -0.95 27.52 -2.86
CA VAL F 125 -1.48 28.33 -1.76
C VAL F 125 -2.41 27.46 -0.89
N PHE F 126 -2.02 27.25 0.37
CA PHE F 126 -2.79 26.50 1.36
C PHE F 126 -3.72 27.42 2.17
N THR F 127 -4.98 26.97 2.29
CA THR F 127 -6.03 27.69 2.98
C THR F 127 -6.04 27.11 4.41
N SER F 128 -5.51 27.85 5.39
CA SER F 128 -5.49 27.47 6.83
C SER F 128 -6.50 28.29 7.67
N SER F 129 -6.52 28.06 8.98
CA SER F 129 -7.41 28.75 9.93
C SER F 129 -6.63 29.34 11.08
N ASN F 130 -7.22 30.33 11.73
CA ASN F 130 -6.67 30.83 13.00
C ASN F 130 -6.87 29.80 14.15
N ALA F 131 -7.64 28.74 13.86
CA ALA F 131 -7.64 27.50 14.64
C ALA F 131 -6.28 26.88 14.89
N ALA F 132 -5.39 26.99 13.90
CA ALA F 132 -4.05 26.42 13.99
C ALA F 132 -3.15 27.10 14.99
N ILE F 133 -3.60 28.23 15.55
CA ILE F 133 -2.88 28.89 16.63
C ILE F 133 -3.40 28.40 17.97
N SER F 134 -2.46 28.04 18.83
CA SER F 134 -2.73 27.59 20.19
C SER F 134 -4.00 26.73 20.29
N PRO F 135 -4.07 25.66 19.47
CA PRO F 135 -5.28 24.86 19.26
C PRO F 135 -5.75 24.02 20.46
N THR F 136 -7.07 23.84 20.55
CA THR F 136 -7.73 23.04 21.58
C THR F 136 -8.39 21.77 21.05
N ASN F 137 -8.22 21.49 19.77
CA ASN F 137 -8.91 20.40 19.07
C ASN F 137 -8.10 19.81 17.93
N ASN F 138 -8.41 18.57 17.60
CA ASN F 138 -7.73 17.87 16.53
C ASN F 138 -7.67 18.66 15.20
N TYR F 139 -8.80 19.25 14.78
CA TYR F 139 -8.81 20.09 13.57
C TYR F 139 -7.69 21.17 13.59
N GLY F 140 -7.60 21.86 14.72
CA GLY F 140 -6.61 22.93 14.89
C GLY F 140 -5.20 22.38 14.79
N ALA F 141 -4.96 21.29 15.50
CA ALA F 141 -3.67 20.59 15.44
C ALA F 141 -3.33 20.09 14.03
N THR F 142 -4.32 19.58 13.30
CA THR F 142 -4.05 19.05 11.96
C THR F 142 -3.62 20.21 11.03
N LYS F 143 -4.28 21.35 11.19
CA LYS F 143 -3.99 22.54 10.40
C LYS F 143 -2.63 23.20 10.78
N LEU F 144 -2.20 23.09 12.04
CA LEU F 144 -0.87 23.48 12.46
C LEU F 144 0.20 22.60 11.86
N THR F 145 -0.07 21.30 11.82
CA THR F 145 0.84 20.32 11.25
C THR F 145 0.96 20.52 9.73
N ALA F 146 -0.19 20.65 9.05
CA ALA F 146 -0.27 21.10 7.64
C ALA F 146 0.50 22.37 7.36
N GLU F 147 0.34 23.35 8.23
CA GLU F 147 1.09 24.60 8.10
C GLU F 147 2.59 24.35 8.13
N ARG F 148 3.03 23.52 9.07
CA ARG F 148 4.44 23.12 9.15
C ARG F 148 4.90 22.29 7.95
N LEU F 149 4.03 21.43 7.43
CA LEU F 149 4.33 20.72 6.18
C LEU F 149 4.62 21.70 5.02
N ILE F 150 3.85 22.79 4.96
CA ILE F 150 4.00 23.82 3.93
C ILE F 150 5.29 24.65 4.14
N THR F 151 5.56 24.96 5.40
CA THR F 151 6.77 25.65 5.82
C THR F 151 8.03 24.84 5.46
N SER F 152 8.04 23.58 5.88
CA SER F 152 9.14 22.65 5.60
C SER F 152 9.35 22.44 4.09
N ALA F 153 8.26 22.29 3.36
CA ALA F 153 8.34 22.09 1.91
C ALA F 153 9.04 23.24 1.21
N GLU F 154 8.85 24.46 1.73
CA GLU F 154 9.51 25.67 1.23
C GLU F 154 10.99 25.74 1.54
N TYR F 155 11.36 25.39 2.77
CA TYR F 155 12.76 25.17 3.16
C TYR F 155 13.47 24.10 2.29
N SER F 156 12.90 22.90 2.23
CA SER F 156 13.53 21.75 1.59
C SER F 156 13.42 21.72 0.08
N LYS F 157 12.57 22.57 -0.53
CA LYS F 157 12.55 22.88 -2.01
C LYS F 157 13.65 22.23 -2.84
N GLY F 158 14.89 22.56 -2.47
CA GLY F 158 16.08 22.18 -3.17
C GLY F 158 16.18 22.88 -4.50
N SER F 159 16.47 22.09 -5.53
CA SER F 159 16.42 22.50 -6.92
C SER F 159 15.04 23.02 -7.42
N SER F 160 13.94 22.63 -6.74
CA SER F 160 12.57 22.99 -7.14
C SER F 160 12.33 24.50 -7.19
N GLU F 161 11.57 24.91 -8.21
CA GLU F 161 11.09 26.29 -8.43
C GLU F 161 9.76 26.55 -7.70
N THR F 162 8.92 25.51 -7.61
CA THR F 162 7.65 25.54 -6.84
C THR F 162 7.73 26.24 -5.48
N THR F 163 6.68 27.04 -5.22
CA THR F 163 6.61 27.98 -4.12
C THR F 163 5.38 27.62 -3.25
N PHE F 164 5.58 27.58 -1.94
CA PHE F 164 4.51 27.16 -1.00
C PHE F 164 4.15 28.26 -0.06
N THR F 165 2.85 28.60 -0.04
CA THR F 165 2.33 29.68 0.79
C THR F 165 1.09 29.24 1.57
N SER F 166 0.93 29.81 2.76
CA SER F 166 -0.23 29.63 3.59
C SER F 166 -1.05 30.92 3.66
N VAL F 167 -2.32 30.75 3.97
CA VAL F 167 -3.28 31.84 4.10
C VAL F 167 -4.14 31.42 5.31
N ARG F 168 -4.44 32.36 6.20
CA ARG F 168 -5.07 32.00 7.48
C ARG F 168 -6.33 32.81 7.73
N PHE F 169 -7.49 32.12 7.74
CA PHE F 169 -8.82 32.75 7.80
C PHE F 169 -9.39 32.66 9.18
N GLY F 170 -10.42 33.47 9.41
CA GLY F 170 -11.36 33.21 10.50
C GLY F 170 -12.71 33.04 9.84
N ASN F 171 -13.76 32.92 10.66
CA ASN F 171 -15.04 32.37 10.21
C ASN F 171 -15.54 33.06 8.94
N VAL F 172 -15.61 32.36 7.82
CA VAL F 172 -16.15 32.95 6.59
C VAL F 172 -17.68 32.92 6.69
N MET F 173 -18.27 34.08 6.93
CA MET F 173 -19.69 34.20 7.30
C MET F 173 -20.59 33.53 6.25
N GLY F 174 -21.44 32.61 6.74
CA GLY F 174 -22.43 31.94 5.93
C GLY F 174 -21.97 30.73 5.16
N SER F 175 -20.76 30.25 5.45
CA SER F 175 -20.20 29.09 4.74
C SER F 175 -20.94 27.75 5.05
N ARG F 176 -20.73 26.75 4.18
CA ARG F 176 -21.36 25.42 4.29
C ARG F 176 -21.19 24.83 5.67
N GLY F 177 -22.30 24.59 6.35
CA GLY F 177 -22.32 23.94 7.66
C GLY F 177 -22.13 24.86 8.85
N SER F 178 -22.24 26.17 8.63
CA SER F 178 -21.97 27.19 9.66
C SER F 178 -23.26 27.77 10.30
N VAL F 179 -23.07 28.48 11.42
CA VAL F 179 -24.16 28.92 12.30
C VAL F 179 -25.22 29.85 11.62
N ILE F 180 -24.76 30.78 10.81
CA ILE F 180 -25.72 31.69 10.19
C ILE F 180 -26.82 30.93 9.38
N PRO F 181 -26.44 29.96 8.52
CA PRO F 181 -27.46 29.10 7.94
C PRO F 181 -28.21 28.27 8.97
N LEU F 182 -27.49 27.73 9.95
CA LEU F 182 -28.12 26.88 10.96
C LEU F 182 -29.29 27.59 11.69
N PHE F 183 -28.96 28.61 12.50
CA PHE F 183 -29.96 29.42 13.18
C PHE F 183 -31.09 29.89 12.28
N GLU F 184 -30.79 30.24 11.03
CA GLU F 184 -31.84 30.65 10.09
C GLU F 184 -32.82 29.51 9.86
N ASN F 185 -32.28 28.36 9.51
CA ASN F 185 -33.13 27.22 9.20
C ASN F 185 -33.66 26.52 10.46
N GLN F 186 -33.06 26.78 11.62
CA GLN F 186 -33.59 26.26 12.88
C GLN F 186 -34.84 27.01 13.32
N ILE F 187 -34.82 28.33 13.21
CA ILE F 187 -36.03 29.17 13.40
C ILE F 187 -37.08 28.72 12.36
N LYS F 188 -36.82 28.92 11.07
CA LYS F 188 -37.76 28.53 9.99
C LYS F 188 -38.58 27.30 10.33
N GLU F 189 -37.87 26.21 10.65
CA GLU F 189 -38.49 24.90 10.95
C GLU F 189 -38.99 24.83 12.40
N ASN F 190 -38.06 24.85 13.36
CA ASN F 190 -38.36 24.41 14.73
C ASN F 190 -38.53 25.52 15.76
N GLN F 191 -38.51 26.78 15.31
CA GLN F 191 -38.57 27.95 16.19
C GLN F 191 -37.65 27.79 17.41
N LYS F 192 -36.50 27.16 17.17
CA LYS F 192 -35.54 26.85 18.22
C LYS F 192 -34.17 27.27 17.72
N ILE F 193 -33.34 27.75 18.63
CA ILE F 193 -31.93 28.04 18.37
C ILE F 193 -31.17 26.98 19.20
N THR F 194 -30.09 26.41 18.65
CA THR F 194 -29.16 25.61 19.44
C THR F 194 -28.02 26.54 19.79
N VAL F 195 -27.83 26.85 21.07
CA VAL F 195 -26.75 27.78 21.50
C VAL F 195 -25.73 26.99 22.32
N THR F 196 -24.45 27.19 22.04
CA THR F 196 -23.39 26.47 22.76
C THR F 196 -22.99 27.19 24.07
N ASP F 197 -22.20 28.27 23.94
CA ASP F 197 -21.83 29.12 25.08
C ASP F 197 -21.82 30.55 24.58
N LEU F 198 -22.82 31.34 24.96
CA LEU F 198 -23.04 32.66 24.37
C LEU F 198 -21.86 33.62 24.53
N SER F 199 -21.02 33.40 25.58
CA SER F 199 -19.82 34.22 25.84
C SER F 199 -18.57 33.87 24.99
N MET F 200 -18.72 33.02 23.99
CA MET F 200 -17.71 32.84 22.94
C MET F 200 -17.55 34.08 22.04
N SER F 201 -16.34 34.26 21.49
CA SER F 201 -16.04 35.31 20.50
C SER F 201 -15.24 34.78 19.28
N ARG F 202 -15.60 35.22 18.07
CA ARG F 202 -14.87 34.82 16.86
C ARG F 202 -14.40 36.01 15.99
N PHE F 203 -13.16 35.96 15.53
CA PHE F 203 -12.79 36.67 14.30
C PHE F 203 -13.65 36.06 13.17
N MET F 204 -14.32 36.91 12.37
CA MET F 204 -15.16 36.47 11.25
C MET F 204 -14.99 37.38 10.05
N MET F 205 -15.20 36.83 8.85
CA MET F 205 -14.93 37.50 7.58
C MET F 205 -15.94 37.13 6.47
N THR F 206 -16.04 37.98 5.44
CA THR F 206 -16.99 37.77 4.35
C THR F 206 -16.41 36.80 3.37
N LEU F 207 -17.27 36.27 2.52
CA LEU F 207 -16.84 35.35 1.50
C LEU F 207 -15.84 36.07 0.61
N ASN F 208 -16.17 37.30 0.21
CA ASN F 208 -15.30 38.06 -0.68
C ASN F 208 -13.95 38.34 -0.04
N GLN F 209 -13.96 38.75 1.22
CA GLN F 209 -12.72 38.98 1.98
C GLN F 209 -11.73 37.79 1.89
N ALA F 210 -12.20 36.59 2.24
CA ALA F 210 -11.36 35.40 2.23
C ALA F 210 -10.91 35.02 0.82
N THR F 211 -11.81 35.22 -0.15
CA THR F 211 -11.52 34.93 -1.54
C THR F 211 -10.41 35.81 -2.06
N MET F 212 -10.53 37.13 -1.86
CA MET F 212 -9.50 38.06 -2.35
C MET F 212 -8.17 37.93 -1.60
N LEU F 213 -8.22 37.58 -0.30
CA LEU F 213 -7.00 37.33 0.48
C LEU F 213 -6.22 36.18 -0.13
N THR F 214 -6.90 35.07 -0.36
CA THR F 214 -6.32 33.93 -1.04
C THR F 214 -5.81 34.23 -2.44
N ILE F 215 -6.53 35.04 -3.22
CA ILE F 215 -6.07 35.42 -4.58
C ILE F 215 -4.86 36.37 -4.54
N GLU F 216 -4.88 37.29 -3.58
CA GLU F 216 -3.77 38.23 -3.40
C GLU F 216 -2.46 37.50 -3.08
N ALA F 217 -2.51 36.54 -2.15
CA ALA F 217 -1.32 35.79 -1.74
C ALA F 217 -0.80 34.98 -2.90
N MET F 218 -1.71 34.39 -3.66
CA MET F 218 -1.33 33.67 -4.87
C MET F 218 -0.57 34.56 -5.84
N LYS F 219 -1.04 35.80 -5.96
CA LYS F 219 -0.43 36.77 -6.85
C LYS F 219 0.96 37.32 -6.46
N ILE F 220 1.25 37.50 -5.17
CA ILE F 220 2.44 38.25 -4.74
C ILE F 220 3.44 37.47 -3.88
N ALA F 221 3.14 36.20 -3.61
CA ALA F 221 3.96 35.42 -2.67
C ALA F 221 5.20 34.81 -3.33
N LYS F 222 6.34 34.91 -2.65
CA LYS F 222 7.59 34.26 -3.07
C LYS F 222 7.91 32.99 -2.27
N GLY F 223 7.03 32.59 -1.36
CA GLY F 223 7.16 31.33 -0.62
C GLY F 223 7.55 31.52 0.83
N GLY F 224 6.97 30.72 1.72
CA GLY F 224 7.32 30.71 3.14
C GLY F 224 6.38 31.50 4.02
N GLU F 225 5.58 32.40 3.43
CA GLU F 225 4.78 33.38 4.20
C GLU F 225 3.46 32.80 4.71
N THR F 226 2.79 33.55 5.57
CA THR F 226 1.46 33.26 6.05
C THR F 226 0.67 34.58 6.09
N PHE F 227 -0.32 34.73 5.22
CA PHE F 227 -1.14 35.93 5.15
C PHE F 227 -2.38 35.82 6.04
N ILE F 228 -2.59 36.85 6.87
CA ILE F 228 -3.80 37.00 7.72
C ILE F 228 -4.45 38.38 7.53
N LEU F 229 -5.68 38.38 7.03
CA LEU F 229 -6.48 39.62 6.94
C LEU F 229 -6.94 39.95 8.36
N LYS F 230 -6.81 41.19 8.79
CA LYS F 230 -7.33 41.57 10.12
C LYS F 230 -8.84 41.82 10.06
N MET F 231 -9.53 41.37 11.10
CA MET F 231 -10.94 41.09 11.00
C MET F 231 -11.79 41.69 12.11
N PRO F 232 -13.07 41.97 11.80
CA PRO F 232 -13.98 42.32 12.88
C PRO F 232 -14.16 41.17 13.89
N VAL F 233 -14.25 41.49 15.19
CA VAL F 233 -14.56 40.49 16.23
C VAL F 233 -16.05 40.50 16.43
N ILE F 234 -16.62 39.31 16.62
CA ILE F 234 -18.07 39.09 16.67
C ILE F 234 -18.39 38.21 17.88
N SER F 235 -19.29 38.72 18.72
CA SER F 235 -19.78 37.97 19.88
C SER F 235 -20.92 37.08 19.42
N LEU F 236 -20.94 35.85 19.94
CA LEU F 236 -22.04 34.91 19.67
C LEU F 236 -23.35 35.33 20.33
N ASN F 237 -23.26 35.98 21.49
CA ASN F 237 -24.44 36.54 22.17
C ASN F 237 -25.20 37.54 21.26
N ASP F 238 -24.47 38.49 20.69
CA ASP F 238 -25.04 39.44 19.72
C ASP F 238 -25.53 38.73 18.48
N LEU F 239 -24.79 37.72 18.01
CA LEU F 239 -25.20 36.96 16.82
C LEU F 239 -26.56 36.28 16.99
N SER F 240 -26.72 35.56 18.10
CA SER F 240 -27.99 34.89 18.47
C SER F 240 -29.18 35.85 18.44
N GLU F 241 -29.04 36.97 19.17
CA GLU F 241 -30.05 38.08 19.19
C GLU F 241 -30.36 38.64 17.78
N VAL F 242 -29.32 39.07 17.08
CA VAL F 242 -29.49 39.68 15.75
C VAL F 242 -30.13 38.67 14.78
N MET F 243 -29.88 37.39 15.03
CA MET F 243 -30.45 36.32 14.20
C MET F 243 -31.94 36.17 14.48
N ILE F 244 -32.30 36.01 15.76
CA ILE F 244 -33.71 35.91 16.17
C ILE F 244 -34.51 37.12 15.70
N GLU F 245 -33.94 38.32 15.90
CA GLU F 245 -34.58 39.54 15.41
C GLU F 245 -34.86 39.48 13.90
N GLU F 246 -33.81 39.48 13.09
CA GLU F 246 -33.95 39.63 11.63
C GLU F 246 -34.54 38.44 10.90
N VAL F 247 -34.38 37.23 11.44
CA VAL F 247 -34.93 36.04 10.77
C VAL F 247 -36.46 35.99 10.94
N THR F 248 -36.96 36.37 12.12
CA THR F 248 -38.40 36.49 12.35
C THR F 248 -39.09 37.33 11.26
N LYS F 249 -38.60 38.55 11.04
CA LYS F 249 -39.07 39.40 9.95
C LYS F 249 -38.76 38.75 8.59
N GLU F 256 -41.64 36.42 17.21
CA GLU F 256 -40.43 36.37 18.04
C GLU F 256 -40.71 35.94 19.50
N ASN F 257 -41.44 34.82 19.66
CA ASN F 257 -41.43 34.03 20.90
C ASN F 257 -40.77 32.70 20.52
N ILE F 258 -39.42 32.75 20.44
CA ILE F 258 -38.55 31.68 19.93
C ILE F 258 -37.65 31.11 21.05
N LYS F 259 -37.66 29.78 21.16
CA LYS F 259 -36.93 29.05 22.19
C LYS F 259 -35.42 29.09 21.96
N ILE F 260 -34.66 29.32 23.04
CA ILE F 260 -33.17 29.30 23.04
C ILE F 260 -32.62 28.17 23.90
N GLU F 261 -32.37 27.03 23.27
CA GLU F 261 -31.82 25.85 23.95
C GLU F 261 -30.31 26.01 24.11
N GLU F 262 -29.81 25.53 25.24
CA GLU F 262 -28.40 25.50 25.54
C GLU F 262 -27.89 24.07 25.35
N ILE F 263 -27.47 23.68 24.14
CA ILE F 263 -26.78 22.37 23.90
C ILE F 263 -25.49 22.26 24.74
N GLY F 264 -24.77 23.38 24.85
CA GLY F 264 -23.52 23.45 25.58
C GLY F 264 -22.38 23.31 24.61
N LEU F 265 -21.16 23.44 25.11
CA LEU F 265 -19.96 23.26 24.30
C LEU F 265 -19.97 21.93 23.49
N LYS F 266 -19.76 22.01 22.18
CA LYS F 266 -19.38 20.82 21.42
C LYS F 266 -17.91 20.51 21.75
N PRO F 267 -17.51 19.23 21.65
CA PRO F 267 -16.17 18.88 22.18
C PRO F 267 -15.01 19.56 21.41
N GLY F 268 -13.99 20.01 22.15
CA GLY F 268 -12.81 20.65 21.55
C GLY F 268 -12.91 22.12 21.20
N GLU F 269 -14.11 22.70 21.36
CA GLU F 269 -14.38 24.09 20.94
C GLU F 269 -13.63 25.06 21.83
N LYS F 270 -13.08 26.09 21.19
CA LYS F 270 -12.26 27.12 21.84
C LYS F 270 -13.10 28.39 22.04
N MET F 271 -12.89 29.08 23.16
CA MET F 271 -13.75 30.20 23.58
C MET F 271 -13.52 31.48 22.80
N TYR F 272 -12.35 31.56 22.18
CA TYR F 272 -11.92 32.69 21.34
C TYR F 272 -10.98 32.09 20.30
N GLU F 273 -10.53 32.90 19.34
CA GLU F 273 -9.56 32.42 18.35
C GLU F 273 -8.40 33.41 18.25
N GLU F 274 -7.35 33.05 17.52
CA GLU F 274 -6.10 33.85 17.51
C GLU F 274 -5.41 33.89 16.12
N LEU F 275 -5.09 35.10 15.66
CA LEU F 275 -4.49 35.34 14.33
C LEU F 275 -3.08 34.79 14.20
N MET F 276 -2.36 34.73 15.32
CA MET F 276 -0.97 34.30 15.32
C MET F 276 -0.53 34.03 16.76
N THR F 277 0.53 33.23 16.91
CA THR F 277 1.17 33.01 18.22
C THR F 277 1.92 34.28 18.68
N HIS F 278 2.30 34.33 19.95
CA HIS F 278 3.15 35.43 20.43
C HIS F 278 4.51 35.48 19.71
N ASP F 279 5.10 34.31 19.46
CA ASP F 279 6.41 34.28 18.79
C ASP F 279 6.29 34.77 17.33
N GLU F 280 5.19 34.42 16.66
CA GLU F 280 4.90 34.95 15.31
C GLU F 280 4.77 36.50 15.28
N SER F 281 4.16 37.08 16.33
CA SER F 281 4.00 38.54 16.37
C SER F 281 5.34 39.24 16.40
N LEU F 282 6.36 38.57 16.94
CA LEU F 282 7.73 39.11 16.98
C LEU F 282 8.35 39.34 15.59
N GLN F 283 8.00 38.53 14.60
CA GLN F 283 8.52 38.75 13.24
C GLN F 283 7.47 39.25 12.24
N ALA F 284 6.25 39.48 12.70
CA ALA F 284 5.16 39.86 11.80
C ALA F 284 5.32 41.25 11.18
N PHE F 285 4.95 41.37 9.91
CA PHE F 285 4.84 42.66 9.23
C PHE F 285 3.37 43.08 9.29
N GLU F 286 3.14 44.38 9.33
CA GLU F 286 1.80 44.96 9.29
C GLU F 286 1.54 45.78 8.03
N LEU F 287 0.39 45.51 7.42
CA LEU F 287 -0.13 46.29 6.30
C LEU F 287 -1.42 46.95 6.79
N PRO F 288 -1.99 47.87 5.99
CA PRO F 288 -3.30 48.43 6.35
C PRO F 288 -4.40 47.40 6.68
N ASP F 289 -4.62 46.42 5.79
CA ASP F 289 -5.71 45.43 5.93
C ASP F 289 -5.34 44.01 6.45
N MET F 290 -4.06 43.77 6.68
CA MET F 290 -3.47 42.42 6.66
C MET F 290 -2.41 42.20 7.75
N PHE F 291 -1.90 40.99 7.87
CA PHE F 291 -0.59 40.76 8.47
C PHE F 291 0.14 39.81 7.54
N ILE F 292 1.46 39.97 7.38
CA ILE F 292 2.28 38.96 6.70
C ILE F 292 3.40 38.47 7.63
N ILE F 293 3.32 37.20 7.98
CA ILE F 293 4.33 36.53 8.77
C ILE F 293 5.24 35.86 7.77
N PRO F 294 6.53 36.24 7.73
CA PRO F 294 7.48 35.60 6.82
C PRO F 294 8.03 34.29 7.40
N SER F 295 8.90 33.64 6.63
CA SER F 295 9.53 32.40 7.10
C SER F 295 10.81 32.71 7.92
N PRO F 296 11.21 31.79 8.81
CA PRO F 296 12.56 31.85 9.38
C PRO F 296 13.67 31.57 8.35
N THR F 301 12.67 40.18 2.88
CA THR F 301 11.68 40.33 1.81
C THR F 301 10.76 41.50 2.05
N GLN F 302 10.60 42.33 1.02
CA GLN F 302 9.93 43.62 1.11
C GLN F 302 8.48 43.61 0.59
N TYR F 303 7.57 44.27 1.32
CA TYR F 303 6.16 44.44 0.91
C TYR F 303 5.71 45.91 0.96
N GLU F 304 5.02 46.34 -0.10
CA GLU F 304 4.64 47.76 -0.34
C GLU F 304 4.06 48.40 0.90
N ASN F 305 4.87 49.28 1.48
CA ASN F 305 4.53 50.07 2.68
C ASN F 305 3.85 49.27 3.81
N ALA F 306 4.70 48.56 4.55
CA ALA F 306 4.32 47.74 5.67
C ALA F 306 5.22 48.13 6.84
N LYS F 307 4.63 48.53 7.97
CA LYS F 307 5.39 48.74 9.19
C LYS F 307 5.65 47.35 9.77
N ARG F 308 6.50 47.25 10.78
CA ARG F 308 6.60 46.04 11.63
C ARG F 308 5.49 46.04 12.66
N ALA F 309 4.97 44.86 12.97
CA ALA F 309 3.80 44.74 13.85
C ALA F 309 4.06 45.24 15.27
N LYS F 310 2.98 45.41 16.03
CA LYS F 310 3.08 45.46 17.47
C LYS F 310 3.12 44.02 17.98
N ALA F 311 4.21 43.63 18.62
CA ALA F 311 4.31 42.33 19.28
C ALA F 311 3.31 42.24 20.44
N GLY F 312 2.94 41.01 20.80
CA GLY F 312 1.94 40.75 21.84
C GLY F 312 0.96 39.69 21.39
N PHE F 313 -0.23 39.70 21.99
CA PHE F 313 -1.28 38.69 21.71
C PHE F 313 -2.33 39.26 20.75
N TYR F 314 -2.96 38.35 20.00
CA TYR F 314 -3.97 38.71 19.01
C TYR F 314 -5.27 37.91 19.20
N ARG F 315 -5.83 37.98 20.41
CA ARG F 315 -7.00 37.18 20.83
C ARG F 315 -8.32 37.93 20.54
N SER F 316 -9.37 37.21 20.13
CA SER F 316 -10.71 37.82 19.96
C SER F 316 -11.31 38.33 21.30
N ASP F 317 -10.91 37.69 22.41
CA ASP F 317 -10.97 38.26 23.77
C ASP F 317 -10.75 39.80 23.78
N ASN F 320 -11.82 44.19 20.84
CA ASN F 320 -13.13 44.13 21.49
C ASN F 320 -14.31 44.20 20.48
N ALA F 321 -15.34 43.36 20.69
CA ALA F 321 -16.35 42.99 19.66
C ALA F 321 -17.09 44.16 18.98
N ILE F 322 -17.51 43.93 17.73
CA ILE F 322 -18.30 44.92 16.98
C ILE F 322 -19.72 45.02 17.57
N SER F 323 -20.39 46.13 17.30
CA SER F 323 -21.69 46.44 17.90
C SER F 323 -22.81 45.56 17.30
N LYS F 324 -23.99 45.65 17.91
CA LYS F 324 -25.14 44.85 17.51
C LYS F 324 -25.79 45.37 16.22
N GLU F 325 -25.80 46.70 16.03
CA GLU F 325 -26.35 47.33 14.82
C GLU F 325 -25.32 47.21 13.68
N GLU F 326 -24.03 47.21 14.01
CA GLU F 326 -22.98 46.87 13.03
C GLU F 326 -23.14 45.46 12.49
N LEU F 327 -23.33 44.52 13.42
CA LEU F 327 -23.46 43.11 13.07
C LEU F 327 -24.73 42.90 12.25
N ARG F 328 -25.80 43.58 12.62
CA ARG F 328 -27.08 43.63 11.87
C ARG F 328 -26.85 43.99 10.42
N ASN F 329 -26.12 45.09 10.24
CA ASN F 329 -25.80 45.57 8.91
C ASN F 329 -24.95 44.58 8.16
N LEU F 330 -23.85 44.18 8.81
CA LEU F 330 -22.94 43.23 8.24
C LEU F 330 -23.71 42.01 7.70
N ILE F 331 -24.62 41.45 8.51
CA ILE F 331 -25.47 40.31 8.06
C ILE F 331 -26.36 40.74 6.89
N LEU F 332 -27.11 41.82 7.07
CA LEU F 332 -28.16 42.19 6.09
C LEU F 332 -27.61 42.59 4.73
N ASN F 333 -26.56 43.43 4.73
CA ASN F 333 -25.88 43.87 3.50
C ASN F 333 -25.15 42.77 2.75
N GLN F 334 -24.85 41.67 3.42
CA GLN F 334 -24.24 40.51 2.78
C GLN F 334 -25.19 39.59 1.99
N GLN F 335 -26.51 39.80 2.09
CA GLN F 335 -27.48 38.84 1.55
C GLN F 335 -27.31 37.42 2.20
N LEU F 336 -26.87 37.38 3.46
CA LEU F 336 -26.70 36.12 4.19
C LEU F 336 -27.98 35.37 4.56
N LEU F 337 -29.14 36.02 4.47
CA LEU F 337 -30.42 35.34 4.69
C LEU F 337 -31.09 35.03 3.34
#